data_7YTX
#
_entry.id   7YTX
#
_cell.length_a   145.640
_cell.length_b   97.570
_cell.length_c   143.810
_cell.angle_alpha   90.00
_cell.angle_beta   104.95
_cell.angle_gamma   90.00
#
_symmetry.space_group_name_H-M   'C 1 2 1'
#
loop_
_entity.id
_entity.type
_entity.pdbx_description
1 polymer 'Toll-like receptor 8'
2 branched alpha-D-mannopyranose-(1-3)-alpha-D-mannopyranose-(1-6)-[alpha-D-mannopyranose-(1-3)]beta-D-mannopyranose-(1-4)-2-acetamido-2-deoxy-beta-D-glucopyranose-(1-4)-2-acetamido-2-deoxy-beta-D-glucopyranose
3 branched 2-acetamido-2-deoxy-beta-D-glucopyranose-(1-4)-2-acetamido-2-deoxy-beta-D-glucopyranose
4 branched alpha-D-mannopyranose-(1-2)-alpha-D-mannopyranose-(1-3)-[alpha-D-mannopyranose-(1-3)-alpha-D-mannopyranose-(1-6)]beta-D-mannopyranose-(1-4)-2-acetamido-2-deoxy-beta-D-glucopyranose-(1-4)-2-acetamido-2-deoxy-beta-D-glucopyranose
5 branched beta-D-mannopyranose-(1-4)-2-acetamido-2-deoxy-beta-D-glucopyranose-(1-4)-2-acetamido-2-deoxy-beta-D-glucopyranose
6 non-polymer (2R,6R)-4-(8-cyanoquinolin-5-yl)-N-[(3S,4R)-4-fluoranylpyrrolidin-3-yl]-6-methyl-morpholine-2-carboxamide
7 non-polymer 2-acetamido-2-deoxy-beta-D-glucopyranose
#
_entity_poly.entity_id   1
_entity_poly.type   'polypeptide(L)'
_entity_poly.pdbx_seq_one_letter_code
;RSPWEENFSRSYPCDEKKQNDSVIAECSNRRLQEVPQTVGKYVTELDLSDNFITHITNESFQGLQNLTKINLNHNPNVQH
QNGNPGIQSNGLNITDGAFLNLKNLRELLLEDNQLPQIPSGLPESLTELSLIQNNIYNITKEGISRLINLKNLYLAWNCY
FNKVCEKTNIEDGVFETLTNLELLSLSFNSLSHVPPKLPSSLRKLFLSNTQIKYISEEDFKGLINLTLLDLSGNCPRCFN
APFPCVPCDGGASINIDRFAFQNLTQLRYLNLSSTSLRKINAAWFKNMPHLKVLDLEFNYLVGEIASGAFLTMLPRLEIL
DLSFNYIKGSYPQHINISRNFSKLLSLRALHLRGYVFQELREDDFQPLMQLPNLSTINLGINFIKQIDFKLFQNFSNLEI
IYLSENRISPLVKDTRQSYANSSSFQRHIRKRRSTDFEFDPHSNFYHFTRPLIKPQCAAYGKALDLSLNSIFFIGPNQFE
NLPDIACLNLSANSNAQVLSGTEFSAIPHVKYLDLTNNRLDFDNASALTELSDLEVLDLSYNSHYFRIAGVTHHLEFIQN
FTNLKVLNLSHNNIYTLTDKYNLESKSLVELVFSGNRLDILWNDDDNRYISIFKGLKNLTRLDLSLNRLKHIPNEAFLNL
PASLTELHINDNMLKFFNWTLLQQFPRLELLDLRGNKLLFLTDSLSDFTSSLRTLLLSHNRISHLPSGFLSEVSSLKHLD
LSSNLLKTINKSALETKTTTKLSMLELHGNPFECTCDIGDFRRWMDEHLNVKIPRLVDVICASPGDQRGKSIVSLELTTC
VSDVTEFLVPR
;
_entity_poly.pdbx_strand_id   A,B
#
# COMPACT_ATOMS: atom_id res chain seq x y z
N ARG A 10 29.48 -14.09 33.76
CA ARG A 10 29.36 -12.95 32.81
C ARG A 10 30.42 -13.09 31.72
N SER A 11 30.00 -13.32 30.47
CA SER A 11 30.90 -13.45 29.33
C SER A 11 30.97 -12.14 28.55
N TYR A 12 32.18 -11.80 28.11
CA TYR A 12 32.34 -10.70 27.16
C TYR A 12 33.27 -11.12 26.04
N PRO A 13 32.94 -10.79 24.77
CA PRO A 13 31.65 -10.20 24.43
C PRO A 13 30.57 -11.21 24.01
N CYS A 14 31.01 -12.47 23.89
CA CYS A 14 30.24 -13.54 23.28
C CYS A 14 29.24 -14.08 24.30
N ASP A 15 27.97 -14.23 23.87
CA ASP A 15 26.96 -14.93 24.64
C ASP A 15 27.25 -16.42 24.51
N GLU A 16 27.44 -17.10 25.65
CA GLU A 16 28.03 -18.43 25.66
C GLU A 16 27.02 -19.45 26.17
N LYS A 17 26.46 -20.21 25.23
CA LYS A 17 25.38 -21.17 25.45
C LYS A 17 25.94 -22.58 25.61
N LYS A 18 25.21 -23.39 26.39
CA LYS A 18 25.36 -24.83 26.43
C LYS A 18 24.50 -25.41 25.32
N GLN A 19 25.09 -26.25 24.45
CA GLN A 19 24.32 -27.06 23.51
C GLN A 19 24.92 -28.45 23.32
N ASN A 20 24.02 -29.44 23.20
CA ASN A 20 24.37 -30.85 23.30
C ASN A 20 25.33 -31.00 24.49
N ASP A 21 26.59 -31.35 24.21
CA ASP A 21 27.60 -31.49 25.25
C ASP A 21 28.88 -30.73 24.90
N SER A 22 28.81 -29.40 25.01
CA SER A 22 29.91 -28.49 24.73
C SER A 22 29.41 -27.05 24.72
N VAL A 23 30.31 -26.10 24.43
CA VAL A 23 29.99 -24.68 24.59
C VAL A 23 30.08 -23.96 23.24
N ILE A 24 28.95 -23.36 22.84
CA ILE A 24 28.91 -22.45 21.71
C ILE A 24 29.38 -21.07 22.18
N ALA A 25 29.88 -20.29 21.24
CA ALA A 25 30.19 -18.89 21.40
C ALA A 25 29.45 -18.10 20.31
N GLU A 26 28.54 -17.20 20.72
CA GLU A 26 27.81 -16.36 19.78
C GLU A 26 28.39 -14.95 19.80
N CYS A 27 29.40 -14.73 18.96
CA CYS A 27 30.08 -13.45 18.89
C CYS A 27 29.66 -12.75 17.60
N SER A 28 28.62 -13.29 16.96
CA SER A 28 28.15 -12.76 15.69
C SER A 28 27.63 -11.33 15.87
N ASN A 29 27.92 -10.48 14.89
CA ASN A 29 27.25 -9.20 14.72
C ASN A 29 27.47 -8.30 15.95
N ARG A 30 28.73 -8.21 16.40
CA ARG A 30 29.09 -7.39 17.55
C ARG A 30 30.00 -6.22 17.14
N ARG A 31 29.94 -5.81 15.87
CA ARG A 31 30.81 -4.76 15.35
C ARG A 31 32.29 -5.09 15.60
N LEU A 32 32.56 -6.33 16.04
CA LEU A 32 33.90 -6.81 16.39
C LEU A 32 34.88 -6.62 15.24
N GLN A 33 36.13 -6.37 15.62
CA GLN A 33 37.20 -5.96 14.71
C GLN A 33 38.31 -7.01 14.75
N GLU A 34 38.42 -7.74 15.86
CA GLU A 34 39.32 -8.89 15.99
C GLU A 34 38.76 -9.89 17.00
N VAL A 35 39.10 -11.18 16.78
CA VAL A 35 38.80 -12.26 17.72
C VAL A 35 39.34 -11.87 19.10
N PRO A 36 38.48 -11.78 20.14
CA PRO A 36 38.94 -11.55 21.50
C PRO A 36 39.60 -12.81 22.05
N GLN A 37 40.63 -12.64 22.88
CA GLN A 37 41.17 -13.77 23.61
C GLN A 37 40.43 -13.86 24.95
N THR A 38 39.17 -13.40 24.93
CA THR A 38 38.31 -13.28 26.10
C THR A 38 37.35 -14.48 26.18
N VAL A 39 37.24 -15.22 25.08
CA VAL A 39 36.40 -16.40 25.01
C VAL A 39 37.11 -17.58 25.67
N GLY A 40 36.33 -18.45 26.34
CA GLY A 40 36.81 -19.48 27.25
C GLY A 40 37.63 -20.58 26.57
N LYS A 41 37.78 -21.73 27.26
CA LYS A 41 38.58 -22.85 26.77
C LYS A 41 37.67 -24.07 26.58
N TYR A 42 36.46 -23.99 27.15
CA TYR A 42 35.45 -25.03 27.06
C TYR A 42 34.78 -25.00 25.69
N VAL A 43 34.80 -23.81 25.06
CA VAL A 43 34.23 -23.51 23.77
C VAL A 43 34.89 -24.40 22.70
N THR A 44 34.03 -25.08 21.92
CA THR A 44 34.37 -25.93 20.80
C THR A 44 33.78 -25.34 19.51
N GLU A 45 32.88 -24.35 19.67
CA GLU A 45 32.22 -23.74 18.54
C GLU A 45 32.26 -22.22 18.70
N LEU A 46 32.63 -21.51 17.61
CA LEU A 46 32.87 -20.08 17.63
C LEU A 46 32.24 -19.41 16.40
N ASP A 47 31.11 -18.70 16.62
CA ASP A 47 30.48 -17.86 15.62
C ASP A 47 31.04 -16.43 15.69
N LEU A 48 31.85 -16.10 14.68
CA LEU A 48 32.41 -14.76 14.55
C LEU A 48 31.86 -14.10 13.28
N SER A 49 30.64 -14.48 12.91
CA SER A 49 30.06 -13.99 11.66
C SER A 49 29.67 -12.53 11.81
N ASP A 50 29.57 -11.85 10.65
CA ASP A 50 28.94 -10.55 10.54
C ASP A 50 29.63 -9.55 11.46
N ASN A 51 30.98 -9.59 11.46
CA ASN A 51 31.82 -8.68 12.23
C ASN A 51 32.71 -7.91 11.25
N PHE A 52 33.70 -7.17 11.75
CA PHE A 52 34.50 -6.29 10.93
C PHE A 52 35.95 -6.75 10.84
N ILE A 53 36.19 -8.03 11.11
CA ILE A 53 37.54 -8.56 11.26
C ILE A 53 38.25 -8.55 9.90
N THR A 54 39.53 -8.14 9.88
CA THR A 54 40.24 -7.89 8.62
C THR A 54 41.48 -8.76 8.46
N HIS A 55 41.88 -9.47 9.53
CA HIS A 55 43.10 -10.28 9.54
C HIS A 55 42.82 -11.58 10.30
N ILE A 56 43.51 -12.66 9.91
CA ILE A 56 43.53 -13.91 10.68
C ILE A 56 44.91 -14.56 10.60
N THR A 57 45.48 -14.90 11.77
CA THR A 57 46.83 -15.43 11.89
C THR A 57 46.87 -16.57 12.92
N ASN A 58 48.07 -17.11 13.14
CA ASN A 58 48.31 -18.18 14.10
C ASN A 58 48.14 -17.68 15.53
N GLU A 59 48.23 -16.35 15.72
CA GLU A 59 47.99 -15.73 17.01
C GLU A 59 46.49 -15.54 17.24
N SER A 60 45.68 -15.68 16.17
CA SER A 60 44.24 -15.46 16.26
C SER A 60 43.55 -16.52 17.12
N PHE A 61 44.00 -17.79 16.98
CA PHE A 61 43.31 -18.96 17.53
C PHE A 61 44.27 -19.91 18.25
N GLN A 62 45.34 -19.35 18.81
CA GLN A 62 46.17 -20.09 19.76
C GLN A 62 45.47 -20.00 21.12
N GLY A 63 45.37 -21.15 21.81
CA GLY A 63 44.70 -21.24 23.10
C GLY A 63 43.60 -22.30 23.12
N LEU A 64 42.95 -22.51 21.96
CA LEU A 64 41.78 -23.38 21.87
C LEU A 64 41.98 -24.41 20.77
N GLN A 65 42.99 -25.30 20.90
CA GLN A 65 43.14 -26.39 19.95
C GLN A 65 41.87 -27.24 19.94
N ASN A 66 40.96 -26.91 20.88
CA ASN A 66 39.74 -27.67 21.18
C ASN A 66 38.58 -27.24 20.28
N LEU A 67 38.77 -26.20 19.47
CA LEU A 67 37.75 -25.73 18.54
C LEU A 67 37.53 -26.75 17.43
N THR A 68 36.25 -26.95 17.08
CA THR A 68 35.83 -27.84 16.01
C THR A 68 35.14 -27.04 14.90
N LYS A 69 34.37 -26.01 15.28
CA LYS A 69 33.66 -25.22 14.29
C LYS A 69 34.02 -23.74 14.42
N ILE A 70 34.25 -23.09 13.27
CA ILE A 70 34.48 -21.65 13.19
C ILE A 70 33.59 -21.07 12.08
N ASN A 71 32.90 -19.95 12.38
CA ASN A 71 31.97 -19.34 11.44
C ASN A 71 32.67 -18.32 10.53
N LEU A 72 32.89 -17.07 11.01
CA LEU A 72 33.71 -16.07 10.32
C LEU A 72 32.98 -15.36 9.19
N ASN A 73 31.92 -15.98 8.65
CA ASN A 73 31.21 -15.49 7.47
C ASN A 73 30.99 -13.98 7.58
N HIS A 74 31.29 -13.27 6.49
CA HIS A 74 30.86 -11.90 6.28
C HIS A 74 31.85 -10.89 6.88
N ASN A 75 33.14 -11.28 6.91
CA ASN A 75 34.16 -10.43 7.51
C ASN A 75 35.19 -10.01 6.48
N PRO A 76 35.51 -8.70 6.35
CA PRO A 76 34.79 -7.62 7.05
C PRO A 76 33.49 -7.21 6.35
N ASN A 77 33.02 -5.99 6.63
CA ASN A 77 31.69 -5.52 6.25
C ASN A 77 31.76 -4.17 5.54
N VAL A 78 30.68 -3.36 5.74
CA VAL A 78 30.40 -2.06 5.13
C VAL A 78 31.42 -1.76 4.02
N ASN A 90 36.85 -4.42 2.72
CA ASN A 90 38.05 -4.79 1.90
C ASN A 90 38.01 -6.29 1.59
N GLY A 91 38.93 -7.05 2.19
CA GLY A 91 38.94 -8.50 2.15
C GLY A 91 39.41 -9.08 3.49
N LEU A 92 39.46 -10.41 3.59
CA LEU A 92 39.94 -11.05 4.81
C LEU A 92 41.29 -11.71 4.59
N ASN A 93 42.22 -11.38 5.48
CA ASN A 93 43.65 -11.58 5.33
C ASN A 93 44.06 -12.78 6.17
N ILE A 94 43.97 -13.98 5.59
CA ILE A 94 44.41 -15.21 6.26
C ILE A 94 45.82 -15.53 5.78
N THR A 95 46.74 -15.71 6.74
CA THR A 95 48.09 -16.19 6.45
C THR A 95 48.10 -17.71 6.24
N ASP A 96 49.26 -18.24 5.84
CA ASP A 96 49.43 -19.64 5.49
C ASP A 96 49.49 -20.51 6.73
N GLY A 97 48.33 -21.03 7.16
CA GLY A 97 48.28 -22.01 8.22
C GLY A 97 47.78 -21.43 9.54
N ALA A 98 47.04 -20.32 9.45
CA ALA A 98 46.43 -19.67 10.61
C ALA A 98 45.55 -20.66 11.38
N PHE A 99 45.29 -21.81 10.73
CA PHE A 99 44.37 -22.81 11.22
C PHE A 99 45.09 -24.13 11.47
N LEU A 100 46.37 -24.21 11.06
CA LEU A 100 47.19 -25.41 11.19
C LEU A 100 47.44 -25.73 12.66
N ASN A 101 47.22 -24.75 13.55
CA ASN A 101 47.23 -24.96 15.01
C ASN A 101 46.03 -25.83 15.39
N LEU A 102 44.86 -25.49 14.83
CA LEU A 102 43.59 -26.07 15.24
C LEU A 102 43.53 -27.52 14.77
N LYS A 103 43.91 -28.40 15.69
CA LYS A 103 44.04 -29.82 15.40
C LYS A 103 42.67 -30.48 15.37
N ASN A 104 41.69 -29.82 16.01
CA ASN A 104 40.37 -30.41 16.24
C ASN A 104 39.30 -29.82 15.32
N LEU A 105 39.71 -29.36 14.14
CA LEU A 105 38.81 -28.64 13.27
C LEU A 105 38.12 -29.61 12.31
N ARG A 106 36.80 -29.72 12.45
CA ARG A 106 35.92 -30.47 11.57
C ARG A 106 35.38 -29.54 10.48
N GLU A 107 34.70 -28.47 10.94
CA GLU A 107 33.97 -27.52 10.12
C GLU A 107 34.78 -26.24 9.96
N LEU A 108 34.41 -25.40 8.97
CA LEU A 108 34.96 -24.05 8.82
C LEU A 108 34.27 -23.32 7.67
N LEU A 109 33.40 -22.37 8.02
CA LEU A 109 32.66 -21.60 7.05
C LEU A 109 33.45 -20.31 6.78
N LEU A 110 33.38 -19.79 5.54
CA LEU A 110 34.18 -18.64 5.12
C LEU A 110 33.57 -17.97 3.89
N GLU A 111 32.29 -17.63 4.00
CA GLU A 111 31.51 -17.20 2.86
C GLU A 111 31.31 -15.70 3.01
N ASP A 112 31.63 -14.98 1.93
CA ASP A 112 31.48 -13.53 1.86
C ASP A 112 32.64 -12.89 2.59
N ASN A 113 33.87 -13.14 2.11
CA ASN A 113 35.06 -12.58 2.74
C ASN A 113 36.00 -11.96 1.70
N GLN A 114 35.54 -11.84 0.44
CA GLN A 114 36.33 -11.32 -0.68
C GLN A 114 37.70 -12.00 -0.75
N LEU A 115 37.68 -13.34 -0.83
CA LEU A 115 38.90 -14.15 -0.77
C LEU A 115 39.47 -14.35 -2.17
N PRO A 116 40.80 -14.13 -2.37
CA PRO A 116 41.40 -14.15 -3.71
C PRO A 116 41.87 -15.50 -4.24
N GLN A 117 42.03 -16.46 -3.31
CA GLN A 117 42.54 -17.81 -3.53
C GLN A 117 41.90 -18.71 -2.48
N ILE A 118 42.21 -20.02 -2.54
CA ILE A 118 41.84 -20.93 -1.46
C ILE A 118 42.94 -20.91 -0.39
N PRO A 119 42.63 -20.45 0.86
CA PRO A 119 43.57 -20.50 1.98
C PRO A 119 44.54 -21.68 2.01
N SER A 120 45.77 -21.38 2.44
CA SER A 120 46.94 -22.18 2.12
C SER A 120 47.69 -22.59 3.39
N GLY A 121 47.02 -23.37 4.26
CA GLY A 121 47.62 -23.98 5.44
C GLY A 121 46.57 -24.57 6.37
N LEU A 122 45.49 -25.10 5.78
CA LEU A 122 44.32 -25.65 6.45
C LEU A 122 44.66 -27.03 7.04
N PRO A 123 44.00 -27.50 8.13
CA PRO A 123 44.24 -28.86 8.64
C PRO A 123 43.43 -29.96 7.95
N GLU A 124 44.00 -31.18 7.92
CA GLU A 124 43.38 -32.35 7.31
C GLU A 124 41.98 -32.60 7.87
N SER A 125 41.83 -32.40 9.19
CA SER A 125 40.68 -32.80 9.98
C SER A 125 39.40 -32.07 9.56
N LEU A 126 39.56 -31.09 8.64
CA LEU A 126 38.46 -30.45 7.93
C LEU A 126 37.66 -31.49 7.16
N THR A 127 36.35 -31.48 7.38
CA THR A 127 35.42 -32.44 6.82
C THR A 127 34.16 -31.72 6.36
N GLU A 128 34.21 -30.37 6.38
CA GLU A 128 33.15 -29.53 5.83
C GLU A 128 33.66 -28.09 5.65
N LEU A 129 33.74 -27.64 4.39
CA LEU A 129 34.37 -26.37 4.06
C LEU A 129 33.52 -25.57 3.07
N SER A 130 33.10 -24.38 3.50
CA SER A 130 32.22 -23.53 2.73
C SER A 130 32.95 -22.23 2.41
N LEU A 131 33.15 -21.95 1.11
CA LEU A 131 33.90 -20.79 0.67
C LEU A 131 33.09 -20.06 -0.41
N ILE A 132 31.79 -19.92 -0.15
CA ILE A 132 30.93 -19.31 -1.15
C ILE A 132 31.06 -17.78 -1.07
N GLN A 133 30.70 -17.11 -2.17
CA GLN A 133 30.77 -15.66 -2.31
C GLN A 133 32.18 -15.15 -1.99
N ASN A 134 33.15 -15.55 -2.81
CA ASN A 134 34.51 -15.06 -2.65
C ASN A 134 35.00 -14.57 -4.00
N ASN A 135 36.32 -14.63 -4.24
CA ASN A 135 36.90 -14.17 -5.50
C ASN A 135 37.97 -15.13 -5.96
N ILE A 136 37.68 -16.42 -5.75
CA ILE A 136 38.54 -17.52 -6.13
C ILE A 136 38.12 -17.97 -7.53
N TYR A 137 38.95 -17.65 -8.51
CA TYR A 137 38.62 -17.98 -9.89
C TYR A 137 39.26 -19.31 -10.26
N ASN A 138 40.22 -19.76 -9.45
CA ASN A 138 40.94 -20.99 -9.73
C ASN A 138 40.92 -21.92 -8.51
N ILE A 139 40.95 -23.24 -8.79
CA ILE A 139 40.95 -24.30 -7.79
C ILE A 139 42.24 -25.10 -7.93
N THR A 140 43.16 -24.96 -6.97
CA THR A 140 44.46 -25.60 -7.01
C THR A 140 44.53 -26.76 -6.02
N LYS A 141 45.34 -27.77 -6.35
CA LYS A 141 45.64 -28.93 -5.51
C LYS A 141 46.45 -28.50 -4.29
N GLU A 142 47.19 -27.40 -4.42
CA GLU A 142 47.83 -26.75 -3.28
C GLU A 142 46.76 -25.98 -2.52
N GLY A 143 46.19 -26.64 -1.50
CA GLY A 143 45.14 -26.04 -0.69
C GLY A 143 44.05 -27.02 -0.27
N ILE A 144 43.64 -27.90 -1.20
CA ILE A 144 42.48 -28.76 -0.98
C ILE A 144 42.84 -30.24 -1.12
N SER A 145 43.68 -30.58 -2.11
CA SER A 145 43.85 -31.99 -2.47
C SER A 145 44.52 -32.77 -1.33
N ARG A 146 45.30 -32.06 -0.50
CA ARG A 146 45.96 -32.66 0.66
C ARG A 146 44.98 -32.74 1.84
N LEU A 147 43.74 -32.30 1.62
CA LEU A 147 42.66 -32.36 2.61
C LEU A 147 41.76 -33.58 2.34
N ILE A 148 42.32 -34.79 2.54
CA ILE A 148 41.69 -36.04 2.14
C ILE A 148 40.33 -36.22 2.83
N ASN A 149 40.21 -35.67 4.05
CA ASN A 149 39.13 -35.93 4.99
C ASN A 149 37.85 -35.15 4.67
N LEU A 150 37.92 -34.16 3.77
CA LEU A 150 36.76 -33.32 3.49
C LEU A 150 35.58 -34.22 3.16
N LYS A 151 34.38 -33.73 3.46
CA LYS A 151 33.13 -34.44 3.19
C LYS A 151 32.16 -33.53 2.43
N ASN A 152 32.10 -32.26 2.82
CA ASN A 152 31.24 -31.28 2.19
C ASN A 152 32.09 -30.10 1.71
N LEU A 153 31.69 -29.52 0.57
CA LEU A 153 32.46 -28.49 -0.11
C LEU A 153 31.50 -27.69 -0.98
N TYR A 154 31.38 -26.39 -0.65
CA TYR A 154 30.48 -25.43 -1.28
C TYR A 154 31.32 -24.32 -1.92
N LEU A 155 31.13 -24.10 -3.23
CA LEU A 155 32.04 -23.23 -3.96
C LEU A 155 31.27 -22.25 -4.84
N ALA A 156 29.98 -22.07 -4.52
CA ALA A 156 29.05 -21.27 -5.29
C ALA A 156 29.39 -19.78 -5.21
N TRP A 157 29.13 -19.06 -6.32
CA TRP A 157 29.38 -17.63 -6.48
C TRP A 157 30.85 -17.29 -6.24
N ASN A 158 31.70 -17.61 -7.21
CA ASN A 158 33.13 -17.28 -7.11
C ASN A 158 33.62 -16.70 -8.42
N CYS A 159 33.41 -17.40 -9.53
CA CYS A 159 33.56 -16.81 -10.84
C CYS A 159 32.16 -16.50 -11.38
N TYR A 160 31.47 -15.60 -10.68
CA TYR A 160 30.08 -15.30 -11.01
C TYR A 160 29.97 -13.89 -11.59
N PHE A 161 30.50 -13.72 -12.81
CA PHE A 161 30.37 -12.50 -13.59
C PHE A 161 31.23 -11.40 -12.98
N ASN A 162 32.55 -11.56 -13.12
CA ASN A 162 33.52 -10.64 -12.56
C ASN A 162 34.00 -9.65 -13.62
N LYS A 163 33.94 -10.06 -14.89
CA LYS A 163 34.60 -9.41 -16.01
C LYS A 163 36.12 -9.54 -15.86
N VAL A 164 36.55 -10.11 -14.73
CA VAL A 164 37.93 -10.52 -14.50
C VAL A 164 38.08 -11.92 -15.06
N CYS A 165 37.09 -12.79 -14.76
CA CYS A 165 37.17 -14.21 -15.06
C CYS A 165 36.09 -14.61 -16.06
N GLU A 166 36.53 -15.26 -17.14
CA GLU A 166 35.65 -15.96 -18.06
C GLU A 166 35.34 -17.33 -17.47
N LYS A 167 36.37 -17.94 -16.86
CA LYS A 167 36.39 -19.35 -16.49
C LYS A 167 36.66 -19.49 -14.99
N THR A 168 36.00 -20.47 -14.36
CA THR A 168 36.40 -20.98 -13.06
C THR A 168 37.42 -22.07 -13.28
N ASN A 169 38.69 -21.67 -13.44
CA ASN A 169 39.78 -22.59 -13.69
C ASN A 169 39.83 -23.64 -12.58
N ILE A 170 39.60 -24.90 -12.99
CA ILE A 170 39.71 -26.05 -12.11
C ILE A 170 40.90 -26.87 -12.60
N GLU A 171 41.92 -27.00 -11.75
CA GLU A 171 42.95 -28.00 -12.01
C GLU A 171 42.27 -29.34 -12.29
N ASP A 172 42.56 -29.89 -13.47
CA ASP A 172 42.16 -31.21 -13.93
C ASP A 172 42.28 -32.22 -12.78
N GLY A 173 41.12 -32.64 -12.24
CA GLY A 173 41.07 -33.71 -11.24
C GLY A 173 41.68 -33.30 -9.91
N VAL A 174 41.45 -32.04 -9.55
CA VAL A 174 41.86 -31.49 -8.27
C VAL A 174 41.10 -32.23 -7.16
N PHE A 175 39.97 -32.83 -7.55
CA PHE A 175 39.01 -33.45 -6.65
C PHE A 175 39.21 -34.96 -6.59
N GLU A 176 40.32 -35.45 -7.15
CA GLU A 176 40.46 -36.88 -7.38
C GLU A 176 40.76 -37.59 -6.05
N THR A 177 41.70 -37.04 -5.26
CA THR A 177 42.07 -37.62 -3.98
C THR A 177 41.35 -36.90 -2.83
N LEU A 178 40.07 -36.55 -3.05
CA LEU A 178 39.14 -36.14 -2.02
C LEU A 178 38.16 -37.29 -1.80
N THR A 179 38.73 -38.46 -1.47
CA THR A 179 38.08 -39.74 -1.71
C THR A 179 36.97 -39.99 -0.68
N ASN A 180 36.54 -38.92 0.01
CA ASN A 180 35.44 -39.00 0.97
C ASN A 180 34.39 -37.94 0.67
N LEU A 181 34.56 -37.22 -0.45
CA LEU A 181 33.67 -36.11 -0.75
C LEU A 181 32.27 -36.63 -1.05
N GLU A 182 31.29 -36.13 -0.28
CA GLU A 182 29.91 -36.53 -0.40
C GLU A 182 29.10 -35.45 -1.13
N LEU A 183 29.21 -34.21 -0.64
CA LEU A 183 28.47 -33.09 -1.19
C LEU A 183 29.43 -32.09 -1.85
N LEU A 184 29.31 -31.96 -3.19
CA LEU A 184 30.05 -30.99 -3.96
C LEU A 184 29.08 -30.02 -4.62
N SER A 185 29.15 -28.75 -4.19
CA SER A 185 28.38 -27.67 -4.79
C SER A 185 29.32 -26.77 -5.58
N LEU A 186 29.04 -26.64 -6.89
CA LEU A 186 29.86 -25.79 -7.73
C LEU A 186 28.99 -24.77 -8.46
N SER A 187 27.70 -24.73 -8.08
CA SER A 187 26.68 -23.88 -8.67
C SER A 187 27.15 -22.43 -8.81
N PHE A 188 26.52 -21.69 -9.73
CA PHE A 188 26.78 -20.26 -9.92
C PHE A 188 28.28 -20.01 -10.10
N ASN A 189 28.86 -20.75 -11.04
CA ASN A 189 30.27 -20.65 -11.39
C ASN A 189 30.40 -21.04 -12.86
N SER A 190 30.77 -20.02 -13.63
CA SER A 190 30.83 -20.09 -15.08
C SER A 190 31.93 -21.06 -15.47
N LEU A 191 31.53 -22.31 -15.66
CA LEU A 191 32.35 -23.32 -16.31
C LEU A 191 31.38 -24.13 -17.17
N SER A 192 31.67 -24.23 -18.48
CA SER A 192 30.72 -24.85 -19.41
C SER A 192 30.96 -26.36 -19.55
N HIS A 193 32.04 -26.88 -18.94
CA HIS A 193 32.32 -28.30 -18.89
C HIS A 193 32.15 -28.84 -17.47
N VAL A 194 31.57 -30.04 -17.36
CA VAL A 194 31.59 -30.84 -16.14
C VAL A 194 33.03 -31.28 -15.87
N PRO A 195 33.68 -30.79 -14.79
CA PRO A 195 35.07 -31.15 -14.52
C PRO A 195 35.31 -32.66 -14.49
N PRO A 196 36.42 -33.14 -15.12
CA PRO A 196 36.77 -34.55 -15.10
C PRO A 196 37.49 -35.04 -13.83
N LYS A 197 37.50 -36.36 -13.62
CA LYS A 197 38.26 -37.03 -12.56
C LYS A 197 37.60 -36.81 -11.20
N LEU A 198 36.31 -37.11 -11.10
CA LEU A 198 35.54 -36.85 -9.89
C LEU A 198 35.70 -38.02 -8.92
N PRO A 199 35.56 -37.83 -7.58
CA PRO A 199 35.63 -38.95 -6.64
C PRO A 199 34.34 -39.77 -6.57
N SER A 200 34.49 -41.11 -6.47
CA SER A 200 33.42 -42.09 -6.59
C SER A 200 32.40 -41.96 -5.46
N SER A 201 32.86 -41.45 -4.31
CA SER A 201 32.11 -41.39 -3.06
C SER A 201 31.02 -40.32 -3.08
N LEU A 202 30.89 -39.58 -4.19
CA LEU A 202 29.97 -38.46 -4.30
C LEU A 202 28.52 -38.92 -4.28
N ARG A 203 27.71 -38.26 -3.45
CA ARG A 203 26.31 -38.57 -3.26
C ARG A 203 25.45 -37.40 -3.75
N LYS A 204 26.00 -36.17 -3.65
CA LYS A 204 25.25 -34.97 -3.94
C LYS A 204 26.10 -33.97 -4.75
N LEU A 205 25.64 -33.65 -5.98
CA LEU A 205 26.42 -32.78 -6.85
C LEU A 205 25.55 -31.66 -7.41
N PHE A 206 25.91 -30.42 -7.11
CA PHE A 206 25.11 -29.28 -7.56
C PHE A 206 25.86 -28.56 -8.69
N LEU A 207 25.15 -28.30 -9.82
CA LEU A 207 25.73 -27.63 -10.99
C LEU A 207 24.79 -26.56 -11.55
N SER A 208 23.94 -25.97 -10.68
CA SER A 208 22.95 -25.00 -11.09
C SER A 208 23.64 -23.73 -11.60
N ASN A 209 23.17 -23.19 -12.73
CA ASN A 209 23.69 -21.97 -13.32
C ASN A 209 25.20 -22.05 -13.47
N THR A 210 25.68 -22.98 -14.31
CA THR A 210 27.11 -23.15 -14.49
C THR A 210 27.47 -22.93 -15.95
N GLN A 211 26.42 -22.73 -16.77
CA GLN A 211 26.50 -22.58 -18.22
C GLN A 211 26.96 -23.87 -18.90
N ILE A 212 26.58 -25.03 -18.34
CA ILE A 212 26.88 -26.33 -18.95
C ILE A 212 25.74 -26.68 -19.90
N LYS A 213 25.99 -26.44 -21.19
CA LYS A 213 25.01 -26.52 -22.26
C LYS A 213 24.85 -27.98 -22.70
N TYR A 214 25.96 -28.72 -22.69
CA TYR A 214 25.99 -30.07 -23.21
C TYR A 214 26.43 -31.03 -22.10
N ILE A 215 25.61 -32.05 -21.85
CA ILE A 215 26.02 -33.13 -20.96
C ILE A 215 26.34 -34.37 -21.79
N SER A 216 27.65 -34.72 -21.79
CA SER A 216 28.25 -35.87 -22.44
C SER A 216 27.80 -37.20 -21.79
N GLU A 217 28.46 -38.30 -22.17
CA GLU A 217 28.16 -39.61 -21.63
C GLU A 217 29.14 -39.89 -20.47
N GLU A 218 30.40 -39.49 -20.70
CA GLU A 218 31.52 -39.67 -19.79
C GLU A 218 31.45 -38.71 -18.59
N ASP A 219 30.49 -37.78 -18.61
CA ASP A 219 30.36 -36.79 -17.55
C ASP A 219 30.05 -37.48 -16.22
N PHE A 220 29.09 -38.42 -16.25
CA PHE A 220 28.64 -39.12 -15.05
C PHE A 220 28.85 -40.62 -15.22
N LYS A 221 30.02 -41.05 -14.74
CA LYS A 221 30.49 -42.43 -14.66
C LYS A 221 31.50 -42.50 -13.51
N GLY A 222 31.35 -43.50 -12.64
CA GLY A 222 32.12 -43.52 -11.41
C GLY A 222 31.31 -42.90 -10.27
N LEU A 223 30.15 -42.34 -10.64
CA LEU A 223 29.24 -41.76 -9.66
C LEU A 223 28.04 -42.67 -9.51
N ILE A 224 28.35 -43.95 -9.24
CA ILE A 224 27.37 -44.96 -8.93
C ILE A 224 26.62 -44.56 -7.66
N ASN A 225 27.27 -43.72 -6.84
CA ASN A 225 26.85 -43.42 -5.48
C ASN A 225 25.93 -42.20 -5.44
N LEU A 226 25.86 -41.47 -6.55
CA LEU A 226 25.12 -40.23 -6.64
C LEU A 226 23.61 -40.47 -6.46
N THR A 227 23.04 -39.67 -5.54
CA THR A 227 21.63 -39.70 -5.15
C THR A 227 20.91 -38.40 -5.57
N LEU A 228 21.64 -37.27 -5.58
CA LEU A 228 21.14 -36.00 -6.11
C LEU A 228 22.03 -35.39 -7.21
N LEU A 229 21.36 -34.81 -8.22
CA LEU A 229 21.99 -34.10 -9.32
C LEU A 229 21.23 -32.80 -9.58
N ASP A 230 21.98 -31.72 -9.74
CA ASP A 230 21.41 -30.39 -9.92
C ASP A 230 22.00 -29.80 -11.21
N LEU A 231 21.13 -29.54 -12.20
CA LEU A 231 21.56 -29.06 -13.51
C LEU A 231 20.69 -27.89 -14.01
N SER A 232 19.96 -27.26 -13.08
CA SER A 232 19.06 -26.19 -13.44
C SER A 232 19.84 -24.91 -13.77
N GLY A 233 19.17 -23.94 -14.43
CA GLY A 233 19.75 -22.64 -14.71
C GLY A 233 20.76 -22.64 -15.86
N ASN A 234 20.87 -23.78 -16.56
CA ASN A 234 21.67 -23.92 -17.77
C ASN A 234 20.72 -23.92 -18.97
N CYS A 235 21.00 -23.06 -19.95
CA CYS A 235 20.03 -22.66 -20.96
C CYS A 235 18.72 -22.26 -20.26
N PRO A 236 18.78 -21.27 -19.34
CA PRO A 236 17.59 -20.87 -18.58
C PRO A 236 16.44 -20.40 -19.45
N ARG A 237 15.25 -20.40 -18.87
CA ARG A 237 14.13 -19.60 -19.34
C ARG A 237 13.88 -18.54 -18.28
N CYS A 238 13.89 -17.26 -18.68
CA CYS A 238 14.05 -16.17 -17.72
C CYS A 238 12.71 -15.55 -17.30
N PHE A 239 11.91 -16.35 -16.55
CA PHE A 239 10.72 -15.84 -15.86
C PHE A 239 11.02 -15.55 -14.40
N ASN A 240 11.22 -14.26 -14.11
CA ASN A 240 11.23 -13.73 -12.75
C ASN A 240 12.58 -14.00 -12.10
N ALA A 241 13.58 -14.42 -12.87
CA ALA A 241 14.91 -14.72 -12.34
C ALA A 241 15.30 -13.69 -11.29
N PRO A 242 15.60 -14.10 -10.03
CA PRO A 242 16.11 -13.17 -9.02
C PRO A 242 17.63 -13.26 -8.91
N PHE A 243 18.30 -13.21 -10.07
CA PHE A 243 19.74 -13.04 -10.22
C PHE A 243 20.00 -12.81 -11.72
N PRO A 244 21.24 -12.50 -12.18
CA PRO A 244 21.57 -12.58 -13.61
C PRO A 244 21.09 -13.88 -14.24
N CYS A 245 20.52 -13.76 -15.46
CA CYS A 245 19.86 -14.83 -16.17
C CYS A 245 20.09 -14.62 -17.67
N VAL A 246 20.68 -15.59 -18.37
CA VAL A 246 20.99 -15.35 -19.78
C VAL A 246 20.66 -16.58 -20.62
N PRO A 247 19.55 -16.52 -21.42
CA PRO A 247 19.12 -17.63 -22.30
C PRO A 247 20.20 -18.14 -23.26
N CYS A 248 20.12 -19.42 -23.64
CA CYS A 248 21.01 -19.94 -24.67
C CYS A 248 20.59 -19.43 -26.05
N ASP A 249 21.30 -19.94 -27.07
CA ASP A 249 21.33 -19.36 -28.40
C ASP A 249 19.94 -19.41 -29.05
N GLY A 250 19.30 -18.25 -29.14
CA GLY A 250 17.91 -18.17 -29.60
C GLY A 250 16.96 -18.58 -28.48
N GLY A 251 16.35 -19.76 -28.63
CA GLY A 251 15.53 -20.36 -27.59
C GLY A 251 15.98 -21.77 -27.24
N ALA A 252 17.30 -22.00 -27.26
CA ALA A 252 17.92 -23.33 -27.22
C ALA A 252 17.95 -23.92 -25.82
N SER A 253 17.49 -25.18 -25.72
CA SER A 253 17.47 -25.90 -24.45
C SER A 253 18.84 -26.53 -24.20
N ILE A 254 18.98 -27.22 -23.06
CA ILE A 254 20.19 -27.94 -22.70
C ILE A 254 20.27 -29.17 -23.60
N ASN A 255 21.47 -29.73 -23.75
CA ASN A 255 21.65 -30.93 -24.55
C ASN A 255 22.29 -32.01 -23.67
N ILE A 256 21.53 -33.07 -23.39
CA ILE A 256 22.08 -34.12 -22.54
C ILE A 256 22.03 -35.44 -23.31
N ASP A 257 23.22 -35.97 -23.59
CA ASP A 257 23.44 -37.23 -24.26
C ASP A 257 22.48 -38.29 -23.69
N ARG A 258 22.09 -39.23 -24.56
CA ARG A 258 21.08 -40.24 -24.26
C ARG A 258 21.48 -41.10 -23.07
N PHE A 259 22.77 -41.48 -23.03
CA PHE A 259 23.31 -42.38 -22.01
C PHE A 259 24.09 -41.60 -20.94
N ALA A 260 23.61 -40.39 -20.57
CA ALA A 260 24.30 -39.57 -19.58
C ALA A 260 24.25 -40.21 -18.20
N PHE A 261 23.05 -40.71 -17.84
CA PHE A 261 22.69 -41.19 -16.52
C PHE A 261 22.57 -42.72 -16.49
N GLN A 262 23.42 -43.37 -17.29
CA GLN A 262 23.48 -44.82 -17.45
C GLN A 262 23.92 -45.47 -16.14
N ASN A 263 24.79 -44.75 -15.41
CA ASN A 263 25.54 -45.28 -14.29
C ASN A 263 24.90 -44.82 -12.98
N LEU A 264 23.90 -43.94 -13.07
CA LEU A 264 23.32 -43.30 -11.90
C LEU A 264 22.09 -44.08 -11.45
N THR A 265 22.32 -45.26 -10.88
CA THR A 265 21.23 -46.17 -10.54
C THR A 265 20.55 -45.70 -9.25
N GLN A 266 21.36 -45.03 -8.41
CA GLN A 266 21.05 -44.75 -7.03
C GLN A 266 20.40 -43.37 -6.88
N LEU A 267 20.12 -42.67 -8.00
CA LEU A 267 19.68 -41.30 -7.97
C LEU A 267 18.22 -41.21 -7.51
N ARG A 268 17.95 -40.25 -6.60
CA ARG A 268 16.66 -39.97 -5.96
C ARG A 268 16.17 -38.56 -6.30
N TYR A 269 17.09 -37.61 -6.52
CA TYR A 269 16.74 -36.21 -6.74
C TYR A 269 17.32 -35.70 -8.05
N LEU A 270 16.47 -35.12 -8.93
CA LEU A 270 16.94 -34.60 -10.21
C LEU A 270 16.30 -33.24 -10.53
N ASN A 271 17.12 -32.19 -10.48
CA ASN A 271 16.66 -30.84 -10.78
C ASN A 271 17.05 -30.49 -12.21
N LEU A 272 16.03 -30.32 -13.06
CA LEU A 272 16.20 -29.73 -14.37
C LEU A 272 15.30 -28.49 -14.56
N SER A 273 15.00 -27.79 -13.45
CA SER A 273 14.28 -26.51 -13.51
C SER A 273 15.03 -25.52 -14.40
N SER A 274 14.28 -24.79 -15.25
CA SER A 274 14.85 -23.83 -16.18
C SER A 274 16.08 -24.41 -16.89
N THR A 275 15.80 -25.21 -17.94
CA THR A 275 16.80 -25.82 -18.80
C THR A 275 16.34 -25.63 -20.24
N SER A 276 15.09 -25.17 -20.37
CA SER A 276 14.39 -24.77 -21.58
C SER A 276 13.88 -25.96 -22.38
N LEU A 277 13.77 -27.10 -21.69
CA LEU A 277 13.51 -28.40 -22.27
C LEU A 277 12.15 -28.45 -22.97
N ARG A 278 12.21 -28.81 -24.26
CA ARG A 278 11.08 -29.01 -25.15
C ARG A 278 10.69 -30.49 -25.13
N LYS A 279 11.70 -31.33 -24.85
CA LYS A 279 11.66 -32.76 -25.14
C LYS A 279 12.39 -33.54 -24.03
N ILE A 280 11.74 -34.59 -23.52
CA ILE A 280 12.29 -35.40 -22.43
C ILE A 280 12.60 -36.82 -22.91
N ASN A 281 13.90 -37.06 -23.15
CA ASN A 281 14.41 -38.37 -23.55
C ASN A 281 14.11 -39.38 -22.44
N ALA A 282 13.00 -40.12 -22.59
CA ALA A 282 12.54 -41.07 -21.59
C ALA A 282 13.60 -42.14 -21.33
N ALA A 283 14.74 -42.03 -22.04
CA ALA A 283 15.85 -42.96 -21.98
C ALA A 283 16.84 -42.57 -20.88
N TRP A 284 16.61 -41.41 -20.25
CA TRP A 284 17.47 -40.92 -19.18
C TRP A 284 17.22 -41.70 -17.89
N PHE A 285 16.00 -42.22 -17.75
CA PHE A 285 15.52 -42.81 -16.51
C PHE A 285 15.52 -44.34 -16.55
N LYS A 286 16.30 -44.92 -17.49
CA LYS A 286 16.35 -46.36 -17.70
C LYS A 286 16.90 -47.07 -16.46
N ASN A 287 17.85 -46.41 -15.77
CA ASN A 287 18.62 -47.01 -14.69
C ASN A 287 18.26 -46.42 -13.33
N MET A 288 17.21 -45.58 -13.30
CA MET A 288 16.82 -44.84 -12.10
C MET A 288 15.49 -45.37 -11.57
N PRO A 289 15.44 -46.62 -11.03
CA PRO A 289 14.21 -47.14 -10.46
C PRO A 289 13.76 -46.26 -9.29
N HIS A 290 14.74 -45.61 -8.66
CA HIS A 290 14.69 -45.10 -7.30
C HIS A 290 14.16 -43.67 -7.24
N LEU A 291 14.30 -42.92 -8.35
CA LEU A 291 14.06 -41.48 -8.39
C LEU A 291 12.72 -41.13 -7.74
N LYS A 292 12.81 -40.20 -6.77
CA LYS A 292 11.73 -39.81 -5.88
C LYS A 292 11.17 -38.41 -6.19
N VAL A 293 12.02 -37.50 -6.67
CA VAL A 293 11.72 -36.07 -6.75
C VAL A 293 12.28 -35.54 -8.08
N LEU A 294 11.41 -34.85 -8.83
CA LEU A 294 11.72 -34.41 -10.19
C LEU A 294 11.30 -32.96 -10.37
N ASP A 295 12.30 -32.08 -10.38
CA ASP A 295 12.09 -30.65 -10.57
C ASP A 295 12.26 -30.30 -12.06
N LEU A 296 11.15 -29.88 -12.70
CA LEU A 296 11.12 -29.49 -14.11
C LEU A 296 10.20 -28.28 -14.32
N GLU A 297 10.18 -27.38 -13.34
CA GLU A 297 9.58 -26.07 -13.59
C GLU A 297 10.49 -25.31 -14.56
N PHE A 298 9.89 -24.32 -15.24
CA PHE A 298 10.60 -23.32 -16.05
C PHE A 298 11.25 -23.95 -17.29
N ASN A 299 10.44 -24.73 -18.02
CA ASN A 299 10.77 -25.24 -19.34
C ASN A 299 9.54 -25.04 -20.23
N TYR A 300 9.49 -25.76 -21.37
CA TYR A 300 8.47 -25.60 -22.41
C TYR A 300 7.90 -26.96 -22.79
N LEU A 301 7.11 -27.57 -21.88
CA LEU A 301 6.81 -29.00 -21.88
C LEU A 301 5.30 -29.24 -21.90
N VAL A 302 4.51 -28.24 -22.32
CA VAL A 302 3.07 -28.39 -22.44
C VAL A 302 2.73 -29.69 -23.15
N GLY A 303 3.55 -30.00 -24.18
CA GLY A 303 3.46 -31.16 -25.04
C GLY A 303 3.88 -32.47 -24.34
N GLU A 304 5.06 -32.48 -23.71
CA GLU A 304 5.49 -33.63 -22.92
C GLU A 304 4.52 -33.89 -21.75
N ILE A 305 3.65 -32.91 -21.43
CA ILE A 305 2.66 -33.08 -20.38
C ILE A 305 1.45 -33.80 -20.99
N ALA A 306 1.11 -33.39 -22.21
CA ALA A 306 0.05 -34.00 -23.02
C ALA A 306 0.28 -35.49 -23.32
N SER A 307 1.53 -35.87 -23.61
CA SER A 307 1.89 -37.20 -24.07
C SER A 307 3.15 -37.71 -23.34
N GLY A 308 2.93 -38.40 -22.20
CA GLY A 308 4.01 -38.63 -21.25
C GLY A 308 4.95 -39.78 -21.61
N ALA A 309 6.09 -39.43 -22.23
CA ALA A 309 7.18 -40.37 -22.53
C ALA A 309 7.81 -40.92 -21.24
N PHE A 310 8.41 -40.01 -20.45
CA PHE A 310 9.12 -40.28 -19.21
C PHE A 310 8.15 -40.83 -18.15
N LEU A 311 6.90 -40.34 -18.20
CA LEU A 311 5.86 -40.50 -17.18
C LEU A 311 5.68 -41.96 -16.75
N THR A 312 6.35 -42.89 -17.45
CA THR A 312 6.12 -44.31 -17.27
C THR A 312 7.38 -44.96 -16.70
N MET A 313 8.47 -44.19 -16.65
CA MET A 313 9.78 -44.67 -16.21
C MET A 313 9.95 -44.35 -14.72
N LEU A 314 8.88 -43.78 -14.14
CA LEU A 314 8.87 -43.27 -12.77
C LEU A 314 7.74 -43.94 -11.98
N PRO A 315 7.89 -45.21 -11.52
CA PRO A 315 6.91 -45.80 -10.60
C PRO A 315 6.96 -45.13 -9.23
N ARG A 316 8.19 -44.90 -8.73
CA ARG A 316 8.52 -44.60 -7.35
C ARG A 316 8.71 -43.09 -7.09
N LEU A 317 8.21 -42.24 -8.00
CA LEU A 317 8.32 -40.81 -7.82
C LEU A 317 7.20 -40.37 -6.88
N GLU A 318 7.59 -39.53 -5.90
CA GLU A 318 6.75 -39.03 -4.82
C GLU A 318 6.40 -37.55 -5.02
N ILE A 319 7.21 -36.86 -5.83
CA ILE A 319 7.13 -35.41 -5.98
C ILE A 319 7.50 -35.03 -7.40
N LEU A 320 6.65 -34.19 -7.99
CA LEU A 320 6.79 -33.81 -9.38
C LEU A 320 6.38 -32.34 -9.51
N ASP A 321 7.35 -31.56 -9.99
CA ASP A 321 7.11 -30.16 -10.29
C ASP A 321 7.26 -29.90 -11.79
N LEU A 322 6.16 -29.40 -12.39
CA LEU A 322 6.09 -28.98 -13.78
C LEU A 322 5.43 -27.61 -13.88
N SER A 323 5.75 -26.75 -12.89
CA SER A 323 5.28 -25.38 -12.77
C SER A 323 5.99 -24.43 -13.74
N PHE A 324 5.24 -23.42 -14.23
CA PHE A 324 5.73 -22.41 -15.16
C PHE A 324 6.36 -23.09 -16.37
N ASN A 325 5.49 -23.81 -17.10
CA ASN A 325 5.81 -24.45 -18.36
C ASN A 325 4.86 -23.98 -19.46
N TYR A 326 4.08 -22.92 -19.20
CA TYR A 326 3.09 -22.42 -20.13
C TYR A 326 3.76 -21.96 -21.43
N ILE A 327 2.92 -21.74 -22.48
CA ILE A 327 3.35 -21.19 -23.76
C ILE A 327 2.83 -19.75 -23.93
N LYS A 328 3.73 -18.83 -24.30
CA LYS A 328 3.38 -17.42 -24.28
C LYS A 328 2.51 -17.04 -25.48
N GLY A 329 1.58 -16.10 -25.24
CA GLY A 329 0.50 -15.74 -26.15
C GLY A 329 -0.75 -16.57 -25.90
N SER A 330 -0.56 -17.74 -25.27
CA SER A 330 -1.57 -18.79 -25.23
C SER A 330 -2.32 -18.78 -23.89
N TYR A 331 -3.62 -19.09 -23.95
CA TYR A 331 -4.51 -19.24 -22.81
C TYR A 331 -5.49 -20.39 -23.11
N PRO A 332 -5.00 -21.66 -23.19
CA PRO A 332 -5.80 -22.77 -23.73
C PRO A 332 -7.15 -22.93 -23.03
N GLN A 333 -7.98 -23.84 -23.51
CA GLN A 333 -9.32 -23.95 -22.98
C GLN A 333 -9.34 -24.92 -21.80
N HIS A 334 -8.46 -25.93 -21.84
CA HIS A 334 -8.40 -26.96 -20.82
C HIS A 334 -6.93 -27.30 -20.65
N ILE A 335 -6.60 -27.90 -19.51
CA ILE A 335 -5.27 -28.48 -19.41
C ILE A 335 -5.30 -29.87 -20.04
N ASN A 336 -4.18 -30.25 -20.71
CA ASN A 336 -4.10 -31.55 -21.36
C ASN A 336 -3.13 -32.45 -20.59
N ILE A 337 -3.72 -33.42 -19.87
CA ILE A 337 -3.05 -34.31 -18.93
C ILE A 337 -2.99 -35.72 -19.51
N SER A 338 -1.78 -36.18 -19.85
CA SER A 338 -1.53 -37.53 -20.33
C SER A 338 -2.13 -38.56 -19.37
N ARG A 339 -2.85 -39.56 -19.87
CA ARG A 339 -3.32 -40.63 -18.98
C ARG A 339 -2.13 -41.42 -18.46
N ASN A 340 -0.96 -41.17 -19.05
CA ASN A 340 0.30 -41.75 -18.62
C ASN A 340 0.68 -41.29 -17.20
N PHE A 341 -0.26 -40.65 -16.48
CA PHE A 341 -0.03 -40.04 -15.17
C PHE A 341 -0.42 -40.98 -14.03
N SER A 342 -1.19 -42.03 -14.34
CA SER A 342 -1.52 -43.01 -13.32
C SER A 342 -0.48 -44.13 -13.29
N LYS A 343 0.69 -43.88 -13.89
CA LYS A 343 1.87 -44.73 -13.76
C LYS A 343 2.85 -44.17 -12.72
N LEU A 344 2.50 -43.00 -12.15
CA LEU A 344 3.16 -42.42 -11.00
C LEU A 344 2.32 -42.80 -9.78
N LEU A 345 2.47 -44.07 -9.35
CA LEU A 345 1.65 -44.66 -8.30
C LEU A 345 2.06 -44.13 -6.93
N SER A 346 3.35 -43.78 -6.82
CA SER A 346 3.94 -43.31 -5.58
C SER A 346 3.53 -41.88 -5.24
N LEU A 347 2.86 -41.18 -6.18
CA LEU A 347 2.87 -39.73 -6.21
C LEU A 347 2.13 -39.12 -5.02
N ARG A 348 2.82 -38.20 -4.31
CA ARG A 348 2.36 -37.58 -3.08
C ARG A 348 2.04 -36.10 -3.32
N ALA A 349 2.90 -35.43 -4.09
CA ALA A 349 2.73 -34.03 -4.41
C ALA A 349 2.83 -33.84 -5.92
N LEU A 350 1.83 -33.15 -6.51
CA LEU A 350 1.99 -32.68 -7.88
C LEU A 350 1.81 -31.17 -7.98
N HIS A 351 2.82 -30.53 -8.58
CA HIS A 351 2.87 -29.09 -8.73
C HIS A 351 2.65 -28.72 -10.19
N LEU A 352 1.56 -27.97 -10.43
CA LEU A 352 1.25 -27.48 -11.78
C LEU A 352 0.93 -25.98 -11.79
N ARG A 353 1.95 -25.15 -11.55
CA ARG A 353 1.70 -23.73 -11.57
C ARG A 353 2.01 -23.20 -12.97
N GLY A 354 1.24 -22.20 -13.41
CA GLY A 354 1.57 -21.49 -14.63
C GLY A 354 1.67 -22.42 -15.83
N TYR A 355 0.69 -23.33 -15.96
CA TYR A 355 0.24 -23.81 -17.25
C TYR A 355 -0.61 -22.71 -17.90
N VAL A 356 -1.56 -22.14 -17.13
CA VAL A 356 -2.47 -21.08 -17.58
C VAL A 356 -3.48 -21.67 -18.55
N PHE A 357 -4.74 -21.72 -18.11
CA PHE A 357 -5.81 -22.23 -18.93
C PHE A 357 -7.13 -21.72 -18.36
N GLN A 358 -8.22 -21.89 -19.10
CA GLN A 358 -9.46 -21.25 -18.70
C GLN A 358 -10.30 -22.13 -17.77
N GLU A 359 -10.26 -23.46 -17.99
CA GLU A 359 -11.25 -24.37 -17.40
C GLU A 359 -10.65 -25.75 -17.10
N LEU A 360 -10.79 -26.15 -15.82
CA LEU A 360 -10.61 -27.52 -15.35
C LEU A 360 -11.98 -28.15 -15.12
N ARG A 361 -12.38 -29.03 -16.07
CA ARG A 361 -13.55 -29.91 -15.95
C ARG A 361 -13.08 -31.29 -15.47
N GLU A 362 -14.03 -32.05 -14.90
CA GLU A 362 -13.85 -33.32 -14.21
C GLU A 362 -12.90 -34.28 -14.92
N ASP A 363 -13.09 -34.42 -16.24
CA ASP A 363 -12.48 -35.49 -17.01
C ASP A 363 -11.00 -35.21 -17.28
N ASP A 364 -10.62 -33.93 -17.22
CA ASP A 364 -9.25 -33.49 -17.49
C ASP A 364 -8.32 -34.05 -16.41
N PHE A 365 -8.91 -34.41 -15.26
CA PHE A 365 -8.19 -34.80 -14.05
C PHE A 365 -8.49 -36.24 -13.68
N GLN A 366 -9.13 -36.96 -14.61
CA GLN A 366 -9.45 -38.36 -14.44
C GLN A 366 -8.19 -39.20 -14.16
N PRO A 367 -7.04 -38.97 -14.85
CA PRO A 367 -5.82 -39.78 -14.64
C PRO A 367 -5.14 -39.80 -13.27
N LEU A 368 -5.58 -38.94 -12.33
CA LEU A 368 -4.93 -38.61 -11.06
C LEU A 368 -5.75 -39.19 -9.89
N MET A 369 -7.05 -39.37 -10.16
CA MET A 369 -8.06 -39.98 -9.30
C MET A 369 -7.79 -41.47 -9.02
N GLN A 370 -6.78 -42.05 -9.69
CA GLN A 370 -6.37 -43.43 -9.45
C GLN A 370 -4.96 -43.46 -8.85
N LEU A 371 -4.70 -42.59 -7.87
CA LEU A 371 -3.39 -42.54 -7.22
C LEU A 371 -3.60 -42.55 -5.71
N PRO A 372 -3.06 -43.56 -5.00
CA PRO A 372 -3.36 -43.73 -3.57
C PRO A 372 -2.77 -42.66 -2.65
N ASN A 373 -1.61 -42.11 -3.03
CA ASN A 373 -0.73 -41.41 -2.09
C ASN A 373 -0.78 -39.89 -2.31
N LEU A 374 -1.64 -39.44 -3.23
CA LEU A 374 -1.66 -38.05 -3.67
C LEU A 374 -2.53 -37.20 -2.74
N SER A 375 -1.86 -36.24 -2.08
CA SER A 375 -2.42 -35.37 -1.05
C SER A 375 -2.37 -33.90 -1.48
N THR A 376 -1.35 -33.53 -2.26
CA THR A 376 -1.15 -32.13 -2.62
C THR A 376 -1.27 -31.90 -4.13
N ILE A 377 -2.33 -31.14 -4.42
CA ILE A 377 -2.61 -30.61 -5.74
C ILE A 377 -2.42 -29.09 -5.70
N ASN A 378 -1.44 -28.63 -6.47
CA ASN A 378 -1.01 -27.25 -6.54
C ASN A 378 -1.42 -26.65 -7.87
N LEU A 379 -2.46 -25.79 -7.86
CA LEU A 379 -2.93 -25.12 -9.06
C LEU A 379 -2.80 -23.59 -8.95
N GLY A 380 -1.64 -23.12 -8.46
CA GLY A 380 -1.44 -21.69 -8.30
C GLY A 380 -1.05 -21.07 -9.63
N ILE A 381 -1.57 -19.83 -9.84
CA ILE A 381 -1.24 -18.94 -10.95
C ILE A 381 -1.58 -19.63 -12.28
N ASN A 382 -2.81 -20.13 -12.38
CA ASN A 382 -3.22 -20.75 -13.62
C ASN A 382 -4.30 -19.87 -14.20
N PHE A 383 -4.67 -18.82 -13.48
CA PHE A 383 -5.72 -17.92 -13.94
C PHE A 383 -6.89 -18.74 -14.48
N ILE A 384 -7.45 -19.61 -13.60
CA ILE A 384 -8.56 -20.48 -13.97
C ILE A 384 -9.91 -19.77 -13.76
N LYS A 385 -10.75 -19.81 -14.80
CA LYS A 385 -12.01 -19.07 -14.82
C LYS A 385 -13.12 -19.85 -14.14
N GLN A 386 -13.04 -21.18 -14.20
CA GLN A 386 -14.12 -22.01 -13.69
C GLN A 386 -13.62 -23.44 -13.49
N ILE A 387 -14.19 -24.10 -12.47
CA ILE A 387 -13.82 -25.44 -12.08
C ILE A 387 -15.08 -26.20 -11.67
N ASP A 388 -15.16 -27.49 -12.07
CA ASP A 388 -16.10 -28.44 -11.49
C ASP A 388 -15.48 -29.03 -10.22
N PHE A 389 -15.93 -28.47 -9.08
CA PHE A 389 -15.40 -28.77 -7.75
C PHE A 389 -15.73 -30.20 -7.31
N LYS A 390 -16.77 -30.76 -7.95
CA LYS A 390 -17.10 -32.17 -7.84
C LYS A 390 -15.85 -33.03 -7.99
N LEU A 391 -15.00 -32.73 -8.99
CA LEU A 391 -13.91 -33.62 -9.33
C LEU A 391 -13.06 -33.96 -8.11
N PHE A 392 -13.15 -33.14 -7.05
CA PHE A 392 -12.23 -33.19 -5.91
C PHE A 392 -12.64 -34.25 -4.90
N GLN A 393 -13.93 -34.61 -4.95
CA GLN A 393 -14.49 -35.68 -4.14
C GLN A 393 -13.86 -37.01 -4.53
N ASN A 394 -13.62 -37.17 -5.84
CA ASN A 394 -13.15 -38.42 -6.42
C ASN A 394 -11.66 -38.64 -6.12
N PHE A 395 -11.20 -38.22 -4.94
CA PHE A 395 -9.82 -38.37 -4.52
C PHE A 395 -9.73 -38.88 -3.07
N SER A 396 -8.88 -39.90 -2.86
CA SER A 396 -8.86 -40.61 -1.59
C SER A 396 -8.11 -39.80 -0.53
N ASN A 397 -6.86 -39.44 -0.82
CA ASN A 397 -5.94 -38.87 0.16
C ASN A 397 -5.69 -37.38 -0.09
N LEU A 398 -6.74 -36.67 -0.52
CA LEU A 398 -6.58 -35.26 -0.79
C LEU A 398 -6.68 -34.47 0.51
N GLU A 399 -5.67 -33.63 0.79
CA GLU A 399 -5.58 -32.85 2.01
C GLU A 399 -5.48 -31.35 1.67
N ILE A 400 -4.52 -31.01 0.79
CA ILE A 400 -4.32 -29.63 0.36
C ILE A 400 -4.64 -29.52 -1.13
N ILE A 401 -5.75 -28.81 -1.42
CA ILE A 401 -6.11 -28.22 -2.71
C ILE A 401 -5.72 -26.72 -2.72
N TYR A 402 -4.70 -26.37 -3.53
CA TYR A 402 -4.19 -25.01 -3.60
C TYR A 402 -4.66 -24.25 -4.85
N LEU A 403 -5.73 -23.45 -4.72
CA LEU A 403 -6.36 -22.76 -5.84
C LEU A 403 -6.15 -21.24 -5.80
N SER A 404 -5.08 -20.79 -5.13
CA SER A 404 -4.75 -19.39 -5.05
C SER A 404 -4.43 -18.92 -6.46
N GLU A 405 -4.64 -17.62 -6.73
CA GLU A 405 -4.11 -16.90 -7.89
C GLU A 405 -4.79 -17.41 -9.17
N ASN A 406 -6.06 -17.77 -8.98
CA ASN A 406 -6.95 -18.12 -10.05
C ASN A 406 -7.99 -17.01 -10.21
N ARG A 407 -9.10 -17.35 -10.88
CA ARG A 407 -10.01 -16.36 -11.42
C ARG A 407 -11.45 -16.76 -11.10
N ILE A 408 -11.64 -17.57 -10.05
CA ILE A 408 -12.97 -18.04 -9.68
C ILE A 408 -13.89 -16.85 -9.36
N SER A 409 -15.09 -16.89 -9.94
CA SER A 409 -16.12 -15.87 -9.84
C SER A 409 -17.29 -16.37 -8.98
N PRO A 410 -18.09 -15.47 -8.36
CA PRO A 410 -19.27 -15.87 -7.57
C PRO A 410 -20.27 -16.75 -8.33
N LEU A 411 -20.65 -17.92 -7.78
CA LEU A 411 -21.42 -18.97 -8.48
C LEU A 411 -22.90 -18.92 -8.14
N VAL A 412 -23.76 -18.76 -9.16
CA VAL A 412 -25.12 -18.32 -8.87
C VAL A 412 -26.12 -19.35 -9.41
N LYS A 413 -27.37 -19.27 -8.93
CA LYS A 413 -28.52 -20.01 -9.44
C LYS A 413 -28.19 -21.48 -9.69
N PHE A 439 18.30 -11.04 -0.39
CA PHE A 439 18.94 -12.08 -1.24
C PHE A 439 19.47 -13.20 -0.35
N ASP A 440 19.43 -14.45 -0.85
CA ASP A 440 19.80 -15.64 -0.12
C ASP A 440 20.39 -16.67 -1.07
N PRO A 441 21.66 -17.15 -0.87
CA PRO A 441 22.28 -18.12 -1.78
C PRO A 441 22.13 -19.59 -1.37
N HIS A 442 21.86 -19.82 -0.08
CA HIS A 442 21.66 -21.13 0.50
C HIS A 442 20.22 -21.61 0.26
N SER A 443 19.52 -21.05 -0.74
CA SER A 443 18.09 -21.28 -0.88
C SER A 443 17.76 -22.14 -2.11
N ASN A 444 16.47 -22.49 -2.19
CA ASN A 444 15.84 -23.12 -3.34
C ASN A 444 15.19 -22.03 -4.20
N PHE A 445 15.77 -21.79 -5.39
CA PHE A 445 15.34 -20.71 -6.26
C PHE A 445 14.16 -21.13 -7.14
N TYR A 446 14.07 -22.42 -7.46
CA TYR A 446 13.10 -22.83 -8.45
C TYR A 446 11.79 -23.25 -7.80
N HIS A 447 11.90 -23.96 -6.66
CA HIS A 447 10.76 -24.52 -5.95
C HIS A 447 10.47 -23.61 -4.76
N PHE A 448 9.19 -23.30 -4.48
CA PHE A 448 8.89 -22.63 -3.22
C PHE A 448 8.68 -23.68 -2.13
N THR A 449 9.54 -23.61 -1.11
CA THR A 449 9.66 -24.65 -0.09
C THR A 449 8.90 -24.27 1.20
N ARG A 450 8.27 -23.09 1.25
CA ARG A 450 7.31 -22.71 2.28
C ARG A 450 6.08 -23.64 2.22
N PRO A 451 5.45 -24.01 3.36
CA PRO A 451 4.09 -24.56 3.35
C PRO A 451 3.14 -23.74 2.48
N LEU A 452 2.49 -24.40 1.52
CA LEU A 452 1.45 -23.78 0.71
C LEU A 452 0.34 -23.24 1.61
N ILE A 453 -0.02 -23.98 2.67
CA ILE A 453 -1.08 -23.53 3.56
C ILE A 453 -0.57 -23.42 5.00
N LYS A 454 -0.91 -22.31 5.66
CA LYS A 454 -0.62 -22.11 7.07
C LYS A 454 -0.94 -23.41 7.81
N PRO A 455 0.10 -24.15 8.33
CA PRO A 455 -0.05 -25.33 9.19
C PRO A 455 -1.13 -25.26 10.26
N GLN A 456 -1.20 -24.15 10.99
CA GLN A 456 -2.28 -23.94 11.92
C GLN A 456 -3.60 -24.20 11.22
N CYS A 457 -3.68 -23.87 9.92
CA CYS A 457 -4.90 -24.12 9.18
C CYS A 457 -4.98 -25.60 8.79
N ALA A 458 -3.81 -26.14 8.39
CA ALA A 458 -3.72 -27.44 7.75
C ALA A 458 -4.06 -28.52 8.77
N ALA A 459 -3.54 -28.36 10.00
CA ALA A 459 -3.91 -29.19 11.14
C ALA A 459 -5.36 -29.65 11.09
N TYR A 460 -6.34 -28.75 10.95
CA TYR A 460 -7.73 -29.17 11.10
C TYR A 460 -8.17 -30.14 9.99
N GLY A 461 -7.47 -30.20 8.84
CA GLY A 461 -7.74 -31.24 7.84
C GLY A 461 -7.72 -30.78 6.38
N LYS A 462 -8.79 -31.16 5.66
CA LYS A 462 -8.97 -30.77 4.27
C LYS A 462 -8.90 -29.25 4.10
N ALA A 463 -7.85 -28.77 3.38
CA ALA A 463 -7.64 -27.35 3.14
C ALA A 463 -7.96 -27.01 1.69
N LEU A 464 -8.76 -25.95 1.51
CA LEU A 464 -8.99 -25.32 0.22
C LEU A 464 -8.55 -23.87 0.28
N ASP A 465 -7.55 -23.52 -0.53
CA ASP A 465 -7.09 -22.14 -0.60
C ASP A 465 -7.75 -21.43 -1.79
N LEU A 466 -8.65 -20.47 -1.54
CA LEU A 466 -9.29 -19.72 -2.61
C LEU A 466 -8.91 -18.22 -2.63
N SER A 467 -7.71 -17.95 -2.11
CA SER A 467 -7.21 -16.60 -2.01
C SER A 467 -6.79 -16.10 -3.39
N LEU A 468 -6.90 -14.77 -3.63
CA LEU A 468 -6.57 -14.09 -4.87
C LEU A 468 -7.38 -14.64 -6.05
N ASN A 469 -8.71 -14.57 -5.90
CA ASN A 469 -9.66 -14.97 -6.91
C ASN A 469 -10.67 -13.83 -7.02
N SER A 470 -11.72 -13.98 -7.84
CA SER A 470 -12.63 -12.89 -8.14
C SER A 470 -13.96 -13.06 -7.43
N ILE A 471 -13.95 -13.77 -6.31
CA ILE A 471 -15.21 -13.98 -5.61
C ILE A 471 -15.58 -12.66 -4.92
N PHE A 472 -16.31 -11.79 -5.64
CA PHE A 472 -16.61 -10.48 -5.08
C PHE A 472 -17.84 -10.49 -4.16
N PHE A 473 -18.64 -11.55 -4.24
CA PHE A 473 -19.52 -11.91 -3.13
C PHE A 473 -19.62 -13.43 -3.12
N ILE A 474 -20.24 -14.00 -2.08
CA ILE A 474 -20.33 -15.45 -1.96
C ILE A 474 -21.62 -15.94 -2.63
N GLY A 475 -21.45 -16.51 -3.85
CA GLY A 475 -22.54 -17.03 -4.68
C GLY A 475 -23.33 -18.12 -3.96
N PRO A 476 -24.69 -18.04 -3.95
CA PRO A 476 -25.53 -19.10 -3.36
C PRO A 476 -25.21 -20.54 -3.75
N ASN A 477 -24.37 -20.74 -4.78
CA ASN A 477 -23.93 -22.06 -5.19
C ASN A 477 -22.41 -22.12 -5.16
N GLN A 478 -21.81 -21.53 -4.13
CA GLN A 478 -20.37 -21.30 -4.18
C GLN A 478 -19.59 -22.53 -3.70
N PHE A 479 -20.21 -23.36 -2.83
CA PHE A 479 -19.52 -24.46 -2.19
C PHE A 479 -20.25 -25.80 -2.38
N GLU A 480 -21.29 -25.81 -3.23
CA GLU A 480 -22.03 -27.03 -3.58
C GLU A 480 -21.09 -27.99 -4.32
N ASN A 481 -21.01 -29.24 -3.84
CA ASN A 481 -20.25 -30.25 -4.56
C ASN A 481 -18.77 -30.11 -4.24
N LEU A 482 -18.50 -29.51 -3.08
CA LEU A 482 -17.17 -29.52 -2.49
C LEU A 482 -17.09 -30.74 -1.55
N PRO A 483 -15.88 -31.30 -1.31
CA PRO A 483 -15.69 -32.17 -0.15
C PRO A 483 -16.10 -31.44 1.16
N ASP A 484 -16.09 -32.18 2.26
CA ASP A 484 -16.20 -31.52 3.54
C ASP A 484 -14.81 -30.97 3.79
N ILE A 485 -14.75 -29.62 3.75
CA ILE A 485 -13.60 -28.81 4.06
C ILE A 485 -13.71 -28.44 5.53
N ALA A 486 -12.53 -28.43 6.17
CA ALA A 486 -12.26 -28.03 7.55
C ALA A 486 -11.47 -26.71 7.59
N CYS A 487 -10.52 -26.52 6.66
CA CYS A 487 -9.71 -25.30 6.57
C CYS A 487 -9.94 -24.58 5.24
N LEU A 488 -10.39 -23.31 5.28
CA LEU A 488 -10.75 -22.55 4.09
C LEU A 488 -10.15 -21.13 4.07
N ASN A 489 -9.48 -20.78 2.94
CA ASN A 489 -8.87 -19.47 2.75
C ASN A 489 -9.66 -18.66 1.70
N LEU A 490 -10.16 -17.49 2.07
CA LEU A 490 -10.85 -16.60 1.14
C LEU A 490 -10.23 -15.20 1.19
N SER A 491 -8.95 -15.14 1.53
CA SER A 491 -8.22 -13.91 1.66
C SER A 491 -8.07 -13.27 0.29
N ALA A 492 -8.31 -11.95 0.21
CA ALA A 492 -7.91 -11.07 -0.89
C ALA A 492 -8.76 -11.31 -2.13
N ASN A 493 -10.08 -11.17 -1.96
CA ASN A 493 -11.03 -11.50 -3.02
C ASN A 493 -11.93 -10.29 -3.23
N SER A 494 -11.49 -9.13 -2.71
CA SER A 494 -12.34 -7.95 -2.64
C SER A 494 -13.79 -8.38 -2.43
N ASN A 495 -14.04 -9.21 -1.41
CA ASN A 495 -15.34 -9.81 -1.25
C ASN A 495 -16.21 -8.89 -0.40
N ALA A 496 -17.33 -8.42 -0.96
CA ALA A 496 -18.14 -7.39 -0.33
C ALA A 496 -19.41 -7.95 0.32
N GLN A 497 -19.53 -9.29 0.36
CA GLN A 497 -20.72 -10.02 0.79
C GLN A 497 -21.29 -9.48 2.09
N VAL A 498 -22.61 -9.20 2.08
CA VAL A 498 -23.38 -9.08 3.32
C VAL A 498 -23.68 -10.48 3.85
N LEU A 499 -23.24 -10.74 5.09
CA LEU A 499 -23.34 -12.05 5.73
C LEU A 499 -24.63 -12.14 6.54
N SER A 500 -25.31 -13.28 6.35
CA SER A 500 -26.59 -13.62 6.96
C SER A 500 -26.58 -15.03 7.58
N GLY A 501 -25.41 -15.69 7.55
CA GLY A 501 -25.27 -17.01 8.15
C GLY A 501 -26.12 -18.05 7.43
N THR A 502 -26.06 -18.04 6.09
CA THR A 502 -26.61 -19.11 5.26
C THR A 502 -25.66 -19.31 4.07
N GLU A 503 -24.64 -18.45 4.02
CA GLU A 503 -23.66 -18.37 2.93
C GLU A 503 -22.71 -19.58 2.94
N PHE A 504 -22.77 -20.41 4.00
CA PHE A 504 -21.71 -21.38 4.26
C PHE A 504 -22.28 -22.75 4.59
N SER A 505 -23.60 -22.89 4.33
CA SER A 505 -24.38 -24.08 4.62
C SER A 505 -23.74 -25.31 3.99
N ALA A 506 -23.25 -25.20 2.75
CA ALA A 506 -22.80 -26.35 1.95
C ALA A 506 -21.56 -27.06 2.49
N ILE A 507 -20.84 -26.40 3.41
CA ILE A 507 -19.63 -26.98 4.01
C ILE A 507 -19.57 -26.55 5.48
N PRO A 508 -20.48 -27.03 6.37
CA PRO A 508 -20.73 -26.38 7.64
C PRO A 508 -19.80 -26.87 8.72
N HIS A 509 -18.74 -27.61 8.34
CA HIS A 509 -17.84 -28.14 9.35
C HIS A 509 -16.51 -27.39 9.37
N VAL A 510 -16.56 -26.06 9.15
CA VAL A 510 -15.34 -25.31 8.94
C VAL A 510 -14.88 -24.88 10.33
N LYS A 511 -13.60 -25.11 10.60
CA LYS A 511 -13.00 -24.91 11.92
C LYS A 511 -12.03 -23.75 11.83
N TYR A 512 -11.24 -23.71 10.74
CA TYR A 512 -10.36 -22.59 10.49
C TYR A 512 -10.81 -21.86 9.23
N LEU A 513 -11.27 -20.59 9.40
CA LEU A 513 -11.72 -19.79 8.27
C LEU A 513 -10.88 -18.52 8.13
N ASP A 514 -10.25 -18.36 6.98
CA ASP A 514 -9.45 -17.15 6.80
C ASP A 514 -10.15 -16.14 5.89
N LEU A 515 -10.51 -14.98 6.44
CA LEU A 515 -11.26 -14.00 5.68
C LEU A 515 -10.55 -12.66 5.60
N THR A 516 -9.21 -12.67 5.59
CA THR A 516 -8.49 -11.42 5.64
C THR A 516 -8.53 -10.75 4.26
N ASN A 517 -8.54 -9.38 4.27
CA ASN A 517 -8.43 -8.50 3.11
C ASN A 517 -9.64 -8.60 2.18
N ASN A 518 -10.82 -8.32 2.73
CA ASN A 518 -12.08 -8.28 2.00
C ASN A 518 -12.86 -7.13 2.57
N ARG A 519 -14.17 -7.07 2.30
CA ARG A 519 -14.95 -5.86 2.49
C ARG A 519 -16.32 -6.27 3.01
N LEU A 520 -16.27 -7.27 3.91
CA LEU A 520 -17.36 -8.09 4.40
C LEU A 520 -18.11 -7.35 5.50
N ASP A 521 -19.45 -7.30 5.35
CA ASP A 521 -20.42 -6.90 6.36
C ASP A 521 -20.79 -8.09 7.27
N PHE A 522 -20.82 -7.85 8.59
CA PHE A 522 -21.29 -8.84 9.55
C PHE A 522 -22.01 -8.20 10.73
N ASP A 523 -23.00 -7.35 10.45
CA ASP A 523 -23.74 -6.61 11.47
C ASP A 523 -24.94 -7.40 11.93
N ASN A 524 -25.33 -8.35 11.06
CA ASN A 524 -26.41 -9.28 11.31
C ASN A 524 -25.94 -10.25 12.39
N ALA A 525 -26.77 -10.45 13.44
CA ALA A 525 -26.46 -11.37 14.52
C ALA A 525 -26.43 -12.82 14.03
N SER A 526 -26.69 -13.03 12.73
CA SER A 526 -26.73 -14.35 12.11
C SER A 526 -25.37 -14.71 11.50
N ALA A 527 -24.49 -13.71 11.40
CA ALA A 527 -23.36 -13.72 10.48
C ALA A 527 -22.42 -14.87 10.79
N LEU A 528 -22.33 -15.85 9.89
CA LEU A 528 -21.35 -16.92 10.06
C LEU A 528 -21.81 -18.01 11.05
N THR A 529 -23.07 -17.98 11.51
CA THR A 529 -23.48 -18.88 12.59
C THR A 529 -23.70 -20.31 12.12
N GLU A 530 -23.80 -20.49 10.79
CA GLU A 530 -23.94 -21.79 10.17
C GLU A 530 -22.62 -22.58 10.20
N LEU A 531 -21.68 -22.15 11.04
CA LEU A 531 -20.38 -22.80 11.12
C LEU A 531 -20.03 -23.09 12.58
N SER A 532 -20.79 -24.02 13.19
CA SER A 532 -20.89 -24.18 14.63
C SER A 532 -19.57 -24.69 15.21
N ASP A 533 -18.83 -25.42 14.36
CA ASP A 533 -17.61 -26.13 14.74
C ASP A 533 -16.40 -25.18 14.64
N LEU A 534 -16.62 -23.93 14.21
CA LEU A 534 -15.57 -22.96 13.92
C LEU A 534 -14.74 -22.72 15.17
N GLU A 535 -13.41 -22.74 14.97
CA GLU A 535 -12.45 -22.57 16.05
C GLU A 535 -11.57 -21.35 15.84
N VAL A 536 -11.20 -21.05 14.59
CA VAL A 536 -10.42 -19.85 14.29
C VAL A 536 -11.14 -19.01 13.25
N LEU A 537 -11.27 -17.71 13.53
CA LEU A 537 -11.85 -16.75 12.59
C LEU A 537 -10.89 -15.59 12.36
N ASP A 538 -10.35 -15.49 11.13
CA ASP A 538 -9.42 -14.41 10.81
C ASP A 538 -10.13 -13.34 9.98
N LEU A 539 -10.27 -12.12 10.53
CA LEU A 539 -11.01 -11.10 9.82
C LEU A 539 -10.17 -9.84 9.73
N SER A 540 -8.84 -9.98 9.82
CA SER A 540 -7.92 -8.85 9.73
C SER A 540 -8.30 -8.10 8.47
N TYR A 541 -8.31 -6.76 8.54
CA TYR A 541 -8.35 -5.94 7.33
C TYR A 541 -9.68 -6.15 6.61
N ASN A 542 -10.77 -5.77 7.29
CA ASN A 542 -12.10 -5.84 6.68
C ASN A 542 -12.85 -4.52 6.89
N SER A 543 -13.39 -4.01 5.78
CA SER A 543 -13.98 -2.68 5.75
C SER A 543 -15.20 -2.77 4.86
N HIS A 544 -16.41 -2.75 5.44
CA HIS A 544 -17.59 -2.99 4.62
C HIS A 544 -18.19 -1.69 4.07
N TYR A 545 -19.23 -1.88 3.24
CA TYR A 545 -19.87 -0.80 2.51
C TYR A 545 -21.30 -0.62 2.99
N PHE A 546 -21.65 -1.13 4.18
CA PHE A 546 -23.06 -1.05 4.55
C PHE A 546 -23.25 -0.31 5.87
N ARG A 547 -22.21 0.41 6.34
CA ARG A 547 -22.31 1.26 7.51
CA ARG A 547 -22.30 1.31 7.48
C ARG A 547 -23.70 1.91 7.56
N ILE A 548 -24.64 1.24 8.24
CA ILE A 548 -25.87 1.92 8.63
C ILE A 548 -25.55 2.62 9.96
N ALA A 549 -26.15 3.78 10.23
CA ALA A 549 -26.02 4.38 11.54
C ALA A 549 -26.90 3.63 12.54
N GLY A 550 -26.32 3.37 13.73
CA GLY A 550 -27.01 2.69 14.82
C GLY A 550 -26.92 1.16 14.72
N VAL A 551 -26.43 0.64 13.60
CA VAL A 551 -26.10 -0.76 13.42
C VAL A 551 -24.58 -0.86 13.22
N THR A 552 -24.03 0.00 12.36
CA THR A 552 -22.64 0.46 12.42
C THR A 552 -21.67 -0.70 12.34
N HIS A 553 -21.22 -1.11 13.55
CA HIS A 553 -20.58 -2.38 13.88
C HIS A 553 -21.36 -3.07 14.99
N HIS A 554 -22.06 -4.15 14.61
CA HIS A 554 -22.70 -5.10 15.51
C HIS A 554 -21.80 -6.33 15.60
N LEU A 555 -21.43 -6.72 16.82
CA LEU A 555 -20.56 -7.88 17.05
C LEU A 555 -21.30 -9.00 17.78
N GLU A 556 -22.58 -9.15 17.47
CA GLU A 556 -23.45 -10.07 18.18
C GLU A 556 -23.25 -11.51 17.71
N PHE A 557 -22.86 -11.69 16.43
CA PHE A 557 -22.76 -13.01 15.82
C PHE A 557 -21.82 -13.93 16.62
N ILE A 558 -21.07 -13.33 17.56
CA ILE A 558 -19.97 -14.00 18.24
C ILE A 558 -20.47 -14.74 19.49
N GLN A 559 -21.69 -14.40 19.93
CA GLN A 559 -22.33 -15.11 21.01
C GLN A 559 -22.81 -16.51 20.60
N ASN A 560 -22.77 -16.85 19.30
CA ASN A 560 -23.24 -18.15 18.89
C ASN A 560 -22.23 -19.25 19.17
N PHE A 561 -20.95 -18.94 18.98
CA PHE A 561 -19.94 -20.00 18.91
C PHE A 561 -19.61 -20.49 20.32
N THR A 562 -19.79 -21.82 20.54
CA THR A 562 -19.47 -22.43 21.82
C THR A 562 -18.06 -23.00 21.76
N ASN A 563 -17.49 -23.08 20.55
CA ASN A 563 -16.13 -23.56 20.47
C ASN A 563 -15.22 -22.57 19.73
N LEU A 564 -15.70 -21.35 19.42
CA LEU A 564 -14.81 -20.33 18.87
C LEU A 564 -13.68 -20.02 19.86
N LYS A 565 -12.43 -20.15 19.41
CA LYS A 565 -11.27 -20.13 20.29
C LYS A 565 -10.40 -18.91 19.96
N VAL A 566 -10.08 -18.72 18.68
CA VAL A 566 -9.39 -17.49 18.24
C VAL A 566 -10.28 -16.56 17.40
N LEU A 567 -10.05 -15.26 17.53
CA LEU A 567 -10.74 -14.28 16.68
C LEU A 567 -9.79 -13.12 16.42
N ASN A 568 -9.47 -12.89 15.14
CA ASN A 568 -8.61 -11.76 14.79
C ASN A 568 -9.41 -10.66 14.09
N LEU A 569 -9.60 -9.55 14.81
CA LEU A 569 -10.34 -8.38 14.33
C LEU A 569 -9.40 -7.21 14.04
N SER A 570 -8.10 -7.49 13.83
CA SER A 570 -7.17 -6.41 13.54
C SER A 570 -7.67 -5.59 12.36
N HIS A 571 -7.45 -4.27 12.46
CA HIS A 571 -7.60 -3.30 11.38
C HIS A 571 -8.99 -3.37 10.75
N ASN A 572 -10.05 -3.11 11.54
CA ASN A 572 -11.38 -2.99 10.98
C ASN A 572 -11.93 -1.56 11.11
N ASN A 573 -11.07 -0.65 11.63
CA ASN A 573 -11.49 0.68 12.04
C ASN A 573 -12.79 0.63 12.86
N ILE A 574 -12.74 -0.06 13.98
CA ILE A 574 -13.92 -0.16 14.81
C ILE A 574 -13.85 1.01 15.78
N TYR A 575 -14.90 1.84 15.74
CA TYR A 575 -15.00 3.03 16.58
C TYR A 575 -16.45 3.23 16.98
N THR A 576 -17.31 2.28 16.57
CA THR A 576 -18.74 2.40 16.81
C THR A 576 -19.39 1.02 16.97
N LEU A 577 -19.93 0.72 18.18
CA LEU A 577 -20.51 -0.58 18.56
C LEU A 577 -21.91 -0.41 19.16
N THR A 578 -22.83 -1.34 18.84
CA THR A 578 -24.26 -1.06 19.00
C THR A 578 -25.10 -2.24 19.52
N ASP A 579 -24.83 -2.73 20.74
CA ASP A 579 -25.65 -3.76 21.38
C ASP A 579 -25.71 -3.54 22.88
N LYS A 580 -26.30 -4.48 23.63
CA LYS A 580 -26.19 -4.51 25.08
C LYS A 580 -24.79 -5.02 25.45
N TYR A 581 -24.27 -4.58 26.62
CA TYR A 581 -22.86 -4.52 26.95
C TYR A 581 -22.14 -5.87 26.85
N ASN A 582 -22.73 -6.92 27.45
CA ASN A 582 -22.05 -8.17 27.73
C ASN A 582 -21.85 -8.98 26.45
N LEU A 583 -20.59 -9.07 26.01
CA LEU A 583 -20.27 -9.68 24.73
C LEU A 583 -20.36 -11.20 24.79
N GLU A 584 -20.36 -11.75 26.02
CA GLU A 584 -20.67 -13.14 26.36
C GLU A 584 -20.13 -14.14 25.33
N SER A 585 -19.04 -14.82 25.74
CA SER A 585 -18.40 -15.90 25.01
C SER A 585 -17.58 -16.74 25.99
N LYS A 586 -18.14 -17.89 26.36
CA LYS A 586 -17.46 -18.76 27.31
C LYS A 586 -16.29 -19.43 26.62
N SER A 587 -16.35 -19.45 25.28
CA SER A 587 -15.38 -20.22 24.53
C SER A 587 -14.07 -19.46 24.38
N LEU A 588 -14.20 -18.18 23.98
CA LEU A 588 -13.12 -17.49 23.29
C LEU A 588 -11.97 -17.25 24.24
N VAL A 589 -10.76 -17.47 23.70
CA VAL A 589 -9.47 -17.59 24.39
C VAL A 589 -8.50 -16.49 23.97
N GLU A 590 -8.46 -16.17 22.66
CA GLU A 590 -7.62 -15.08 22.11
C GLU A 590 -8.47 -14.07 21.34
N LEU A 591 -8.25 -12.77 21.59
CA LEU A 591 -8.83 -11.70 20.76
C LEU A 591 -7.72 -10.73 20.36
N VAL A 592 -7.39 -10.68 19.06
CA VAL A 592 -6.57 -9.59 18.55
C VAL A 592 -7.48 -8.42 18.17
N PHE A 593 -7.17 -7.21 18.66
CA PHE A 593 -8.07 -6.09 18.41
C PHE A 593 -7.33 -4.86 17.95
N SER A 594 -6.08 -5.03 17.49
CA SER A 594 -5.26 -3.89 17.11
C SER A 594 -5.89 -3.18 15.91
N GLY A 595 -5.29 -2.03 15.51
CA GLY A 595 -5.78 -1.20 14.42
C GLY A 595 -7.27 -0.91 14.55
N ASN A 596 -7.72 -0.58 15.76
CA ASN A 596 -9.07 -0.03 15.91
C ASN A 596 -9.01 1.29 16.68
N ARG A 597 -10.17 1.76 17.16
CA ARG A 597 -10.23 3.06 17.80
C ARG A 597 -10.83 2.92 19.19
N LEU A 598 -10.18 2.07 20.00
CA LEU A 598 -10.52 1.97 21.40
C LEU A 598 -10.53 3.36 22.00
N ASP A 599 -9.47 4.14 21.69
CA ASP A 599 -9.32 5.51 22.13
C ASP A 599 -10.67 6.21 21.94
N ILE A 600 -11.20 6.24 20.70
CA ILE A 600 -12.48 6.87 20.41
C ILE A 600 -13.58 6.23 21.27
N LEU A 601 -13.52 4.91 21.43
CA LEU A 601 -14.58 4.14 22.05
C LEU A 601 -14.61 4.40 23.55
N TRP A 602 -13.43 4.40 24.18
CA TRP A 602 -13.37 4.59 25.62
C TRP A 602 -13.52 6.05 26.02
N ASN A 603 -13.58 6.96 25.02
CA ASN A 603 -13.78 8.39 25.26
C ASN A 603 -15.27 8.71 25.28
N ASP A 604 -16.12 7.70 25.02
CA ASP A 604 -17.56 7.87 25.02
C ASP A 604 -17.98 8.57 26.32
N ASP A 605 -18.83 9.59 26.18
CA ASP A 605 -19.17 10.51 27.26
C ASP A 605 -20.29 9.93 28.14
N ASP A 606 -20.98 8.90 27.62
CA ASP A 606 -22.05 8.18 28.30
C ASP A 606 -21.49 6.88 28.90
N ASN A 607 -20.20 6.62 28.67
CA ASN A 607 -19.44 5.51 29.25
C ASN A 607 -20.09 4.18 28.86
N ARG A 608 -20.42 4.08 27.57
CA ARG A 608 -21.22 2.97 27.11
C ARG A 608 -20.34 1.76 26.84
N TYR A 609 -19.01 1.91 27.02
CA TYR A 609 -18.03 0.94 26.52
C TYR A 609 -17.01 0.57 27.59
N ILE A 610 -17.38 0.71 28.87
CA ILE A 610 -16.58 0.31 30.01
C ILE A 610 -16.33 -1.21 29.96
N SER A 611 -17.45 -1.95 29.92
CA SER A 611 -17.52 -3.41 29.98
C SER A 611 -17.73 -3.97 28.56
N ILE A 612 -16.70 -3.88 27.72
CA ILE A 612 -16.86 -4.16 26.30
C ILE A 612 -16.30 -5.55 26.01
N PHE A 613 -15.55 -6.08 26.99
CA PHE A 613 -14.75 -7.28 26.86
C PHE A 613 -14.86 -8.18 28.10
N LYS A 614 -15.67 -7.75 29.08
CA LYS A 614 -15.81 -8.41 30.37
C LYS A 614 -16.67 -9.67 30.20
N GLY A 615 -17.48 -9.67 29.13
CA GLY A 615 -18.27 -10.82 28.77
C GLY A 615 -17.47 -11.95 28.11
N LEU A 616 -16.14 -11.75 27.90
CA LEU A 616 -15.23 -12.74 27.33
C LEU A 616 -14.44 -13.44 28.45
N LYS A 617 -15.15 -14.33 29.15
CA LYS A 617 -14.75 -14.82 30.46
C LYS A 617 -13.51 -15.70 30.35
N ASN A 618 -13.30 -16.31 29.16
CA ASN A 618 -12.28 -17.34 29.07
C ASN A 618 -11.01 -16.74 28.50
N LEU A 619 -11.11 -15.50 28.04
CA LEU A 619 -10.05 -14.91 27.26
C LEU A 619 -8.77 -14.93 28.08
N THR A 620 -7.65 -15.37 27.48
CA THR A 620 -6.39 -15.30 28.21
C THR A 620 -5.38 -14.42 27.47
N ARG A 621 -5.60 -14.27 26.15
CA ARG A 621 -4.75 -13.38 25.35
C ARG A 621 -5.55 -12.17 24.85
N LEU A 622 -4.90 -10.99 24.85
CA LEU A 622 -5.50 -9.77 24.33
C LEU A 622 -4.43 -8.86 23.75
N ASP A 623 -4.59 -8.50 22.48
CA ASP A 623 -3.70 -7.57 21.83
C ASP A 623 -4.49 -6.29 21.62
N LEU A 624 -4.06 -5.22 22.30
CA LEU A 624 -4.78 -3.96 22.26
C LEU A 624 -3.86 -2.88 21.70
N SER A 625 -2.90 -3.29 20.87
CA SER A 625 -1.94 -2.34 20.35
C SER A 625 -2.58 -1.56 19.20
N LEU A 626 -1.86 -0.53 18.72
CA LEU A 626 -2.24 0.31 17.59
C LEU A 626 -3.69 0.75 17.71
N ASN A 627 -4.13 1.06 18.93
CA ASN A 627 -5.43 1.68 19.07
C ASN A 627 -5.30 3.18 19.29
N ARG A 628 -4.06 3.71 19.23
CA ARG A 628 -3.83 5.12 19.53
C ARG A 628 -4.45 5.53 20.88
N LEU A 629 -4.36 4.65 21.89
CA LEU A 629 -4.85 4.92 23.23
C LEU A 629 -3.87 5.84 23.94
N LYS A 630 -4.41 6.79 24.72
CA LYS A 630 -3.57 7.75 25.42
C LYS A 630 -3.74 7.54 26.91
N HIS A 631 -5.00 7.43 27.34
CA HIS A 631 -5.40 7.05 28.68
C HIS A 631 -6.46 5.95 28.57
N ILE A 632 -6.22 4.80 29.23
CA ILE A 632 -7.31 3.87 29.46
C ILE A 632 -8.03 4.27 30.75
N PRO A 633 -9.32 4.67 30.71
CA PRO A 633 -10.10 4.87 31.93
C PRO A 633 -9.93 3.72 32.94
N ASN A 634 -9.86 4.08 34.22
CA ASN A 634 -9.60 3.13 35.28
C ASN A 634 -10.68 2.06 35.35
N GLU A 635 -11.94 2.44 35.13
CA GLU A 635 -13.05 1.49 35.18
C GLU A 635 -13.08 0.67 33.89
N ALA A 636 -12.50 1.20 32.80
CA ALA A 636 -12.52 0.49 31.53
C ALA A 636 -11.51 -0.65 31.56
N PHE A 637 -10.48 -0.50 32.40
CA PHE A 637 -9.38 -1.44 32.54
C PHE A 637 -9.76 -2.53 33.53
N LEU A 638 -10.43 -2.13 34.62
CA LEU A 638 -10.91 -3.03 35.64
C LEU A 638 -12.04 -3.92 35.10
N ASN A 639 -12.45 -3.71 33.85
CA ASN A 639 -13.49 -4.52 33.23
C ASN A 639 -12.93 -5.30 32.03
N LEU A 640 -11.61 -5.52 32.05
CA LEU A 640 -11.00 -6.63 31.33
C LEU A 640 -11.26 -7.91 32.13
N PRO A 641 -11.39 -9.08 31.46
CA PRO A 641 -11.65 -10.34 32.15
C PRO A 641 -10.43 -10.69 33.01
N ALA A 642 -10.67 -11.15 34.25
CA ALA A 642 -9.57 -11.34 35.19
C ALA A 642 -8.70 -12.54 34.81
N SER A 643 -9.17 -13.29 33.78
CA SER A 643 -8.61 -14.52 33.23
C SER A 643 -7.34 -14.29 32.42
N LEU A 644 -7.13 -13.06 31.99
CA LEU A 644 -6.07 -12.77 31.03
C LEU A 644 -4.71 -13.21 31.59
N THR A 645 -3.78 -13.48 30.68
CA THR A 645 -2.49 -14.10 30.97
C THR A 645 -1.41 -13.39 30.17
N GLU A 646 -1.76 -12.96 28.94
CA GLU A 646 -1.00 -12.03 28.13
C GLU A 646 -1.86 -10.81 27.78
N LEU A 647 -1.31 -9.63 28.07
CA LEU A 647 -1.95 -8.36 27.71
C LEU A 647 -0.93 -7.49 27.00
N HIS A 648 -1.32 -7.01 25.82
CA HIS A 648 -0.45 -6.29 24.91
C HIS A 648 -1.02 -4.90 24.63
N ILE A 649 -0.38 -3.85 25.14
CA ILE A 649 -0.83 -2.52 24.77
C ILE A 649 0.35 -1.75 24.20
N ASN A 650 1.27 -2.47 23.58
CA ASN A 650 2.39 -1.87 22.88
C ASN A 650 1.90 -1.06 21.68
N ASP A 651 2.77 -0.17 21.18
CA ASP A 651 2.54 0.76 20.08
C ASP A 651 1.19 1.50 20.17
N ASN A 652 0.88 2.05 21.35
CA ASN A 652 -0.14 3.07 21.44
C ASN A 652 0.53 4.40 21.81
N MET A 653 -0.17 5.23 22.58
CA MET A 653 0.35 6.51 23.03
C MET A 653 0.01 6.70 24.51
N LEU A 654 0.57 5.82 25.35
CA LEU A 654 0.31 5.90 26.78
C LEU A 654 1.40 6.75 27.40
N LYS A 655 1.02 7.51 28.45
CA LYS A 655 1.91 8.37 29.21
C LYS A 655 1.95 7.89 30.66
N PHE A 656 0.79 7.41 31.15
CA PHE A 656 0.64 7.03 32.53
C PHE A 656 -0.05 5.67 32.60
N PHE A 657 0.46 4.77 33.47
CA PHE A 657 -0.16 3.48 33.66
C PHE A 657 -0.33 3.14 35.14
N ASN A 658 -1.60 2.93 35.54
CA ASN A 658 -1.94 2.72 36.94
C ASN A 658 -1.72 1.26 37.28
N TRP A 659 -0.51 0.98 37.78
CA TRP A 659 -0.06 -0.35 38.19
C TRP A 659 -1.05 -0.99 39.15
N THR A 660 -1.55 -0.20 40.11
CA THR A 660 -2.26 -0.74 41.26
C THR A 660 -3.63 -1.29 40.89
N LEU A 661 -3.90 -1.46 39.58
CA LEU A 661 -5.12 -2.12 39.10
C LEU A 661 -4.85 -3.59 38.77
N LEU A 662 -3.56 -3.91 38.57
CA LEU A 662 -3.07 -5.23 38.25
C LEU A 662 -3.60 -6.26 39.27
N GLN A 663 -4.12 -5.76 40.39
CA GLN A 663 -4.54 -6.56 41.52
C GLN A 663 -5.74 -7.42 41.16
N GLN A 664 -6.64 -6.85 40.34
CA GLN A 664 -7.79 -7.56 39.84
C GLN A 664 -7.37 -8.62 38.81
N PHE A 665 -6.07 -8.73 38.52
CA PHE A 665 -5.57 -9.68 37.53
C PHE A 665 -4.68 -10.76 38.17
N PRO A 666 -5.27 -11.80 38.83
CA PRO A 666 -4.50 -12.85 39.50
C PRO A 666 -3.68 -13.78 38.61
N ARG A 667 -4.16 -14.05 37.38
CA ARG A 667 -3.51 -15.01 36.48
C ARG A 667 -2.55 -14.30 35.51
N LEU A 668 -2.68 -12.99 35.33
CA LEU A 668 -1.81 -12.23 34.43
C LEU A 668 -0.32 -12.58 34.61
N GLU A 669 0.42 -12.64 33.50
CA GLU A 669 1.76 -13.23 33.51
C GLU A 669 2.69 -12.52 32.54
N LEU A 670 2.11 -11.98 31.47
CA LEU A 670 2.86 -11.19 30.50
C LEU A 670 2.12 -9.87 30.26
N LEU A 671 2.89 -8.78 30.35
CA LEU A 671 2.40 -7.44 30.08
C LEU A 671 3.41 -6.75 29.21
N ASP A 672 2.89 -6.13 28.15
CA ASP A 672 3.69 -5.59 27.08
C ASP A 672 3.23 -4.17 26.83
N LEU A 673 4.08 -3.22 27.19
CA LEU A 673 3.78 -1.79 27.03
C LEU A 673 4.91 -1.12 26.24
N ARG A 674 5.48 -1.84 25.26
CA ARG A 674 6.56 -1.28 24.46
C ARG A 674 5.98 -0.27 23.48
N GLY A 675 6.81 0.68 23.04
CA GLY A 675 6.36 1.75 22.16
C GLY A 675 5.11 2.46 22.66
N ASN A 676 5.13 2.87 23.93
CA ASN A 676 4.23 3.90 24.43
C ASN A 676 5.09 5.05 24.94
N LYS A 677 4.55 5.83 25.86
CA LYS A 677 5.30 6.98 26.33
C LYS A 677 5.23 7.06 27.85
N LEU A 678 5.70 6.00 28.52
CA LEU A 678 5.57 5.97 29.96
C LEU A 678 6.74 6.67 30.64
N LEU A 679 6.44 7.33 31.77
CA LEU A 679 7.35 8.17 32.57
C LEU A 679 7.71 7.48 33.88
N PHE A 680 6.69 7.30 34.73
CA PHE A 680 6.84 6.90 36.13
C PHE A 680 6.48 5.42 36.23
N LEU A 681 7.23 4.69 37.08
CA LEU A 681 6.92 3.30 37.43
C LEU A 681 6.19 3.26 38.78
N THR A 682 6.49 2.25 39.61
CA THR A 682 5.88 2.19 40.93
C THR A 682 6.82 1.53 41.93
N ASP A 683 6.70 1.97 43.19
CA ASP A 683 7.63 1.65 44.27
C ASP A 683 7.11 0.46 45.08
N SER A 684 5.87 0.02 44.78
CA SER A 684 5.23 -1.05 45.55
C SER A 684 4.59 -2.07 44.62
N LEU A 685 5.20 -2.33 43.45
CA LEU A 685 4.59 -3.21 42.46
C LEU A 685 4.60 -4.65 42.96
N SER A 686 5.41 -4.89 43.99
CA SER A 686 5.52 -6.18 44.67
C SER A 686 4.20 -6.53 45.38
N ASP A 687 3.32 -5.52 45.52
CA ASP A 687 2.12 -5.62 46.34
C ASP A 687 0.87 -5.89 45.48
N PHE A 688 0.93 -5.50 44.20
CA PHE A 688 -0.27 -5.36 43.37
C PHE A 688 -0.43 -6.55 42.41
N THR A 689 0.62 -7.37 42.29
CA THR A 689 0.62 -8.55 41.44
C THR A 689 1.75 -9.49 41.86
N SER A 690 1.42 -10.78 41.98
CA SER A 690 2.43 -11.79 42.30
C SER A 690 2.49 -12.88 41.22
N SER A 691 1.72 -12.71 40.14
CA SER A 691 1.63 -13.70 39.08
C SER A 691 2.59 -13.39 37.93
N LEU A 692 2.92 -12.09 37.78
CA LEU A 692 3.47 -11.48 36.58
C LEU A 692 4.92 -11.90 36.30
N ARG A 693 5.14 -12.48 35.12
CA ARG A 693 6.37 -13.20 34.84
C ARG A 693 7.30 -12.31 34.01
N THR A 694 6.77 -11.79 32.89
CA THR A 694 7.48 -10.94 31.93
C THR A 694 6.82 -9.56 31.81
N LEU A 695 7.64 -8.50 31.92
CA LEU A 695 7.19 -7.11 31.77
C LEU A 695 8.11 -6.38 30.78
N LEU A 696 7.52 -5.94 29.66
CA LEU A 696 8.27 -5.34 28.57
C LEU A 696 7.90 -3.88 28.42
N LEU A 697 8.95 -3.04 28.44
CA LEU A 697 8.87 -1.60 28.59
C LEU A 697 10.00 -0.93 27.79
N SER A 698 10.54 -1.63 26.79
CA SER A 698 11.46 -0.94 25.91
C SER A 698 10.68 0.06 25.04
N HIS A 699 11.39 1.12 24.63
CA HIS A 699 10.83 2.25 23.91
C HIS A 699 9.79 2.98 24.77
N ASN A 700 10.27 3.60 25.84
CA ASN A 700 9.47 4.48 26.70
C ASN A 700 10.38 5.59 27.23
N ARG A 701 9.78 6.47 28.04
CA ARG A 701 10.42 7.70 28.51
C ARG A 701 10.77 7.54 29.98
N ILE A 702 11.56 6.52 30.30
CA ILE A 702 11.84 6.18 31.69
C ILE A 702 13.31 6.51 31.98
N SER A 703 13.54 7.15 33.14
CA SER A 703 14.86 7.57 33.59
C SER A 703 15.05 7.34 35.09
N HIS A 704 13.95 7.38 35.85
CA HIS A 704 14.00 7.13 37.29
C HIS A 704 13.53 5.71 37.58
N LEU A 705 14.39 4.93 38.27
CA LEU A 705 14.07 3.58 38.70
C LEU A 705 13.79 3.55 40.21
N PRO A 706 12.51 3.34 40.63
CA PRO A 706 12.09 3.58 42.02
C PRO A 706 12.81 2.74 43.09
N SER A 707 12.85 3.29 44.30
CA SER A 707 13.53 2.68 45.44
C SER A 707 12.59 1.73 46.18
N GLY A 708 11.69 1.10 45.40
CA GLY A 708 10.98 -0.09 45.82
C GLY A 708 11.21 -1.20 44.80
N PHE A 709 10.23 -1.39 43.91
CA PHE A 709 10.38 -2.18 42.69
C PHE A 709 10.12 -3.66 42.97
N LEU A 710 11.16 -4.48 42.80
CA LEU A 710 11.08 -5.91 43.02
C LEU A 710 12.30 -6.42 43.79
N SER A 711 12.10 -6.68 45.08
CA SER A 711 13.04 -7.44 45.91
C SER A 711 12.30 -8.15 47.04
N GLU A 712 12.54 -9.46 47.16
CA GLU A 712 11.96 -10.34 48.18
C GLU A 712 10.52 -10.74 47.83
N VAL A 713 9.54 -9.89 48.14
CA VAL A 713 8.15 -10.15 47.76
C VAL A 713 7.97 -9.77 46.28
N SER A 714 8.66 -10.53 45.38
CA SER A 714 9.02 -10.08 44.04
C SER A 714 8.31 -10.87 42.95
N SER A 715 8.20 -10.23 41.78
CA SER A 715 7.32 -10.63 40.69
C SER A 715 8.12 -11.17 39.49
N LEU A 716 8.75 -12.33 39.68
CA LEU A 716 9.18 -13.26 38.64
C LEU A 716 10.11 -12.67 37.55
N LYS A 717 10.10 -13.28 36.35
CA LYS A 717 11.32 -13.69 35.64
C LYS A 717 11.95 -12.65 34.71
N HIS A 718 11.18 -11.96 33.87
CA HIS A 718 11.80 -11.26 32.75
C HIS A 718 11.41 -9.78 32.69
N LEU A 719 12.43 -8.90 32.62
CA LEU A 719 12.25 -7.45 32.65
C LEU A 719 13.00 -6.74 31.51
N ASP A 720 12.23 -6.24 30.52
CA ASP A 720 12.77 -5.49 29.41
C ASP A 720 12.65 -3.99 29.69
N LEU A 721 13.79 -3.30 29.71
CA LEU A 721 13.89 -1.88 29.99
C LEU A 721 14.95 -1.26 29.11
N SER A 722 14.99 -1.71 27.85
CA SER A 722 15.86 -1.15 26.83
C SER A 722 15.20 0.08 26.22
N SER A 723 15.89 0.71 25.26
CA SER A 723 15.41 1.89 24.57
C SER A 723 14.61 2.82 25.49
N ASN A 724 15.09 3.00 26.72
CA ASN A 724 14.53 4.01 27.59
C ASN A 724 15.47 5.21 27.64
N LEU A 725 15.39 5.94 28.76
CA LEU A 725 16.07 7.21 28.98
C LEU A 725 16.90 7.16 30.27
N LEU A 726 17.42 5.96 30.59
CA LEU A 726 18.17 5.77 31.81
C LEU A 726 19.55 6.42 31.72
N LYS A 727 19.88 7.21 32.76
CA LYS A 727 21.21 7.76 32.98
C LYS A 727 22.00 6.81 33.89
N THR A 728 21.39 6.47 35.03
CA THR A 728 22.08 5.76 36.10
C THR A 728 21.08 4.99 36.96
N ILE A 729 21.57 3.97 37.67
CA ILE A 729 20.75 3.14 38.53
C ILE A 729 21.45 3.00 39.89
N ASN A 730 20.76 3.41 40.96
CA ASN A 730 21.38 3.67 42.25
C ASN A 730 21.20 2.51 43.23
N LYS A 731 21.23 1.26 42.72
CA LYS A 731 21.22 0.02 43.49
C LYS A 731 19.96 -0.12 44.35
N SER A 732 19.40 1.02 44.79
CA SER A 732 18.21 1.10 45.63
C SER A 732 17.04 0.42 44.92
N ALA A 733 17.05 0.47 43.59
CA ALA A 733 16.20 -0.37 42.77
C ALA A 733 16.83 -1.76 42.75
N LEU A 734 15.98 -2.78 42.98
CA LEU A 734 16.38 -4.18 43.07
C LEU A 734 17.39 -4.34 44.20
N GLU A 735 16.86 -4.49 45.43
CA GLU A 735 17.65 -4.74 46.62
C GLU A 735 18.07 -6.21 46.66
N THR A 736 19.14 -6.50 47.42
CA THR A 736 19.64 -7.86 47.59
C THR A 736 18.91 -8.54 48.75
N LYS A 737 17.61 -8.21 48.88
CA LYS A 737 16.70 -8.91 49.77
C LYS A 737 16.37 -10.28 49.20
N THR A 738 16.65 -11.32 50.01
CA THR A 738 16.67 -12.73 49.62
C THR A 738 17.28 -12.87 48.21
N THR A 739 16.55 -13.48 47.28
CA THR A 739 17.01 -13.66 45.92
C THR A 739 15.84 -13.51 44.95
N THR A 740 15.72 -12.32 44.34
CA THR A 740 14.70 -12.04 43.33
C THR A 740 14.77 -13.08 42.21
N LYS A 741 13.61 -13.63 41.82
CA LYS A 741 13.56 -14.77 40.92
C LYS A 741 14.07 -14.41 39.52
N LEU A 742 14.43 -13.13 39.32
CA LEU A 742 14.71 -12.56 38.01
C LEU A 742 15.90 -13.24 37.32
N SER A 743 15.60 -13.91 36.21
CA SER A 743 16.61 -14.53 35.36
C SER A 743 17.19 -13.56 34.32
N MET A 744 16.34 -12.69 33.75
CA MET A 744 16.74 -11.93 32.56
C MET A 744 16.24 -10.49 32.59
N LEU A 745 17.11 -9.57 32.15
CA LEU A 745 16.94 -8.13 32.25
C LEU A 745 17.72 -7.46 31.13
N GLU A 746 17.01 -6.72 30.27
CA GLU A 746 17.62 -6.10 29.11
C GLU A 746 17.63 -4.59 29.33
N LEU A 747 18.76 -3.93 29.03
CA LEU A 747 18.88 -2.50 29.29
C LEU A 747 19.76 -1.80 28.23
N HIS A 748 19.80 -2.35 27.01
CA HIS A 748 20.60 -1.81 25.92
C HIS A 748 19.97 -0.51 25.38
N GLY A 749 20.78 0.28 24.64
CA GLY A 749 20.35 1.53 24.02
C GLY A 749 19.84 2.58 25.00
N ASN A 750 20.39 2.59 26.24
CA ASN A 750 20.05 3.61 27.21
C ASN A 750 21.10 4.72 27.14
N PRO A 751 20.74 5.99 27.46
CA PRO A 751 21.70 7.08 27.51
C PRO A 751 22.47 7.13 28.83
N PHE A 752 23.52 6.31 28.94
CA PHE A 752 24.18 6.05 30.20
C PHE A 752 25.21 7.12 30.55
N GLU A 753 25.33 7.35 31.87
CA GLU A 753 26.25 8.30 32.48
C GLU A 753 27.31 7.50 33.24
N CYS A 754 28.50 7.38 32.61
CA CYS A 754 29.55 6.49 33.09
C CYS A 754 30.72 7.30 33.63
N THR A 755 30.44 8.08 34.68
CA THR A 755 31.43 8.51 35.64
C THR A 755 30.93 8.09 37.03
N CYS A 756 31.59 7.07 37.60
CA CYS A 756 31.55 6.72 39.02
C CYS A 756 30.15 6.33 39.50
N ASP A 757 29.13 7.08 39.06
CA ASP A 757 27.73 6.77 39.38
C ASP A 757 27.49 5.28 39.19
N ILE A 758 28.00 4.76 38.05
CA ILE A 758 27.66 3.44 37.55
C ILE A 758 28.41 2.37 38.34
N GLY A 759 29.21 2.81 39.33
CA GLY A 759 30.00 1.91 40.15
C GLY A 759 29.15 0.87 40.87
N ASP A 760 27.90 1.26 41.21
CA ASP A 760 27.02 0.49 42.07
C ASP A 760 26.35 -0.66 41.32
N PHE A 761 25.85 -0.35 40.11
CA PHE A 761 25.23 -1.33 39.22
C PHE A 761 26.27 -2.36 38.76
N ARG A 762 27.45 -1.88 38.32
CA ARG A 762 28.47 -2.73 37.70
C ARG A 762 29.13 -3.62 38.74
N ARG A 763 28.89 -3.33 40.03
CA ARG A 763 29.15 -4.27 41.12
C ARG A 763 28.04 -5.32 41.09
N TRP A 764 26.81 -4.83 41.26
CA TRP A 764 25.57 -5.57 41.34
C TRP A 764 25.47 -6.64 40.23
N MET A 765 25.99 -6.31 39.05
CA MET A 765 26.05 -7.18 37.88
C MET A 765 26.91 -8.40 38.18
N ASP A 766 28.12 -8.13 38.68
CA ASP A 766 29.18 -9.12 38.84
C ASP A 766 28.86 -10.04 40.02
N GLU A 767 27.83 -9.70 40.80
CA GLU A 767 27.49 -10.45 41.99
C GLU A 767 26.20 -11.24 41.77
N HIS A 768 25.29 -10.67 40.96
CA HIS A 768 24.17 -11.42 40.45
C HIS A 768 24.47 -11.93 39.04
N LEU A 769 25.20 -13.06 39.04
CA LEU A 769 25.59 -13.79 37.84
C LEU A 769 24.41 -14.62 37.35
N ASN A 770 23.41 -14.82 38.23
CA ASN A 770 22.18 -15.57 37.99
C ASN A 770 21.17 -14.70 37.25
N VAL A 771 21.59 -13.49 36.86
CA VAL A 771 20.77 -12.51 36.18
C VAL A 771 21.44 -12.17 34.84
N LYS A 772 20.92 -12.75 33.75
CA LYS A 772 21.47 -12.60 32.42
C LYS A 772 21.10 -11.24 31.83
N ILE A 773 22.12 -10.46 31.43
CA ILE A 773 21.90 -9.28 30.61
C ILE A 773 22.35 -9.60 29.17
N PRO A 774 21.40 -9.72 28.22
CA PRO A 774 21.72 -9.82 26.79
C PRO A 774 22.28 -8.53 26.17
N ARG A 775 23.11 -8.74 25.13
CA ARG A 775 23.70 -7.70 24.31
C ARG A 775 24.44 -6.69 25.20
N LEU A 776 25.69 -7.04 25.54
CA LEU A 776 26.56 -6.22 26.38
C LEU A 776 27.25 -5.18 25.52
N VAL A 777 27.10 -5.30 24.19
CA VAL A 777 27.78 -4.46 23.22
C VAL A 777 26.80 -3.43 22.67
N ASP A 778 25.61 -3.37 23.28
CA ASP A 778 24.60 -2.38 22.94
C ASP A 778 24.26 -1.57 24.19
N VAL A 779 24.88 -1.93 25.32
CA VAL A 779 24.74 -1.16 26.56
C VAL A 779 25.80 -0.06 26.60
N ILE A 780 25.41 1.12 26.12
CA ILE A 780 26.34 2.17 25.74
C ILE A 780 26.27 3.30 26.78
N CYS A 781 27.33 4.13 26.85
CA CYS A 781 27.29 5.37 27.62
C CYS A 781 26.91 6.52 26.69
N ALA A 782 26.44 7.63 27.28
CA ALA A 782 26.04 8.81 26.52
C ALA A 782 26.60 10.08 27.15
N SER A 783 26.61 10.14 28.49
CA SER A 783 26.92 11.35 29.23
C SER A 783 28.39 11.78 29.08
N PRO A 784 29.38 11.17 29.77
CA PRO A 784 30.75 11.66 29.68
C PRO A 784 31.16 11.60 28.21
N GLY A 785 31.47 12.77 27.62
CA GLY A 785 31.78 12.90 26.21
C GLY A 785 33.12 12.26 25.84
N ASP A 786 33.76 11.61 26.82
CA ASP A 786 34.99 10.85 26.65
C ASP A 786 34.68 9.37 26.80
N GLN A 787 33.41 9.07 27.10
CA GLN A 787 32.92 7.73 27.45
C GLN A 787 31.81 7.28 26.50
N ARG A 788 31.30 8.22 25.69
CA ARG A 788 30.12 8.00 24.85
C ARG A 788 30.44 6.98 23.76
N GLY A 789 30.11 5.71 24.03
CA GLY A 789 30.41 4.62 23.12
C GLY A 789 31.03 3.42 23.84
N LYS A 790 30.59 2.22 23.41
CA LYS A 790 30.94 0.93 24.01
C LYS A 790 30.60 0.95 25.50
N SER A 791 31.54 0.48 26.33
CA SER A 791 31.56 0.83 27.73
C SER A 791 30.56 -0.01 28.54
N ILE A 792 30.32 0.45 29.78
CA ILE A 792 29.68 -0.26 30.89
C ILE A 792 30.53 -1.44 31.32
N VAL A 793 31.12 -2.11 30.32
CA VAL A 793 31.95 -3.28 30.51
C VAL A 793 33.42 -2.84 30.62
N SER A 794 33.67 -1.60 30.20
CA SER A 794 35.00 -1.00 30.16
C SER A 794 35.38 -0.45 31.54
N ARG B 10 0.28 44.23 0.30
CA ARG B 10 0.14 43.34 1.49
C ARG B 10 0.19 44.18 2.78
N SER B 11 -0.96 44.30 3.45
CA SER B 11 -1.00 44.76 4.84
C SER B 11 -1.09 43.57 5.79
N TYR B 12 -0.53 43.75 6.98
CA TYR B 12 -0.70 42.85 8.11
C TYR B 12 -2.01 43.23 8.81
N PRO B 13 -2.94 42.28 9.13
CA PRO B 13 -2.72 40.84 9.01
C PRO B 13 -3.34 40.11 7.82
N CYS B 14 -3.79 40.87 6.82
CA CYS B 14 -4.54 40.28 5.71
C CYS B 14 -3.89 40.63 4.38
N ASP B 15 -3.33 39.61 3.72
CA ASP B 15 -2.82 39.75 2.36
C ASP B 15 -3.96 40.28 1.49
N GLU B 16 -3.67 41.36 0.75
CA GLU B 16 -4.68 42.09 -0.02
C GLU B 16 -4.26 42.15 -1.49
N LYS B 17 -5.27 41.97 -2.37
CA LYS B 17 -5.13 41.99 -3.82
C LYS B 17 -6.42 42.52 -4.46
N LYS B 18 -6.33 42.98 -5.71
CA LYS B 18 -7.41 43.71 -6.34
C LYS B 18 -8.04 42.91 -7.48
N GLN B 19 -9.37 42.68 -7.38
CA GLN B 19 -10.16 42.12 -8.47
C GLN B 19 -11.33 43.06 -8.77
N ASN B 20 -11.48 43.41 -10.07
CA ASN B 20 -12.60 44.22 -10.55
C ASN B 20 -12.54 45.62 -9.94
N ASP B 21 -13.73 46.21 -9.70
CA ASP B 21 -13.90 47.43 -8.93
C ASP B 21 -14.44 47.06 -7.54
N SER B 22 -13.79 46.07 -6.91
CA SER B 22 -14.14 45.59 -5.57
C SER B 22 -12.92 44.96 -4.89
N VAL B 23 -12.49 45.57 -3.77
CA VAL B 23 -11.31 45.16 -3.03
C VAL B 23 -11.66 43.96 -2.13
N ILE B 24 -10.89 42.87 -2.25
CA ILE B 24 -11.09 41.67 -1.44
C ILE B 24 -9.96 41.52 -0.42
N ALA B 25 -10.34 41.14 0.81
CA ALA B 25 -9.43 41.01 1.94
C ALA B 25 -9.32 39.55 2.37
N GLU B 26 -8.11 38.99 2.33
CA GLU B 26 -7.93 37.61 2.76
C GLU B 26 -7.31 37.52 4.14
N CYS B 27 -8.16 37.19 5.15
CA CYS B 27 -7.72 37.02 6.53
C CYS B 27 -7.98 35.60 7.01
N SER B 28 -8.31 34.72 6.06
CA SER B 28 -8.53 33.31 6.37
C SER B 28 -7.23 32.68 6.86
N ASN B 29 -7.36 31.65 7.72
CA ASN B 29 -6.25 30.90 8.31
C ASN B 29 -5.07 31.84 8.63
N ARG B 30 -5.33 32.79 9.54
CA ARG B 30 -4.30 33.63 10.14
C ARG B 30 -4.35 33.46 11.67
N ARG B 31 -5.32 32.65 12.15
CA ARG B 31 -5.46 32.24 13.54
C ARG B 31 -5.86 33.39 14.46
N LEU B 32 -6.58 34.41 13.94
CA LEU B 32 -6.80 35.60 14.74
C LEU B 32 -8.08 35.49 15.57
N GLN B 33 -8.22 36.37 16.58
CA GLN B 33 -9.18 36.15 17.64
C GLN B 33 -10.24 37.26 17.67
N GLU B 34 -10.05 38.27 16.81
CA GLU B 34 -11.03 39.32 16.62
C GLU B 34 -10.95 39.87 15.20
N VAL B 35 -11.99 40.61 14.82
CA VAL B 35 -12.00 41.36 13.58
C VAL B 35 -10.77 42.26 13.53
N PRO B 36 -9.77 42.00 12.64
CA PRO B 36 -8.66 42.92 12.36
C PRO B 36 -8.93 44.42 12.30
N GLN B 37 -7.83 45.18 12.16
CA GLN B 37 -7.78 46.61 12.46
C GLN B 37 -7.44 47.41 11.20
N THR B 38 -6.53 46.86 10.38
CA THR B 38 -5.94 47.54 9.22
C THR B 38 -6.97 47.74 8.10
N VAL B 39 -7.92 46.79 7.99
CA VAL B 39 -8.92 46.77 6.94
C VAL B 39 -9.45 48.18 6.70
N GLY B 40 -9.00 48.78 5.59
CA GLY B 40 -9.43 50.12 5.20
C GLY B 40 -10.82 50.08 4.58
N LYS B 41 -11.48 51.24 4.52
CA LYS B 41 -12.82 51.35 3.96
C LYS B 41 -12.80 50.98 2.48
N TYR B 42 -11.58 50.78 1.95
CA TYR B 42 -11.31 50.28 0.61
C TYR B 42 -12.03 48.96 0.37
N VAL B 43 -11.98 48.08 1.38
CA VAL B 43 -12.40 46.69 1.26
C VAL B 43 -13.92 46.63 1.11
N THR B 44 -14.37 45.63 0.34
CA THR B 44 -15.75 45.55 -0.13
C THR B 44 -16.28 44.12 0.02
N GLU B 45 -15.37 43.13 0.08
CA GLU B 45 -15.68 41.73 0.36
C GLU B 45 -14.63 41.17 1.32
N LEU B 46 -15.08 40.60 2.44
CA LEU B 46 -14.16 40.25 3.53
C LEU B 46 -14.17 38.75 3.79
N ASP B 47 -12.95 38.18 3.93
CA ASP B 47 -12.75 36.76 4.18
C ASP B 47 -12.14 36.57 5.58
N LEU B 48 -12.79 35.76 6.41
CA LEU B 48 -12.43 35.64 7.83
C LEU B 48 -12.42 34.18 8.32
N SER B 49 -12.34 33.21 7.39
CA SER B 49 -12.52 31.81 7.72
C SER B 49 -11.24 31.20 8.31
N ASP B 50 -11.40 30.06 9.02
CA ASP B 50 -10.29 29.32 9.59
C ASP B 50 -9.53 30.19 10.60
N ASN B 51 -10.28 30.76 11.55
CA ASN B 51 -9.72 31.64 12.55
C ASN B 51 -10.11 31.14 13.94
N PHE B 52 -9.91 32.00 14.95
CA PHE B 52 -10.26 31.69 16.33
C PHE B 52 -11.19 32.76 16.91
N ILE B 53 -11.93 33.44 16.03
CA ILE B 53 -12.88 34.48 16.42
C ILE B 53 -14.10 33.81 17.08
N THR B 54 -14.69 34.47 18.08
CA THR B 54 -15.85 33.92 18.78
C THR B 54 -16.80 35.05 19.18
N HIS B 55 -16.49 36.27 18.73
CA HIS B 55 -17.24 37.44 19.15
C HIS B 55 -17.48 38.35 17.94
N ILE B 56 -18.74 38.80 17.78
CA ILE B 56 -19.11 39.74 16.72
C ILE B 56 -20.10 40.78 17.24
N THR B 57 -19.70 42.05 17.26
CA THR B 57 -20.45 43.11 17.93
C THR B 57 -20.92 44.15 16.91
N ASN B 58 -21.56 45.22 17.40
CA ASN B 58 -21.93 46.37 16.57
C ASN B 58 -20.67 47.09 16.08
N GLU B 59 -19.59 46.94 16.86
CA GLU B 59 -18.34 47.67 16.71
C GLU B 59 -17.40 46.94 15.75
N SER B 60 -17.52 45.60 15.73
CA SER B 60 -16.72 44.72 14.90
C SER B 60 -16.64 45.27 13.48
N PHE B 61 -17.84 45.57 12.93
CA PHE B 61 -18.03 46.01 11.56
C PHE B 61 -18.67 47.39 11.55
N GLN B 62 -17.84 48.43 11.67
CA GLN B 62 -18.20 49.83 11.45
C GLN B 62 -17.06 50.57 10.75
N GLY B 63 -17.43 51.52 9.88
CA GLY B 63 -16.47 52.31 9.11
C GLY B 63 -16.18 51.71 7.73
N LEU B 64 -16.52 50.42 7.59
CA LEU B 64 -16.14 49.61 6.45
C LEU B 64 -17.26 49.60 5.40
N GLN B 65 -18.27 50.48 5.58
CA GLN B 65 -19.62 50.35 5.03
C GLN B 65 -19.61 49.95 3.56
N ASN B 66 -18.44 50.11 2.92
CA ASN B 66 -18.21 49.77 1.53
C ASN B 66 -18.29 48.25 1.33
N LEU B 67 -18.41 47.49 2.43
CA LEU B 67 -18.45 46.04 2.40
C LEU B 67 -19.77 45.56 1.80
N THR B 68 -19.65 44.60 0.87
CA THR B 68 -20.79 43.89 0.30
C THR B 68 -20.87 42.44 0.79
N LYS B 69 -19.82 41.95 1.48
CA LYS B 69 -19.70 40.53 1.79
C LYS B 69 -18.75 40.27 2.96
N ILE B 70 -19.08 39.22 3.73
CA ILE B 70 -18.34 38.69 4.88
C ILE B 70 -18.39 37.16 4.80
N ASN B 71 -17.20 36.52 4.74
CA ASN B 71 -17.05 35.07 4.66
C ASN B 71 -17.32 34.41 6.01
N LEU B 72 -16.39 34.53 6.97
CA LEU B 72 -16.64 34.29 8.39
C LEU B 72 -16.92 32.83 8.76
N ASN B 73 -16.87 31.91 7.79
CA ASN B 73 -17.14 30.52 8.11
C ASN B 73 -16.04 30.01 9.04
N HIS B 74 -16.27 28.83 9.62
CA HIS B 74 -15.27 28.14 10.43
C HIS B 74 -14.72 29.07 11.50
N ASN B 75 -15.57 29.40 12.49
CA ASN B 75 -15.20 30.21 13.65
C ASN B 75 -16.09 29.90 14.86
N PRO B 76 -15.46 29.75 16.06
CA PRO B 76 -14.01 29.56 16.17
C PRO B 76 -13.56 28.21 15.63
N ASN B 77 -12.27 27.92 15.81
CA ASN B 77 -11.74 26.64 15.35
C ASN B 77 -11.16 25.91 16.56
N VAL B 78 -11.83 24.83 16.99
CA VAL B 78 -11.45 24.12 18.21
C VAL B 78 -11.20 22.63 17.88
N ASN B 90 -17.96 29.38 23.74
CA ASN B 90 -18.56 28.17 23.12
C ASN B 90 -18.59 28.31 21.60
N GLY B 91 -19.75 28.69 21.04
CA GLY B 91 -19.89 28.93 19.60
C GLY B 91 -19.22 30.24 19.18
N LEU B 92 -19.96 31.06 18.42
CA LEU B 92 -19.48 32.38 18.01
C LEU B 92 -20.63 33.38 18.19
N ASN B 93 -20.42 34.33 19.11
CA ASN B 93 -21.40 35.30 19.60
C ASN B 93 -21.68 36.32 18.50
N ILE B 94 -22.96 36.52 18.17
CA ILE B 94 -23.42 37.52 17.20
C ILE B 94 -24.46 38.41 17.89
N THR B 95 -24.24 39.73 17.85
CA THR B 95 -25.02 40.67 18.66
C THR B 95 -26.11 41.31 17.80
N ASP B 96 -27.31 41.46 18.40
CA ASP B 96 -28.53 41.90 17.74
C ASP B 96 -28.28 43.22 17.00
N GLY B 97 -28.00 43.11 15.69
CA GLY B 97 -27.81 44.25 14.81
C GLY B 97 -26.34 44.51 14.48
N ALA B 98 -25.47 43.53 14.76
CA ALA B 98 -24.04 43.65 14.52
C ALA B 98 -23.74 43.87 13.03
N PHE B 99 -24.81 43.84 12.23
CA PHE B 99 -24.77 43.78 10.78
C PHE B 99 -25.84 44.68 10.18
N LEU B 100 -26.88 44.94 10.99
CA LEU B 100 -27.97 45.87 10.68
C LEU B 100 -27.38 47.19 10.17
N ASN B 101 -26.06 47.36 10.39
CA ASN B 101 -25.27 48.55 10.15
C ASN B 101 -25.03 48.76 8.66
N LEU B 102 -24.48 47.73 7.99
CA LEU B 102 -23.97 47.83 6.63
C LEU B 102 -25.14 47.74 5.63
N LYS B 103 -25.23 48.73 4.73
CA LYS B 103 -26.35 48.75 3.79
C LYS B 103 -25.87 48.25 2.42
N ASN B 104 -24.70 47.59 2.38
CA ASN B 104 -24.09 47.11 1.14
C ASN B 104 -23.94 45.59 1.11
N LEU B 105 -24.31 44.94 2.23
CA LEU B 105 -23.94 43.56 2.50
C LEU B 105 -24.83 42.61 1.70
N ARG B 106 -24.29 42.15 0.56
CA ARG B 106 -24.91 41.19 -0.34
C ARG B 106 -24.86 39.80 0.29
N GLU B 107 -23.75 39.09 0.06
CA GLU B 107 -23.53 37.73 0.55
C GLU B 107 -23.07 37.82 2.01
N LEU B 108 -23.52 36.86 2.84
CA LEU B 108 -23.06 36.72 4.22
C LEU B 108 -23.02 35.23 4.58
N LEU B 109 -21.83 34.63 4.48
CA LEU B 109 -21.57 33.23 4.76
C LEU B 109 -21.22 33.01 6.25
N LEU B 110 -21.84 32.01 6.88
CA LEU B 110 -21.61 31.74 8.30
C LEU B 110 -21.64 30.23 8.55
N GLU B 111 -20.96 29.44 7.69
CA GLU B 111 -20.99 27.98 7.75
C GLU B 111 -19.99 27.49 8.80
N ASP B 112 -20.48 26.64 9.73
CA ASP B 112 -19.62 25.89 10.63
C ASP B 112 -19.17 26.75 11.80
N ASN B 113 -20.12 27.34 12.54
CA ASN B 113 -19.80 28.33 13.56
C ASN B 113 -20.43 27.99 14.91
N GLN B 114 -21.24 26.93 14.96
CA GLN B 114 -21.91 26.50 16.19
C GLN B 114 -22.87 27.57 16.71
N LEU B 115 -23.74 28.06 15.82
CA LEU B 115 -24.73 29.07 16.12
C LEU B 115 -25.96 28.41 16.74
N PRO B 116 -26.44 28.88 17.90
CA PRO B 116 -27.67 28.35 18.50
C PRO B 116 -29.01 28.71 17.83
N GLN B 117 -29.09 29.94 17.29
CA GLN B 117 -30.28 30.48 16.64
C GLN B 117 -29.84 31.26 15.40
N ILE B 118 -30.82 31.71 14.60
CA ILE B 118 -30.61 32.55 13.43
C ILE B 118 -30.32 33.99 13.86
N PRO B 119 -29.13 34.56 13.49
CA PRO B 119 -28.78 35.93 13.88
C PRO B 119 -29.96 36.90 13.88
N SER B 120 -30.39 37.29 15.09
CA SER B 120 -31.49 38.21 15.31
C SER B 120 -31.02 39.64 15.00
N GLY B 121 -31.49 40.24 13.90
CA GLY B 121 -31.12 41.60 13.52
C GLY B 121 -30.08 41.64 12.40
N LEU B 122 -30.58 41.67 11.16
CA LEU B 122 -29.78 41.37 9.98
C LEU B 122 -30.11 42.36 8.85
N PRO B 123 -29.13 42.70 7.99
CA PRO B 123 -29.34 43.67 6.92
C PRO B 123 -30.26 43.13 5.82
N GLU B 124 -30.96 44.09 5.17
CA GLU B 124 -32.00 43.88 4.17
C GLU B 124 -31.35 43.76 2.79
N SER B 125 -30.14 44.33 2.68
CA SER B 125 -29.31 44.31 1.47
C SER B 125 -28.80 42.91 1.14
N LEU B 126 -29.07 41.94 2.05
CA LEU B 126 -28.65 40.56 1.92
C LEU B 126 -29.40 39.89 0.76
N THR B 127 -28.62 39.26 -0.13
CA THR B 127 -29.14 38.46 -1.22
C THR B 127 -28.87 36.96 -0.97
N GLU B 128 -27.62 36.62 -0.61
CA GLU B 128 -27.19 35.24 -0.51
C GLU B 128 -26.65 34.97 0.89
N LEU B 129 -27.44 34.26 1.71
CA LEU B 129 -27.13 33.92 3.11
C LEU B 129 -26.88 32.41 3.24
N SER B 130 -25.76 32.06 3.89
CA SER B 130 -25.35 30.69 4.22
C SER B 130 -25.31 30.50 5.74
N LEU B 131 -25.79 29.35 6.24
CA LEU B 131 -25.94 29.12 7.69
C LEU B 131 -25.81 27.65 8.04
N ILE B 132 -24.99 26.91 7.29
CA ILE B 132 -25.02 25.46 7.39
C ILE B 132 -23.95 24.99 8.37
N GLN B 133 -24.20 23.85 9.02
CA GLN B 133 -23.30 23.29 10.02
C GLN B 133 -23.27 24.24 11.21
N ASN B 134 -24.43 24.43 11.84
CA ASN B 134 -24.58 25.22 13.05
C ASN B 134 -25.70 24.56 13.82
N ASN B 135 -26.23 25.19 14.87
CA ASN B 135 -27.23 24.48 15.67
C ASN B 135 -28.58 25.19 15.65
N ILE B 136 -29.00 25.64 14.45
CA ILE B 136 -30.29 26.32 14.31
C ILE B 136 -31.39 25.28 14.16
N TYR B 137 -32.31 25.25 15.13
CA TYR B 137 -33.36 24.25 15.17
C TYR B 137 -34.71 24.92 14.95
N ASN B 138 -34.91 26.08 15.61
CA ASN B 138 -36.04 26.96 15.35
C ASN B 138 -35.79 27.71 14.05
N ILE B 139 -36.76 27.63 13.13
CA ILE B 139 -36.85 28.52 11.98
C ILE B 139 -38.05 29.45 12.18
N THR B 140 -37.75 30.75 12.41
CA THR B 140 -38.73 31.70 12.90
C THR B 140 -38.84 32.91 11.96
N LYS B 141 -40.01 33.56 11.99
CA LYS B 141 -40.27 34.81 11.28
C LYS B 141 -39.38 35.93 11.82
N GLU B 142 -39.23 35.98 13.17
CA GLU B 142 -38.43 36.97 13.87
C GLU B 142 -37.00 37.03 13.34
N GLY B 143 -36.68 36.13 12.40
CA GLY B 143 -35.29 35.93 12.01
C GLY B 143 -35.04 36.38 10.58
N ILE B 144 -35.98 36.05 9.67
CA ILE B 144 -35.74 36.05 8.22
C ILE B 144 -36.86 36.68 7.39
N SER B 145 -37.90 37.24 8.03
CA SER B 145 -39.03 37.78 7.30
C SER B 145 -38.83 39.26 6.99
N ARG B 146 -37.61 39.62 6.58
CA ARG B 146 -37.20 41.01 6.47
C ARG B 146 -36.14 41.13 5.38
N LEU B 147 -35.74 40.00 4.80
CA LEU B 147 -34.60 39.96 3.90
C LEU B 147 -35.04 39.86 2.44
N ILE B 148 -36.32 40.22 2.18
CA ILE B 148 -36.98 40.18 0.87
C ILE B 148 -35.99 39.96 -0.27
N ASN B 149 -34.98 40.83 -0.35
CA ASN B 149 -33.96 40.76 -1.39
C ASN B 149 -33.01 39.56 -1.17
N LEU B 150 -33.51 38.50 -0.49
CA LEU B 150 -32.82 37.23 -0.38
C LEU B 150 -33.13 36.40 -1.63
N LYS B 151 -32.06 35.81 -2.17
CA LYS B 151 -32.02 35.03 -3.39
C LYS B 151 -31.68 33.57 -3.03
N ASN B 152 -30.44 33.32 -2.63
CA ASN B 152 -29.94 31.99 -2.32
C ASN B 152 -29.88 31.84 -0.80
N LEU B 153 -30.58 30.84 -0.24
CA LEU B 153 -30.55 30.60 1.20
C LEU B 153 -30.17 29.15 1.48
N TYR B 154 -29.08 28.97 2.24
CA TYR B 154 -28.54 27.65 2.55
C TYR B 154 -28.67 27.39 4.04
N LEU B 155 -29.08 26.15 4.38
CA LEU B 155 -29.44 25.81 5.74
C LEU B 155 -29.34 24.30 5.97
N ALA B 156 -28.45 23.62 5.23
CA ALA B 156 -28.20 22.20 5.39
C ALA B 156 -27.43 21.94 6.70
N TRP B 157 -27.64 20.76 7.31
CA TRP B 157 -26.83 20.32 8.44
C TRP B 157 -27.13 21.12 9.69
N ASN B 158 -28.40 21.15 10.12
CA ASN B 158 -28.75 21.98 11.27
C ASN B 158 -29.51 21.18 12.34
N CYS B 159 -30.23 20.14 11.92
CA CYS B 159 -30.67 19.14 12.87
C CYS B 159 -30.39 17.76 12.28
N TYR B 160 -29.11 17.39 12.32
CA TYR B 160 -28.63 16.20 11.65
C TYR B 160 -27.94 15.26 12.65
N PHE B 161 -28.75 14.55 13.44
CA PHE B 161 -28.28 13.58 14.42
C PHE B 161 -27.57 14.32 15.57
N ASN B 162 -28.23 15.34 16.12
CA ASN B 162 -27.72 16.11 17.25
C ASN B 162 -28.44 15.67 18.53
N LYS B 163 -29.66 15.15 18.34
CA LYS B 163 -30.48 14.55 19.38
C LYS B 163 -30.77 15.56 20.50
N VAL B 164 -30.38 16.83 20.30
CA VAL B 164 -30.90 17.92 21.10
C VAL B 164 -32.00 18.63 20.29
N CYS B 165 -32.53 17.91 19.29
CA CYS B 165 -33.55 18.35 18.36
C CYS B 165 -34.16 17.15 17.65
N GLU B 166 -35.47 16.97 17.79
CA GLU B 166 -36.17 15.87 17.13
C GLU B 166 -36.50 16.25 15.68
N LYS B 167 -37.00 17.48 15.49
CA LYS B 167 -37.39 18.05 14.20
C LYS B 167 -36.80 19.46 14.08
N THR B 168 -36.33 19.86 12.88
CA THR B 168 -36.03 21.27 12.66
C THR B 168 -37.36 22.00 12.54
N ASN B 169 -37.73 22.72 13.60
CA ASN B 169 -38.99 23.45 13.67
C ASN B 169 -38.92 24.68 12.76
N ILE B 170 -39.91 24.78 11.86
CA ILE B 170 -40.08 25.87 10.92
C ILE B 170 -41.44 26.50 11.20
N GLU B 171 -41.47 27.80 11.49
CA GLU B 171 -42.75 28.42 11.78
C GLU B 171 -43.41 28.81 10.45
N ASP B 172 -44.75 28.72 10.41
CA ASP B 172 -45.54 28.92 9.19
C ASP B 172 -45.17 30.23 8.54
N GLY B 173 -44.97 30.17 7.21
CA GLY B 173 -44.91 31.34 6.35
C GLY B 173 -43.53 31.97 6.30
N VAL B 174 -42.53 31.23 6.78
CA VAL B 174 -41.18 31.77 6.91
C VAL B 174 -40.54 31.83 5.53
N PHE B 175 -41.30 31.51 4.49
CA PHE B 175 -40.75 31.47 3.15
C PHE B 175 -41.67 32.16 2.16
N GLU B 176 -42.89 32.52 2.61
CA GLU B 176 -43.86 33.13 1.71
C GLU B 176 -43.56 34.62 1.53
N THR B 177 -42.67 35.18 2.36
CA THR B 177 -42.43 36.63 2.38
C THR B 177 -41.17 36.99 1.59
N LEU B 178 -40.25 36.04 1.42
CA LEU B 178 -38.98 36.27 0.75
C LEU B 178 -39.15 36.09 -0.74
N THR B 179 -39.73 37.12 -1.35
CA THR B 179 -40.35 37.05 -2.66
C THR B 179 -39.30 36.95 -3.77
N ASN B 180 -38.02 37.12 -3.40
CA ASN B 180 -36.97 37.12 -4.41
C ASN B 180 -36.15 35.85 -4.32
N LEU B 181 -36.64 34.87 -3.55
CA LEU B 181 -35.92 33.63 -3.29
C LEU B 181 -35.90 32.74 -4.53
N GLU B 182 -34.69 32.43 -5.01
CA GLU B 182 -34.47 31.56 -6.16
C GLU B 182 -34.08 30.15 -5.69
N LEU B 183 -33.30 30.05 -4.61
CA LEU B 183 -32.67 28.80 -4.18
C LEU B 183 -32.82 28.60 -2.68
N LEU B 184 -33.17 27.37 -2.29
CA LEU B 184 -33.38 26.93 -0.90
C LEU B 184 -32.77 25.54 -0.75
N SER B 185 -31.83 25.42 0.20
CA SER B 185 -31.05 24.21 0.43
C SER B 185 -31.24 23.78 1.88
N LEU B 186 -32.26 22.93 2.11
CA LEU B 186 -32.59 22.45 3.45
C LEU B 186 -32.12 21.01 3.62
N SER B 187 -31.30 20.55 2.65
CA SER B 187 -30.77 19.21 2.62
C SER B 187 -30.08 18.92 3.96
N PHE B 188 -30.11 17.63 4.36
CA PHE B 188 -29.36 17.17 5.52
C PHE B 188 -29.87 17.79 6.80
N ASN B 189 -31.17 17.72 7.02
CA ASN B 189 -31.85 18.31 8.15
C ASN B 189 -33.04 17.40 8.47
N SER B 190 -33.54 17.48 9.70
CA SER B 190 -34.62 16.59 10.12
C SER B 190 -36.01 17.25 10.04
N LEU B 191 -36.63 17.16 8.86
CA LEU B 191 -38.03 17.54 8.67
C LEU B 191 -38.80 16.24 8.40
N SER B 192 -40.06 16.15 8.85
CA SER B 192 -40.85 14.98 8.53
C SER B 192 -41.87 15.31 7.42
N HIS B 193 -42.29 16.58 7.38
CA HIS B 193 -43.21 17.10 6.37
C HIS B 193 -42.45 18.06 5.45
N VAL B 194 -43.13 18.53 4.39
CA VAL B 194 -42.56 19.48 3.44
C VAL B 194 -43.05 20.89 3.79
N PRO B 195 -42.15 21.88 4.06
CA PRO B 195 -42.57 23.17 4.60
C PRO B 195 -43.67 23.80 3.74
N PRO B 196 -44.89 24.04 4.27
CA PRO B 196 -45.95 24.70 3.50
C PRO B 196 -45.50 26.09 3.05
N LYS B 197 -46.38 26.82 2.36
CA LYS B 197 -46.28 28.26 2.20
C LYS B 197 -44.88 28.70 1.76
N LEU B 198 -44.45 28.22 0.59
CA LEU B 198 -43.17 28.59 -0.02
C LEU B 198 -43.40 29.69 -1.07
N PRO B 199 -42.35 30.34 -1.63
CA PRO B 199 -42.56 31.40 -2.62
C PRO B 199 -42.49 30.76 -4.00
N SER B 200 -43.38 31.22 -4.90
CA SER B 200 -43.59 30.66 -6.24
C SER B 200 -42.40 30.97 -7.13
N SER B 201 -41.59 31.91 -6.64
CA SER B 201 -40.40 32.46 -7.27
C SER B 201 -39.24 31.49 -7.16
N LEU B 202 -39.44 30.38 -6.42
CA LEU B 202 -38.44 29.32 -6.28
C LEU B 202 -38.09 28.68 -7.63
N ARG B 203 -36.82 28.27 -7.72
CA ARG B 203 -36.18 27.74 -8.91
C ARG B 203 -35.41 26.47 -8.56
N LYS B 204 -34.78 26.43 -7.38
CA LYS B 204 -34.07 25.23 -6.94
C LYS B 204 -34.48 24.86 -5.52
N LEU B 205 -34.93 23.60 -5.35
CA LEU B 205 -35.27 23.20 -4.01
C LEU B 205 -34.51 21.93 -3.64
N PHE B 206 -33.44 22.12 -2.84
CA PHE B 206 -32.68 20.99 -2.30
C PHE B 206 -33.28 20.52 -0.96
N LEU B 207 -33.54 19.21 -0.86
CA LEU B 207 -34.21 18.59 0.26
C LEU B 207 -33.74 17.15 0.42
N SER B 208 -32.47 16.89 0.10
CA SER B 208 -31.87 15.58 0.30
C SER B 208 -31.75 15.26 1.79
N ASN B 209 -31.84 13.97 2.13
CA ASN B 209 -31.51 13.53 3.47
C ASN B 209 -32.29 14.37 4.48
N THR B 210 -33.61 14.42 4.32
CA THR B 210 -34.42 15.29 5.15
C THR B 210 -35.46 14.48 5.93
N GLN B 211 -35.56 13.17 5.63
CA GLN B 211 -36.45 12.23 6.29
C GLN B 211 -37.92 12.43 5.89
N ILE B 212 -38.16 12.77 4.61
CA ILE B 212 -39.51 12.82 4.06
C ILE B 212 -39.82 11.51 3.36
N LYS B 213 -40.91 10.86 3.80
CA LYS B 213 -41.32 9.55 3.32
C LYS B 213 -42.67 9.68 2.60
N TYR B 214 -43.39 10.77 2.88
CA TYR B 214 -44.64 11.04 2.18
C TYR B 214 -44.56 12.37 1.43
N ILE B 215 -44.87 12.31 0.12
CA ILE B 215 -44.90 13.48 -0.76
C ILE B 215 -46.31 13.64 -1.32
N SER B 216 -46.93 14.76 -0.93
CA SER B 216 -48.32 15.09 -1.22
C SER B 216 -48.47 15.80 -2.57
N GLU B 217 -49.72 15.97 -2.99
CA GLU B 217 -50.10 16.77 -4.14
C GLU B 217 -49.76 18.24 -3.86
N GLU B 218 -50.11 18.67 -2.63
CA GLU B 218 -50.09 20.05 -2.15
C GLU B 218 -48.66 20.53 -1.93
N ASP B 219 -47.79 19.61 -1.51
CA ASP B 219 -46.43 19.89 -1.08
C ASP B 219 -45.73 20.84 -2.05
N PHE B 220 -46.02 20.69 -3.35
CA PHE B 220 -45.39 21.45 -4.42
C PHE B 220 -46.45 22.17 -5.25
N LYS B 221 -47.39 22.83 -4.56
CA LYS B 221 -48.53 23.49 -5.18
C LYS B 221 -48.12 24.91 -5.54
N GLY B 222 -47.70 25.10 -6.80
CA GLY B 222 -47.55 26.41 -7.39
C GLY B 222 -46.12 26.96 -7.32
N LEU B 223 -45.14 26.10 -7.65
CA LEU B 223 -43.76 26.53 -7.86
C LEU B 223 -43.44 26.35 -9.35
N ILE B 224 -44.27 27.00 -10.18
CA ILE B 224 -44.37 26.76 -11.60
C ILE B 224 -43.06 27.12 -12.31
N ASN B 225 -42.12 27.70 -11.55
CA ASN B 225 -40.86 28.20 -12.09
C ASN B 225 -39.69 27.28 -11.76
N LEU B 226 -39.95 26.33 -10.83
CA LEU B 226 -38.88 25.52 -10.27
C LEU B 226 -38.23 24.66 -11.35
N THR B 227 -36.89 24.71 -11.44
CA THR B 227 -36.10 24.00 -12.42
C THR B 227 -35.50 22.70 -11.84
N LEU B 228 -34.81 22.79 -10.70
CA LEU B 228 -34.20 21.62 -10.06
C LEU B 228 -34.96 21.24 -8.79
N LEU B 229 -35.14 19.91 -8.59
CA LEU B 229 -35.66 19.31 -7.36
C LEU B 229 -34.86 18.05 -6.97
N ASP B 230 -34.58 17.94 -5.66
CA ASP B 230 -33.55 17.06 -5.08
C ASP B 230 -34.11 16.37 -3.84
N LEU B 231 -34.51 15.10 -3.98
CA LEU B 231 -35.28 14.42 -2.95
C LEU B 231 -34.59 13.16 -2.46
N SER B 232 -33.29 13.06 -2.74
CA SER B 232 -32.51 11.89 -2.44
C SER B 232 -32.40 11.68 -0.94
N GLY B 233 -31.77 10.54 -0.55
CA GLY B 233 -31.54 10.10 0.81
C GLY B 233 -32.79 10.06 1.68
N ASN B 234 -33.98 9.93 1.05
CA ASN B 234 -35.22 9.80 1.79
C ASN B 234 -35.72 8.38 1.64
N CYS B 235 -35.62 7.61 2.74
CA CYS B 235 -35.59 6.17 2.67
C CYS B 235 -34.35 5.78 1.86
N PRO B 236 -33.11 5.88 2.43
CA PRO B 236 -31.87 5.66 1.67
C PRO B 236 -31.66 4.23 1.16
N ARG B 237 -30.51 4.01 0.49
CA ARG B 237 -30.10 2.66 0.15
C ARG B 237 -28.60 2.53 0.39
N CYS B 238 -28.21 2.28 1.66
CA CYS B 238 -26.92 2.66 2.22
C CYS B 238 -25.75 1.89 1.63
N PHE B 239 -25.61 1.89 0.30
CA PHE B 239 -24.39 1.42 -0.34
C PHE B 239 -23.33 2.51 -0.23
N ASN B 240 -22.44 2.43 0.76
CA ASN B 240 -21.22 3.22 0.75
C ASN B 240 -21.48 4.68 1.17
N ALA B 241 -22.56 4.90 1.94
CA ALA B 241 -23.00 6.23 2.37
C ALA B 241 -21.87 6.91 3.15
N PRO B 242 -21.31 8.08 2.70
CA PRO B 242 -20.21 8.74 3.41
C PRO B 242 -20.74 9.52 4.62
N PHE B 243 -21.97 9.23 5.04
CA PHE B 243 -22.57 9.91 6.17
C PHE B 243 -23.58 9.01 6.88
N PRO B 244 -23.91 9.32 8.15
CA PRO B 244 -25.03 8.66 8.84
C PRO B 244 -26.21 8.38 7.91
N CYS B 245 -26.64 7.11 7.90
CA CYS B 245 -27.58 6.55 6.95
C CYS B 245 -28.43 5.51 7.69
N VAL B 246 -29.75 5.51 7.48
CA VAL B 246 -30.73 4.74 8.22
C VAL B 246 -31.94 4.44 7.32
N PRO B 247 -32.17 3.17 6.92
CA PRO B 247 -33.24 2.84 5.98
C PRO B 247 -34.64 3.01 6.54
N CYS B 248 -35.64 3.03 5.66
CA CYS B 248 -37.05 3.18 6.01
C CYS B 248 -37.57 1.90 6.68
N ASP B 249 -38.90 1.74 6.75
CA ASP B 249 -39.56 0.56 7.30
C ASP B 249 -39.23 -0.71 6.52
N GLY B 250 -38.02 -1.26 6.76
CA GLY B 250 -37.51 -2.39 6.00
C GLY B 250 -37.08 -1.95 4.61
N GLY B 251 -37.62 -2.62 3.59
CA GLY B 251 -37.45 -2.17 2.21
C GLY B 251 -38.56 -1.22 1.79
N ALA B 252 -38.86 -0.23 2.65
CA ALA B 252 -39.93 0.72 2.37
C ALA B 252 -39.46 1.81 1.42
N SER B 253 -40.40 2.40 0.68
CA SER B 253 -40.11 3.36 -0.37
C SER B 253 -40.62 4.74 0.02
N ILE B 254 -39.87 5.78 -0.35
CA ILE B 254 -40.47 7.10 -0.38
C ILE B 254 -41.76 7.01 -1.21
N ASN B 255 -42.87 7.49 -0.61
CA ASN B 255 -44.21 7.37 -1.16
C ASN B 255 -44.63 8.70 -1.81
N ILE B 256 -44.60 8.72 -3.16
CA ILE B 256 -44.88 9.92 -3.95
C ILE B 256 -46.19 9.75 -4.72
N ASP B 257 -47.16 10.64 -4.41
CA ASP B 257 -48.42 10.78 -5.14
C ASP B 257 -48.13 11.13 -6.60
N ARG B 258 -49.06 10.77 -7.50
CA ARG B 258 -48.91 10.92 -8.94
C ARG B 258 -48.98 12.39 -9.35
N PHE B 259 -49.83 13.15 -8.64
CA PHE B 259 -50.06 14.56 -8.89
C PHE B 259 -49.15 15.44 -8.03
N ALA B 260 -48.01 14.88 -7.62
CA ALA B 260 -47.05 15.60 -6.79
C ALA B 260 -46.37 16.72 -7.60
N PHE B 261 -46.15 16.48 -8.90
CA PHE B 261 -45.36 17.32 -9.79
C PHE B 261 -46.16 17.78 -11.00
N GLN B 262 -47.49 17.85 -10.88
CA GLN B 262 -48.39 18.19 -11.97
C GLN B 262 -48.05 19.58 -12.49
N ASN B 263 -47.70 20.47 -11.54
CA ASN B 263 -47.52 21.89 -11.75
C ASN B 263 -46.12 22.18 -12.29
N LEU B 264 -45.18 21.27 -12.01
CA LEU B 264 -43.75 21.54 -12.10
C LEU B 264 -43.29 21.52 -13.56
N THR B 265 -44.05 22.24 -14.40
CA THR B 265 -43.94 22.17 -15.84
C THR B 265 -42.48 22.45 -16.23
N GLN B 266 -41.99 23.61 -15.77
CA GLN B 266 -40.62 24.06 -15.91
C GLN B 266 -39.80 23.26 -14.92
N LEU B 267 -38.98 22.31 -15.41
CA LEU B 267 -38.11 21.44 -14.61
C LEU B 267 -37.13 20.65 -15.47
N ARG B 268 -35.82 20.89 -15.26
CA ARG B 268 -34.71 20.28 -16.01
C ARG B 268 -34.10 19.09 -15.25
N TYR B 269 -33.84 19.26 -13.95
CA TYR B 269 -33.07 18.29 -13.17
C TYR B 269 -33.96 17.63 -12.12
N LEU B 270 -33.88 16.29 -12.04
CA LEU B 270 -34.50 15.57 -10.93
C LEU B 270 -33.56 14.51 -10.36
N ASN B 271 -33.19 14.70 -9.09
CA ASN B 271 -32.31 13.80 -8.36
C ASN B 271 -33.15 13.05 -7.32
N LEU B 272 -33.54 11.82 -7.67
CA LEU B 272 -34.28 10.97 -6.75
C LEU B 272 -33.44 9.78 -6.27
N SER B 273 -32.14 10.05 -6.00
CA SER B 273 -31.20 9.05 -5.51
C SER B 273 -31.63 8.51 -4.15
N SER B 274 -31.19 7.29 -3.80
CA SER B 274 -31.48 6.72 -2.48
C SER B 274 -32.89 7.06 -2.01
N THR B 275 -33.92 6.62 -2.75
CA THR B 275 -35.26 6.70 -2.19
C THR B 275 -35.85 5.31 -1.99
N SER B 276 -35.14 4.29 -2.49
CA SER B 276 -35.54 2.88 -2.45
C SER B 276 -36.71 2.62 -3.39
N LEU B 277 -36.76 3.37 -4.49
CA LEU B 277 -37.86 3.19 -5.43
C LEU B 277 -37.81 1.78 -6.01
N ARG B 278 -39.00 1.18 -6.11
CA ARG B 278 -39.19 -0.15 -6.68
C ARG B 278 -40.04 -0.01 -7.95
N LYS B 279 -41.16 0.71 -7.82
CA LYS B 279 -42.01 1.13 -8.92
C LYS B 279 -41.93 2.66 -9.13
N ILE B 280 -41.66 3.04 -10.38
CA ILE B 280 -41.68 4.44 -10.81
C ILE B 280 -43.02 4.72 -11.48
N ASN B 281 -43.85 5.52 -10.80
CA ASN B 281 -45.07 6.03 -11.39
C ASN B 281 -44.67 6.88 -12.58
N ALA B 282 -45.32 6.68 -13.74
CA ALA B 282 -44.99 7.43 -14.94
C ALA B 282 -45.94 8.62 -15.15
N ALA B 283 -46.82 8.84 -14.15
CA ALA B 283 -47.74 9.95 -14.09
C ALA B 283 -47.03 11.23 -13.69
N TRP B 284 -45.79 11.10 -13.17
CA TRP B 284 -45.01 12.16 -12.54
C TRP B 284 -44.42 13.12 -13.57
N PHE B 285 -44.03 12.60 -14.75
CA PHE B 285 -43.43 13.42 -15.78
C PHE B 285 -44.48 13.77 -16.82
N LYS B 286 -45.75 13.76 -16.41
CA LYS B 286 -46.84 13.92 -17.36
C LYS B 286 -46.78 15.32 -17.95
N ASN B 287 -46.48 16.31 -17.09
CA ASN B 287 -46.46 17.72 -17.47
C ASN B 287 -45.06 18.29 -17.21
N MET B 288 -44.06 17.85 -17.99
CA MET B 288 -42.65 18.13 -17.70
C MET B 288 -41.82 17.61 -18.87
N PRO B 289 -42.05 18.11 -20.10
CA PRO B 289 -41.38 17.60 -21.30
C PRO B 289 -39.96 18.15 -21.45
N HIS B 290 -39.52 18.79 -20.35
CA HIS B 290 -38.38 19.68 -20.24
C HIS B 290 -37.14 18.92 -19.78
N LEU B 291 -37.37 17.99 -18.85
CA LEU B 291 -36.36 17.34 -18.00
C LEU B 291 -35.13 16.91 -18.80
N LYS B 292 -33.94 17.27 -18.28
CA LYS B 292 -32.68 17.10 -19.00
C LYS B 292 -31.78 16.03 -18.37
N VAL B 293 -31.85 15.87 -17.04
CA VAL B 293 -31.01 14.91 -16.33
C VAL B 293 -31.83 14.22 -15.24
N LEU B 294 -31.84 12.88 -15.29
CA LEU B 294 -32.47 12.08 -14.25
C LEU B 294 -31.42 11.19 -13.59
N ASP B 295 -31.37 11.31 -12.26
CA ASP B 295 -30.53 10.55 -11.34
C ASP B 295 -31.42 9.58 -10.55
N LEU B 296 -31.28 8.29 -10.89
CA LEU B 296 -32.02 7.23 -10.20
C LEU B 296 -31.09 6.10 -9.76
N GLU B 297 -29.98 6.49 -9.13
CA GLU B 297 -28.96 5.55 -8.69
C GLU B 297 -29.23 5.27 -7.22
N PHE B 298 -28.68 4.12 -6.75
CA PHE B 298 -28.93 3.57 -5.41
C PHE B 298 -30.43 3.45 -5.18
N ASN B 299 -31.09 2.59 -5.97
CA ASN B 299 -32.49 2.22 -5.84
C ASN B 299 -32.64 0.71 -6.12
N TYR B 300 -33.86 0.26 -6.44
CA TYR B 300 -34.15 -1.14 -6.76
C TYR B 300 -35.09 -1.22 -7.95
N LEU B 301 -34.54 -1.07 -9.17
CA LEU B 301 -35.34 -0.70 -10.33
C LEU B 301 -34.99 -1.51 -11.57
N VAL B 302 -34.29 -2.64 -11.38
CA VAL B 302 -33.92 -3.62 -12.40
C VAL B 302 -35.13 -4.00 -13.29
N GLY B 303 -36.30 -4.13 -12.64
CA GLY B 303 -37.59 -4.40 -13.25
C GLY B 303 -38.04 -3.27 -14.18
N GLU B 304 -37.82 -2.04 -13.70
CA GLU B 304 -38.23 -0.81 -14.38
C GLU B 304 -37.27 -0.51 -15.52
N ILE B 305 -36.01 -0.93 -15.39
CA ILE B 305 -35.05 -0.81 -16.47
C ILE B 305 -35.50 -1.69 -17.62
N ALA B 306 -35.94 -2.92 -17.28
CA ALA B 306 -36.47 -3.92 -18.21
C ALA B 306 -37.87 -3.56 -18.73
N SER B 307 -38.78 -3.15 -17.83
CA SER B 307 -40.09 -2.66 -18.22
C SER B 307 -40.18 -1.13 -18.15
N GLY B 308 -39.56 -0.44 -19.12
CA GLY B 308 -39.43 1.02 -19.12
C GLY B 308 -40.76 1.76 -19.30
N ALA B 309 -41.53 1.82 -18.21
CA ALA B 309 -42.86 2.42 -18.23
C ALA B 309 -42.75 3.94 -18.35
N PHE B 310 -41.89 4.54 -17.53
CA PHE B 310 -41.63 5.98 -17.55
C PHE B 310 -40.74 6.35 -18.74
N LEU B 311 -40.07 5.35 -19.33
CA LEU B 311 -39.00 5.56 -20.30
C LEU B 311 -39.54 6.16 -21.60
N THR B 312 -40.85 6.45 -21.56
CA THR B 312 -41.63 6.94 -22.69
C THR B 312 -41.77 8.46 -22.64
N MET B 313 -41.55 9.04 -21.44
CA MET B 313 -41.99 10.38 -21.11
C MET B 313 -40.84 11.38 -21.19
N LEU B 314 -39.69 10.95 -21.74
CA LEU B 314 -38.41 11.64 -21.55
C LEU B 314 -37.65 11.79 -22.87
N PRO B 315 -38.15 12.59 -23.85
CA PRO B 315 -37.53 12.67 -25.19
C PRO B 315 -36.43 13.72 -25.27
N ARG B 316 -36.33 14.58 -24.23
CA ARG B 316 -35.39 15.69 -24.14
C ARG B 316 -34.31 15.43 -23.08
N LEU B 317 -34.35 14.26 -22.43
CA LEU B 317 -33.27 13.85 -21.55
C LEU B 317 -31.98 13.73 -22.37
N GLU B 318 -30.86 14.19 -21.79
CA GLU B 318 -29.53 14.04 -22.39
C GLU B 318 -28.61 13.15 -21.53
N ILE B 319 -28.92 13.04 -20.22
CA ILE B 319 -28.12 12.26 -19.29
C ILE B 319 -29.04 11.45 -18.38
N LEU B 320 -28.78 10.14 -18.28
CA LEU B 320 -29.52 9.24 -17.40
C LEU B 320 -28.56 8.38 -16.60
N ASP B 321 -28.91 8.20 -15.33
CA ASP B 321 -28.11 7.49 -14.33
C ASP B 321 -29.02 6.50 -13.59
N LEU B 322 -28.71 5.21 -13.73
CA LEU B 322 -29.48 4.16 -13.06
C LEU B 322 -28.57 3.26 -12.21
N SER B 323 -27.52 3.87 -11.64
CA SER B 323 -26.39 3.11 -11.11
C SER B 323 -26.72 2.52 -9.74
N PHE B 324 -26.21 1.30 -9.48
CA PHE B 324 -26.32 0.71 -8.16
C PHE B 324 -27.80 0.48 -7.85
N ASN B 325 -28.46 -0.20 -8.80
CA ASN B 325 -29.78 -0.81 -8.66
C ASN B 325 -29.68 -2.34 -8.64
N TYR B 326 -28.43 -2.85 -8.66
CA TYR B 326 -28.04 -4.25 -8.49
C TYR B 326 -28.82 -4.88 -7.32
N ILE B 327 -29.20 -6.17 -7.49
CA ILE B 327 -29.92 -6.94 -6.48
C ILE B 327 -28.93 -7.79 -5.73
N LYS B 328 -29.03 -7.80 -4.40
CA LYS B 328 -28.19 -8.66 -3.59
C LYS B 328 -28.49 -10.13 -3.90
N GLY B 329 -27.39 -10.90 -3.99
CA GLY B 329 -27.42 -12.33 -4.21
C GLY B 329 -27.46 -12.68 -5.70
N SER B 330 -27.62 -11.64 -6.53
CA SER B 330 -27.81 -11.82 -7.95
C SER B 330 -26.52 -11.53 -8.72
N TYR B 331 -26.33 -12.21 -9.85
CA TYR B 331 -25.29 -11.98 -10.84
C TYR B 331 -25.86 -12.51 -12.16
N PRO B 332 -26.85 -11.79 -12.77
CA PRO B 332 -27.49 -12.22 -14.01
C PRO B 332 -26.50 -12.47 -15.14
N GLN B 333 -26.99 -13.19 -16.16
CA GLN B 333 -26.20 -13.48 -17.34
C GLN B 333 -26.04 -12.21 -18.17
N HIS B 334 -27.14 -11.44 -18.30
CA HIS B 334 -27.24 -10.34 -19.25
C HIS B 334 -28.13 -9.28 -18.62
N ILE B 335 -28.12 -8.09 -19.22
CA ILE B 335 -28.73 -6.89 -18.64
C ILE B 335 -30.04 -6.57 -19.37
N ASN B 336 -31.14 -6.49 -18.60
CA ASN B 336 -32.46 -6.42 -19.19
C ASN B 336 -32.86 -4.96 -19.31
N ILE B 337 -32.67 -4.46 -20.55
CA ILE B 337 -32.95 -3.12 -21.07
C ILE B 337 -34.24 -3.15 -21.90
N SER B 338 -35.29 -2.48 -21.37
CA SER B 338 -36.53 -2.16 -22.05
C SER B 338 -36.25 -1.60 -23.44
N ARG B 339 -37.21 -1.84 -24.35
CA ARG B 339 -37.29 -1.35 -25.72
C ARG B 339 -37.57 0.16 -25.67
N ASN B 340 -38.29 0.54 -24.62
CA ASN B 340 -38.72 1.90 -24.31
C ASN B 340 -37.53 2.84 -24.08
N PHE B 341 -36.31 2.32 -24.29
CA PHE B 341 -35.09 3.10 -24.23
C PHE B 341 -34.78 3.72 -25.58
N SER B 342 -35.56 3.40 -26.61
CA SER B 342 -35.26 4.00 -27.89
C SER B 342 -36.11 5.27 -28.12
N LYS B 343 -36.96 5.59 -27.12
CA LYS B 343 -37.73 6.82 -27.02
C LYS B 343 -36.87 7.95 -26.44
N LEU B 344 -35.64 7.61 -26.06
CA LEU B 344 -34.68 8.52 -25.45
C LEU B 344 -33.73 9.06 -26.52
N LEU B 345 -34.30 9.84 -27.44
CA LEU B 345 -33.60 10.26 -28.64
C LEU B 345 -32.52 11.29 -28.32
N SER B 346 -32.67 12.00 -27.18
CA SER B 346 -31.84 13.14 -26.81
C SER B 346 -30.63 12.72 -25.99
N LEU B 347 -30.61 11.48 -25.52
CA LEU B 347 -29.60 11.03 -24.57
C LEU B 347 -28.21 11.22 -25.16
N ARG B 348 -27.29 11.67 -24.31
CA ARG B 348 -25.91 11.95 -24.68
C ARG B 348 -24.96 11.10 -23.84
N ALA B 349 -25.30 10.88 -22.57
CA ALA B 349 -24.60 9.91 -21.74
C ALA B 349 -25.58 9.00 -21.01
N LEU B 350 -25.27 7.69 -20.98
CA LEU B 350 -25.99 6.75 -20.13
C LEU B 350 -25.07 6.17 -19.05
N HIS B 351 -25.57 6.15 -17.81
CA HIS B 351 -24.84 5.65 -16.64
C HIS B 351 -25.47 4.40 -16.03
N LEU B 352 -24.80 3.26 -16.23
CA LEU B 352 -25.30 1.95 -15.82
C LEU B 352 -24.34 1.28 -14.84
N ARG B 353 -23.77 2.03 -13.89
CA ARG B 353 -22.79 1.44 -13.00
CA ARG B 353 -22.80 1.49 -12.94
C ARG B 353 -23.51 0.46 -12.05
N GLY B 354 -22.85 -0.68 -11.84
CA GLY B 354 -23.33 -1.73 -10.95
C GLY B 354 -24.80 -2.11 -11.14
N TYR B 355 -25.16 -2.62 -12.33
CA TYR B 355 -26.24 -3.58 -12.44
C TYR B 355 -25.73 -4.92 -11.92
N VAL B 356 -24.53 -5.29 -12.41
CA VAL B 356 -23.84 -6.56 -12.19
C VAL B 356 -24.46 -7.62 -13.10
N PHE B 357 -23.71 -8.00 -14.15
CA PHE B 357 -24.13 -9.01 -15.08
C PHE B 357 -22.87 -9.57 -15.74
N GLN B 358 -23.03 -10.66 -16.48
CA GLN B 358 -21.90 -11.55 -16.76
C GLN B 358 -21.39 -11.27 -18.16
N GLU B 359 -22.36 -11.14 -19.10
CA GLU B 359 -22.13 -10.95 -20.51
C GLU B 359 -23.06 -9.89 -21.10
N LEU B 360 -22.45 -9.04 -21.93
CA LEU B 360 -23.18 -8.09 -22.74
C LEU B 360 -23.07 -8.50 -24.22
N ARG B 361 -24.23 -8.59 -24.89
CA ARG B 361 -24.31 -8.96 -26.29
C ARG B 361 -24.81 -7.78 -27.11
N GLU B 362 -24.81 -7.93 -28.44
CA GLU B 362 -25.37 -6.96 -29.35
C GLU B 362 -26.85 -6.75 -29.04
N ASP B 363 -27.55 -7.86 -28.79
CA ASP B 363 -28.98 -7.88 -28.54
C ASP B 363 -29.42 -6.91 -27.45
N ASP B 364 -28.70 -6.97 -26.32
CA ASP B 364 -29.17 -6.46 -25.05
C ASP B 364 -29.17 -4.93 -25.12
N PHE B 365 -28.23 -4.37 -25.90
CA PHE B 365 -28.11 -2.92 -26.09
C PHE B 365 -28.76 -2.47 -27.40
N GLN B 366 -29.46 -3.39 -28.05
CA GLN B 366 -30.19 -3.07 -29.27
C GLN B 366 -30.91 -1.73 -29.11
N PRO B 367 -31.78 -1.50 -28.08
CA PRO B 367 -32.59 -0.28 -28.00
C PRO B 367 -31.85 1.05 -28.05
N LEU B 368 -30.51 1.05 -27.85
CA LEU B 368 -29.70 2.26 -27.69
C LEU B 368 -28.92 2.57 -28.96
N MET B 369 -28.97 1.65 -29.93
CA MET B 369 -28.10 1.72 -31.10
C MET B 369 -28.65 2.73 -32.10
N GLN B 370 -29.98 2.88 -32.15
CA GLN B 370 -30.62 3.94 -32.90
C GLN B 370 -31.06 5.03 -31.92
N LEU B 371 -30.07 5.59 -31.22
CA LEU B 371 -30.15 6.83 -30.45
C LEU B 371 -29.09 7.80 -30.98
N PRO B 372 -29.47 8.89 -31.68
CA PRO B 372 -28.53 9.70 -32.47
C PRO B 372 -27.42 10.45 -31.73
N ASN B 373 -27.69 10.80 -30.46
CA ASN B 373 -26.97 11.83 -29.71
C ASN B 373 -26.10 11.22 -28.60
N LEU B 374 -26.09 9.89 -28.50
CA LEU B 374 -25.50 9.20 -27.36
C LEU B 374 -24.00 9.01 -27.57
N SER B 375 -23.21 9.62 -26.66
CA SER B 375 -21.76 9.83 -26.82
C SER B 375 -20.95 9.33 -25.62
N THR B 376 -21.61 9.10 -24.47
CA THR B 376 -20.98 8.44 -23.32
C THR B 376 -21.83 7.26 -22.86
N ILE B 377 -21.18 6.09 -22.78
CA ILE B 377 -21.74 4.96 -22.08
C ILE B 377 -20.86 4.63 -20.87
N ASN B 378 -21.53 4.57 -19.72
CA ASN B 378 -20.89 4.30 -18.44
C ASN B 378 -21.36 2.94 -17.91
N LEU B 379 -20.43 1.96 -17.93
CA LEU B 379 -20.69 0.56 -17.55
C LEU B 379 -19.73 0.07 -16.46
N GLY B 380 -19.13 0.97 -15.67
CA GLY B 380 -18.11 0.58 -14.73
C GLY B 380 -18.72 -0.12 -13.51
N ILE B 381 -17.92 -1.01 -12.88
CA ILE B 381 -18.31 -1.78 -11.72
C ILE B 381 -19.55 -2.62 -12.06
N ASN B 382 -19.50 -3.42 -13.14
CA ASN B 382 -20.60 -4.29 -13.47
C ASN B 382 -20.08 -5.73 -13.49
N PHE B 383 -18.79 -5.85 -13.18
CA PHE B 383 -18.08 -7.10 -13.01
C PHE B 383 -18.40 -8.01 -14.19
N ILE B 384 -18.25 -7.49 -15.42
CA ILE B 384 -18.59 -8.25 -16.62
C ILE B 384 -17.34 -8.93 -17.15
N LYS B 385 -17.50 -10.21 -17.58
CA LYS B 385 -16.40 -11.08 -17.99
C LYS B 385 -16.24 -11.13 -19.51
N GLN B 386 -17.33 -10.91 -20.26
CA GLN B 386 -17.24 -10.88 -21.72
C GLN B 386 -18.28 -9.95 -22.33
N ILE B 387 -17.81 -9.18 -23.34
CA ILE B 387 -18.59 -8.24 -24.17
C ILE B 387 -18.19 -8.46 -25.65
N ASP B 388 -19.16 -8.35 -26.58
CA ASP B 388 -18.86 -8.28 -28.00
C ASP B 388 -18.32 -6.89 -28.38
N PHE B 389 -17.04 -6.82 -28.75
CA PHE B 389 -16.45 -5.51 -29.03
C PHE B 389 -17.00 -4.93 -30.34
N LYS B 390 -17.67 -5.76 -31.14
CA LYS B 390 -18.28 -5.35 -32.41
C LYS B 390 -19.46 -4.40 -32.15
N LEU B 391 -20.32 -4.77 -31.17
CA LEU B 391 -21.57 -4.09 -30.89
C LEU B 391 -21.42 -2.57 -30.74
N PHE B 392 -20.19 -2.09 -30.45
CA PHE B 392 -19.90 -0.67 -30.24
C PHE B 392 -19.70 0.10 -31.55
N GLN B 393 -19.63 -0.62 -32.67
CA GLN B 393 -19.51 0.02 -33.97
C GLN B 393 -20.86 0.55 -34.47
N ASN B 394 -21.99 0.05 -33.93
CA ASN B 394 -23.32 0.49 -34.34
C ASN B 394 -23.80 1.67 -33.51
N PHE B 395 -22.89 2.61 -33.24
CA PHE B 395 -23.29 3.86 -32.62
C PHE B 395 -22.89 4.97 -33.57
N SER B 396 -23.71 6.04 -33.61
CA SER B 396 -23.61 7.10 -34.61
C SER B 396 -22.67 8.23 -34.16
N ASN B 397 -22.46 8.36 -32.84
CA ASN B 397 -21.40 9.21 -32.27
C ASN B 397 -21.18 8.90 -30.79
N LEU B 398 -20.17 8.06 -30.54
CA LEU B 398 -19.71 7.71 -29.21
C LEU B 398 -18.23 8.07 -29.12
N GLU B 399 -17.82 8.72 -28.03
CA GLU B 399 -16.41 8.96 -27.79
C GLU B 399 -16.04 8.74 -26.31
N ILE B 400 -17.01 8.30 -25.49
CA ILE B 400 -16.69 7.82 -24.15
C ILE B 400 -17.28 6.42 -23.94
N ILE B 401 -16.39 5.43 -23.76
CA ILE B 401 -16.70 4.08 -23.31
C ILE B 401 -15.98 3.79 -22.00
N TYR B 402 -16.74 3.81 -20.90
CA TYR B 402 -16.19 3.52 -19.58
C TYR B 402 -16.57 2.11 -19.11
N LEU B 403 -15.57 1.21 -19.07
CA LEU B 403 -15.71 -0.21 -18.75
C LEU B 403 -14.79 -0.60 -17.58
N SER B 404 -14.36 0.40 -16.80
CA SER B 404 -13.50 0.15 -15.66
C SER B 404 -14.19 -0.78 -14.67
N GLU B 405 -13.42 -1.69 -14.04
CA GLU B 405 -13.96 -2.49 -12.96
C GLU B 405 -14.98 -3.52 -13.47
N ASN B 406 -14.50 -4.33 -14.43
CA ASN B 406 -15.18 -5.50 -14.98
C ASN B 406 -14.08 -6.57 -15.14
N ARG B 407 -14.47 -7.79 -15.58
CA ARG B 407 -13.55 -8.93 -15.50
C ARG B 407 -13.07 -9.37 -16.87
N ILE B 408 -12.86 -8.40 -17.78
CA ILE B 408 -12.41 -8.71 -19.12
C ILE B 408 -11.03 -9.38 -19.04
N SER B 409 -10.87 -10.51 -19.76
CA SER B 409 -9.67 -11.32 -19.71
C SER B 409 -8.97 -11.20 -21.06
N PRO B 410 -7.76 -11.80 -21.26
CA PRO B 410 -7.13 -11.80 -22.60
C PRO B 410 -7.92 -12.65 -23.59
N LEU B 411 -8.25 -12.06 -24.75
CA LEU B 411 -9.14 -12.61 -25.76
C LEU B 411 -8.36 -13.43 -26.79
N VAL B 412 -8.69 -14.74 -26.91
CA VAL B 412 -8.02 -15.64 -27.84
C VAL B 412 -8.98 -16.12 -28.93
N LYS B 413 -8.41 -16.65 -30.05
CA LYS B 413 -9.12 -17.32 -31.14
C LYS B 413 -10.10 -16.42 -31.89
N ASP B 414 -11.34 -16.36 -31.36
CA ASP B 414 -12.58 -15.98 -32.04
C ASP B 414 -12.40 -14.73 -32.91
N THR B 415 -12.49 -14.91 -34.24
CA THR B 415 -12.44 -13.81 -35.21
C THR B 415 -13.67 -12.92 -35.01
N PHE B 439 -14.56 15.25 3.02
CA PHE B 439 -15.97 15.61 3.27
C PHE B 439 -16.21 17.09 2.98
N ASP B 440 -17.37 17.36 2.34
CA ASP B 440 -17.72 18.64 1.72
C ASP B 440 -19.22 18.60 1.39
N PRO B 441 -20.10 19.38 2.06
CA PRO B 441 -21.54 19.35 1.79
C PRO B 441 -21.92 19.95 0.42
N HIS B 442 -21.10 20.92 -0.01
CA HIS B 442 -21.24 21.60 -1.30
C HIS B 442 -21.12 20.61 -2.46
N SER B 443 -21.26 19.30 -2.20
CA SER B 443 -20.93 18.34 -3.25
C SER B 443 -22.08 17.37 -3.56
N ASN B 444 -21.91 16.65 -4.69
CA ASN B 444 -22.83 15.67 -5.22
C ASN B 444 -22.40 14.30 -4.70
N PHE B 445 -23.18 13.79 -3.74
CA PHE B 445 -22.88 12.54 -3.08
C PHE B 445 -23.22 11.35 -3.98
N TYR B 446 -24.33 11.41 -4.72
CA TYR B 446 -24.89 10.24 -5.40
C TYR B 446 -24.37 10.07 -6.83
N HIS B 447 -23.55 11.03 -7.29
CA HIS B 447 -23.10 11.02 -8.67
C HIS B 447 -21.77 11.77 -8.77
N PHE B 448 -20.68 11.06 -9.05
CA PHE B 448 -19.37 11.72 -9.05
C PHE B 448 -19.21 12.50 -10.37
N THR B 449 -18.78 13.77 -10.22
CA THR B 449 -18.78 14.81 -11.26
C THR B 449 -17.42 14.94 -11.96
N ARG B 450 -16.37 14.38 -11.33
CA ARG B 450 -15.09 14.19 -12.00
C ARG B 450 -15.32 13.56 -13.38
N PRO B 451 -14.54 13.91 -14.42
CA PRO B 451 -14.61 13.15 -15.67
C PRO B 451 -14.21 11.69 -15.51
N LEU B 452 -14.87 10.80 -16.28
CA LEU B 452 -14.62 9.37 -16.29
C LEU B 452 -13.22 9.09 -16.81
N ILE B 453 -12.95 9.60 -18.01
CA ILE B 453 -11.64 9.66 -18.64
C ILE B 453 -10.98 10.99 -18.29
N LYS B 454 -9.66 11.05 -18.47
CA LYS B 454 -8.94 12.31 -18.42
C LYS B 454 -9.24 13.14 -19.68
N PRO B 455 -9.68 14.43 -19.57
CA PRO B 455 -9.75 15.36 -20.71
C PRO B 455 -8.51 15.37 -21.61
N GLN B 456 -7.31 15.42 -20.99
CA GLN B 456 -6.02 15.37 -21.68
C GLN B 456 -5.88 14.12 -22.55
N CYS B 457 -6.86 13.19 -22.45
CA CYS B 457 -6.89 11.95 -23.21
C CYS B 457 -8.13 11.95 -24.10
N ALA B 458 -9.28 12.26 -23.48
CA ALA B 458 -10.59 12.30 -24.15
C ALA B 458 -10.57 13.36 -25.23
N ALA B 459 -9.47 14.13 -25.28
CA ALA B 459 -9.12 15.04 -26.36
C ALA B 459 -9.05 14.28 -27.68
N TYR B 460 -8.09 13.35 -27.76
CA TYR B 460 -7.49 12.83 -28.99
C TYR B 460 -8.49 12.07 -29.87
N GLY B 461 -9.61 11.62 -29.30
CA GLY B 461 -10.62 10.92 -30.08
C GLY B 461 -11.47 10.00 -29.23
N LYS B 462 -11.76 8.81 -29.79
CA LYS B 462 -12.57 7.82 -29.08
C LYS B 462 -11.77 7.31 -27.90
N ALA B 463 -12.39 7.40 -26.72
CA ALA B 463 -11.78 6.97 -25.47
C ALA B 463 -12.42 5.66 -25.01
N LEU B 464 -11.55 4.71 -24.65
CA LEU B 464 -11.89 3.42 -24.10
C LEU B 464 -11.16 3.24 -22.78
N ASP B 465 -11.91 2.93 -21.71
CA ASP B 465 -11.34 2.65 -20.40
C ASP B 465 -11.55 1.17 -20.04
N LEU B 466 -10.45 0.41 -20.05
CA LEU B 466 -10.41 -1.00 -19.65
C LEU B 466 -9.55 -1.18 -18.38
N SER B 467 -9.64 -0.18 -17.50
CA SER B 467 -8.79 -0.21 -16.33
C SER B 467 -9.44 -1.06 -15.24
N LEU B 468 -8.58 -1.72 -14.46
CA LEU B 468 -9.02 -2.55 -13.34
C LEU B 468 -9.86 -3.68 -13.92
N ASN B 469 -9.26 -4.43 -14.87
CA ASN B 469 -9.84 -5.60 -15.51
C ASN B 469 -8.83 -6.74 -15.42
N SER B 470 -9.14 -7.91 -16.01
CA SER B 470 -8.33 -9.11 -15.81
C SER B 470 -7.37 -9.40 -16.98
N ILE B 471 -6.92 -8.37 -17.69
CA ILE B 471 -6.13 -8.61 -18.88
C ILE B 471 -4.66 -8.75 -18.52
N PHE B 472 -4.28 -9.93 -18.03
CA PHE B 472 -2.96 -10.12 -17.46
C PHE B 472 -1.87 -10.18 -18.54
N PHE B 473 -2.29 -10.44 -19.78
CA PHE B 473 -1.48 -10.26 -20.99
C PHE B 473 -2.48 -9.87 -22.08
N ILE B 474 -1.96 -9.53 -23.28
CA ILE B 474 -2.78 -9.03 -24.37
C ILE B 474 -3.10 -10.19 -25.32
N GLY B 475 -4.34 -10.69 -25.25
CA GLY B 475 -4.84 -11.67 -26.19
C GLY B 475 -4.74 -11.16 -27.63
N PRO B 476 -4.36 -12.01 -28.60
CA PRO B 476 -4.13 -11.56 -29.98
C PRO B 476 -5.42 -11.19 -30.71
N ASN B 477 -6.54 -11.26 -30.00
CA ASN B 477 -7.87 -10.98 -30.52
C ASN B 477 -8.50 -9.84 -29.72
N GLN B 478 -7.67 -9.26 -28.82
CA GLN B 478 -8.05 -8.33 -27.78
C GLN B 478 -8.71 -7.08 -28.33
N PHE B 479 -8.30 -6.65 -29.54
CA PHE B 479 -8.68 -5.35 -30.06
C PHE B 479 -9.50 -5.44 -31.34
N GLU B 480 -9.74 -6.67 -31.84
CA GLU B 480 -10.45 -6.84 -33.10
C GLU B 480 -11.93 -6.47 -32.95
N ASN B 481 -12.47 -5.77 -33.95
CA ASN B 481 -13.86 -5.33 -33.99
C ASN B 481 -14.06 -4.03 -33.20
N LEU B 482 -12.96 -3.38 -32.80
CA LEU B 482 -13.01 -2.16 -32.02
C LEU B 482 -13.09 -0.96 -32.97
N PRO B 483 -13.95 0.06 -32.71
CA PRO B 483 -13.91 1.31 -33.49
C PRO B 483 -12.48 1.85 -33.54
N ASP B 484 -12.30 3.01 -34.19
CA ASP B 484 -10.99 3.63 -34.27
C ASP B 484 -10.68 4.32 -32.94
N ILE B 485 -9.68 3.80 -32.21
CA ILE B 485 -9.49 4.24 -30.84
C ILE B 485 -8.34 5.26 -30.80
N ALA B 486 -8.56 6.37 -30.09
CA ALA B 486 -7.57 7.44 -29.99
C ALA B 486 -6.94 7.42 -28.59
N CYS B 487 -7.83 7.32 -27.60
CA CYS B 487 -7.54 7.27 -26.19
C CYS B 487 -7.86 5.86 -25.66
N LEU B 488 -6.87 5.25 -24.98
CA LEU B 488 -6.98 3.90 -24.44
C LEU B 488 -6.32 3.88 -23.06
N ASN B 489 -7.12 3.49 -22.04
CA ASN B 489 -6.71 3.21 -20.67
C ASN B 489 -6.71 1.70 -20.41
N LEU B 490 -5.52 1.16 -20.10
CA LEU B 490 -5.27 -0.21 -19.64
C LEU B 490 -4.68 -0.24 -18.23
N SER B 491 -5.25 0.57 -17.32
CA SER B 491 -4.52 0.81 -16.10
C SER B 491 -4.85 -0.27 -15.07
N ALA B 492 -3.80 -0.95 -14.56
CA ALA B 492 -3.93 -1.86 -13.43
C ALA B 492 -4.63 -3.16 -13.86
N ASN B 493 -4.00 -3.88 -14.82
CA ASN B 493 -4.48 -5.15 -15.33
C ASN B 493 -3.39 -6.20 -15.05
N SER B 494 -2.42 -5.79 -14.23
CA SER B 494 -1.24 -6.57 -13.89
C SER B 494 -0.71 -7.27 -15.12
N ASN B 495 -0.65 -6.50 -16.20
CA ASN B 495 -0.38 -7.00 -17.54
C ASN B 495 1.11 -7.24 -17.71
N ALA B 496 1.49 -8.51 -17.89
CA ALA B 496 2.86 -8.96 -17.89
C ALA B 496 3.38 -9.20 -19.31
N GLN B 497 2.54 -8.87 -20.31
CA GLN B 497 2.83 -8.95 -21.73
C GLN B 497 4.27 -8.53 -22.06
N VAL B 498 5.04 -9.44 -22.68
CA VAL B 498 6.20 -9.00 -23.45
C VAL B 498 5.69 -8.28 -24.69
N LEU B 499 6.17 -7.04 -24.89
CA LEU B 499 5.82 -6.22 -26.04
C LEU B 499 6.91 -6.38 -27.08
N SER B 500 6.44 -6.62 -28.32
CA SER B 500 7.20 -6.91 -29.51
C SER B 500 6.63 -6.15 -30.73
N GLY B 501 5.62 -5.30 -30.47
CA GLY B 501 5.07 -4.39 -31.47
C GLY B 501 3.96 -5.01 -32.34
N THR B 502 3.38 -6.12 -31.87
CA THR B 502 2.29 -6.77 -32.60
C THR B 502 0.91 -6.31 -32.09
N GLU B 503 0.84 -5.85 -30.83
CA GLU B 503 -0.32 -6.05 -29.97
C GLU B 503 -1.44 -5.02 -30.15
N PHE B 504 -1.13 -3.79 -30.59
CA PHE B 504 -2.20 -2.81 -30.77
C PHE B 504 -2.39 -2.60 -32.28
N SER B 505 -2.31 -3.72 -33.02
CA SER B 505 -2.34 -3.61 -34.48
C SER B 505 -3.73 -3.25 -34.97
N ALA B 506 -4.77 -3.83 -34.35
CA ALA B 506 -6.18 -3.54 -34.66
C ALA B 506 -6.53 -2.07 -34.43
N ILE B 507 -5.62 -1.31 -33.81
CA ILE B 507 -5.94 0.05 -33.41
C ILE B 507 -4.65 0.87 -33.42
N PRO B 508 -4.08 1.20 -34.62
CA PRO B 508 -2.73 1.75 -34.71
C PRO B 508 -2.83 3.26 -34.54
N HIS B 509 -4.09 3.73 -34.48
CA HIS B 509 -4.44 5.13 -34.56
C HIS B 509 -4.69 5.70 -33.17
N VAL B 510 -3.97 5.17 -32.19
CA VAL B 510 -4.08 5.61 -30.81
C VAL B 510 -3.06 6.73 -30.63
N LYS B 511 -3.45 7.70 -29.80
CA LYS B 511 -2.68 8.89 -29.51
C LYS B 511 -2.30 8.86 -28.03
N TYR B 512 -3.33 8.86 -27.17
CA TYR B 512 -3.15 8.80 -25.74
C TYR B 512 -3.34 7.36 -25.28
N LEU B 513 -2.24 6.75 -24.82
CA LEU B 513 -2.25 5.42 -24.24
C LEU B 513 -1.59 5.43 -22.84
N ASP B 514 -2.39 4.96 -21.85
CA ASP B 514 -2.13 4.94 -20.43
C ASP B 514 -1.99 3.49 -19.98
N LEU B 515 -0.75 3.05 -19.71
CA LEU B 515 -0.45 1.70 -19.25
C LEU B 515 0.08 1.71 -17.82
N THR B 516 -0.59 2.46 -16.92
CA THR B 516 -0.05 2.64 -15.57
C THR B 516 -0.41 1.44 -14.69
N ASN B 517 0.56 0.99 -13.88
CA ASN B 517 0.31 -0.14 -13.00
C ASN B 517 0.11 -1.43 -13.79
N ASN B 518 1.22 -2.03 -14.22
CA ASN B 518 1.25 -3.15 -15.11
C ASN B 518 2.67 -3.69 -15.01
N ARG B 519 2.92 -4.84 -15.63
CA ARG B 519 4.20 -5.53 -15.48
CA ARG B 519 4.19 -5.54 -15.48
C ARG B 519 4.79 -5.72 -16.88
N LEU B 520 4.61 -4.69 -17.71
CA LEU B 520 4.95 -4.78 -19.11
C LEU B 520 6.46 -4.91 -19.31
N ASP B 521 6.81 -5.65 -20.37
CA ASP B 521 8.16 -5.78 -20.90
C ASP B 521 8.22 -4.94 -22.17
N PHE B 522 9.32 -4.19 -22.35
CA PHE B 522 9.59 -3.45 -23.58
C PHE B 522 11.12 -3.35 -23.79
N ASP B 523 11.84 -4.42 -23.43
CA ASP B 523 13.24 -4.65 -23.78
C ASP B 523 13.39 -4.89 -25.30
N ASN B 524 12.35 -5.45 -25.94
CA ASN B 524 12.32 -5.60 -27.38
C ASN B 524 11.99 -4.25 -28.03
N ALA B 525 12.79 -3.88 -29.03
CA ALA B 525 12.83 -2.53 -29.57
C ALA B 525 11.62 -2.24 -30.46
N SER B 526 10.88 -3.28 -30.86
CA SER B 526 9.71 -3.15 -31.71
C SER B 526 8.49 -2.71 -30.89
N ALA B 527 8.71 -2.48 -29.59
CA ALA B 527 7.67 -2.40 -28.58
C ALA B 527 6.78 -1.18 -28.79
N LEU B 528 5.49 -1.42 -29.08
CA LEU B 528 4.45 -0.41 -29.18
C LEU B 528 4.57 0.41 -30.46
N THR B 529 5.44 0.00 -31.39
CA THR B 529 5.87 0.84 -32.51
C THR B 529 4.80 0.93 -33.61
N GLU B 530 3.89 -0.05 -33.65
CA GLU B 530 2.64 -0.04 -34.38
C GLU B 530 1.84 1.25 -34.18
N LEU B 531 2.18 2.01 -33.13
CA LEU B 531 1.35 3.12 -32.70
C LEU B 531 1.93 4.42 -33.23
N SER B 532 2.00 4.50 -34.56
CA SER B 532 2.79 5.52 -35.22
C SER B 532 2.26 6.91 -34.88
N ASP B 533 1.00 6.99 -34.40
CA ASP B 533 0.34 8.27 -34.19
C ASP B 533 0.41 8.71 -32.72
N LEU B 534 1.15 7.93 -31.91
CA LEU B 534 1.11 8.05 -30.46
C LEU B 534 1.88 9.29 -30.01
N GLU B 535 1.24 10.02 -29.09
CA GLU B 535 1.74 11.28 -28.54
C GLU B 535 2.00 11.14 -27.04
N VAL B 536 1.09 10.48 -26.29
CA VAL B 536 1.21 10.37 -24.84
C VAL B 536 1.37 8.91 -24.43
N LEU B 537 2.57 8.55 -23.97
CA LEU B 537 2.77 7.24 -23.36
C LEU B 537 2.97 7.36 -21.84
N ASP B 538 2.01 6.82 -21.06
CA ASP B 538 2.05 6.80 -19.60
C ASP B 538 2.42 5.40 -19.11
N LEU B 539 3.66 5.23 -18.65
CA LEU B 539 4.17 3.92 -18.26
C LEU B 539 4.55 3.91 -16.79
N SER B 540 3.81 4.67 -15.97
CA SER B 540 4.17 4.86 -14.58
C SER B 540 4.01 3.53 -13.84
N TYR B 541 5.02 3.14 -13.06
CA TYR B 541 4.96 1.95 -12.22
C TYR B 541 4.81 0.71 -13.09
N ASN B 542 5.94 0.17 -13.57
CA ASN B 542 5.99 -1.03 -14.39
C ASN B 542 7.28 -1.80 -14.06
N SER B 543 7.10 -3.04 -13.58
CA SER B 543 8.19 -3.99 -13.44
C SER B 543 7.82 -5.29 -14.17
N HIS B 544 8.56 -5.61 -15.24
CA HIS B 544 8.25 -6.82 -15.99
C HIS B 544 8.92 -8.04 -15.35
N TYR B 545 8.66 -9.23 -15.91
CA TYR B 545 9.11 -10.46 -15.32
C TYR B 545 10.16 -11.15 -16.18
N PHE B 546 10.84 -10.38 -17.05
CA PHE B 546 11.73 -11.02 -18.01
C PHE B 546 13.05 -10.29 -18.09
N ARG B 547 13.70 -10.10 -16.92
CA ARG B 547 15.01 -9.49 -16.89
C ARG B 547 16.02 -10.46 -17.48
N ILE B 548 16.68 -10.01 -18.55
CA ILE B 548 17.84 -10.67 -19.13
C ILE B 548 19.02 -9.70 -19.00
N ALA B 549 20.23 -10.24 -18.84
CA ALA B 549 21.44 -9.50 -18.53
C ALA B 549 22.13 -9.07 -19.83
N GLY B 550 22.27 -7.75 -19.98
CA GLY B 550 22.73 -7.11 -21.19
C GLY B 550 21.57 -6.74 -22.13
N VAL B 551 20.34 -6.96 -21.65
CA VAL B 551 19.10 -6.60 -22.33
C VAL B 551 18.24 -5.81 -21.35
N THR B 552 18.76 -5.69 -20.11
CA THR B 552 18.08 -5.28 -18.89
C THR B 552 16.94 -4.30 -19.17
N HIS B 553 17.28 -3.02 -19.35
CA HIS B 553 16.36 -2.04 -19.90
C HIS B 553 16.78 -1.63 -21.30
N HIS B 554 15.80 -1.58 -22.19
CA HIS B 554 16.09 -1.23 -23.56
C HIS B 554 15.05 -0.25 -24.10
N LEU B 555 15.46 1.03 -24.14
CA LEU B 555 14.58 2.13 -24.47
C LEU B 555 14.69 2.47 -25.97
N GLU B 556 15.49 1.69 -26.72
CA GLU B 556 15.75 1.98 -28.13
C GLU B 556 14.44 2.20 -28.88
N PHE B 557 13.33 1.77 -28.28
CA PHE B 557 12.05 1.67 -28.96
C PHE B 557 11.37 3.04 -29.03
N ILE B 558 11.93 4.01 -28.28
CA ILE B 558 11.44 5.39 -28.24
C ILE B 558 11.75 6.10 -29.56
N GLN B 559 12.83 5.67 -30.23
CA GLN B 559 13.45 6.39 -31.33
C GLN B 559 12.62 6.32 -32.61
N ASN B 560 11.78 5.29 -32.77
CA ASN B 560 10.98 5.21 -34.00
C ASN B 560 9.58 5.81 -33.80
N PHE B 561 9.45 6.72 -32.84
CA PHE B 561 8.26 7.56 -32.74
C PHE B 561 8.57 8.92 -33.34
N THR B 562 7.65 9.37 -34.20
CA THR B 562 7.88 10.60 -34.95
C THR B 562 7.00 11.69 -34.33
N ASN B 563 6.21 11.27 -33.33
CA ASN B 563 5.11 12.10 -32.88
C ASN B 563 4.89 12.03 -31.36
N LEU B 564 5.78 11.34 -30.62
CA LEU B 564 5.58 11.11 -29.20
C LEU B 564 6.07 12.29 -28.39
N LYS B 565 5.19 12.85 -27.53
CA LYS B 565 5.43 14.14 -26.89
C LYS B 565 5.69 13.99 -25.39
N VAL B 566 4.73 13.35 -24.70
CA VAL B 566 4.77 13.10 -23.26
C VAL B 566 5.15 11.63 -23.03
N LEU B 567 6.27 11.42 -22.33
CA LEU B 567 6.67 10.08 -21.93
C LEU B 567 6.95 10.01 -20.43
N ASN B 568 6.09 9.27 -19.70
CA ASN B 568 6.20 9.11 -18.26
C ASN B 568 6.72 7.70 -17.94
N LEU B 569 7.89 7.64 -17.28
CA LEU B 569 8.54 6.41 -16.83
C LEU B 569 8.77 6.45 -15.31
N SER B 570 7.88 7.13 -14.58
CA SER B 570 8.07 7.20 -13.14
C SER B 570 7.92 5.79 -12.55
N HIS B 571 8.73 5.52 -11.53
CA HIS B 571 8.61 4.31 -10.74
C HIS B 571 8.64 3.08 -11.65
N ASN B 572 9.64 3.01 -12.53
CA ASN B 572 9.89 1.79 -13.30
C ASN B 572 11.16 1.13 -12.80
N ASN B 573 11.77 1.72 -11.78
CA ASN B 573 12.98 1.22 -11.14
C ASN B 573 13.96 0.68 -12.20
N ILE B 574 14.43 1.61 -13.04
CA ILE B 574 15.48 1.42 -14.02
C ILE B 574 16.80 1.85 -13.37
N TYR B 575 17.77 0.93 -13.37
CA TYR B 575 19.10 1.13 -12.79
C TYR B 575 20.14 0.66 -13.79
N THR B 576 19.74 0.61 -15.06
CA THR B 576 20.41 -0.23 -16.03
C THR B 576 19.80 0.03 -17.41
N LEU B 577 20.67 0.36 -18.37
CA LEU B 577 20.27 0.43 -19.77
C LEU B 577 21.18 -0.48 -20.59
N THR B 578 20.64 -1.02 -21.69
CA THR B 578 21.44 -1.74 -22.66
C THR B 578 21.29 -1.07 -24.02
N ASP B 579 20.23 -0.29 -24.17
CA ASP B 579 20.20 0.80 -25.12
C ASP B 579 21.24 1.81 -24.65
N LYS B 580 21.93 2.46 -25.60
CA LYS B 580 23.00 3.40 -25.29
C LYS B 580 22.43 4.64 -24.57
N TYR B 581 23.23 5.71 -24.49
CA TYR B 581 22.77 6.95 -23.86
C TYR B 581 22.08 7.87 -24.88
N ASN B 582 22.40 7.67 -26.17
CA ASN B 582 21.78 8.39 -27.26
C ASN B 582 20.35 7.89 -27.44
N LEU B 583 19.38 8.77 -27.19
CA LEU B 583 17.97 8.42 -27.36
C LEU B 583 17.32 9.35 -28.38
N GLU B 584 18.10 9.69 -29.42
CA GLU B 584 17.75 10.69 -30.43
C GLU B 584 16.26 10.64 -30.76
N SER B 585 15.52 11.64 -30.25
CA SER B 585 14.13 11.87 -30.63
C SER B 585 13.77 13.35 -30.57
N LYS B 586 13.33 13.89 -31.71
CA LYS B 586 12.93 15.28 -31.81
C LYS B 586 11.43 15.42 -31.53
N SER B 587 10.77 14.30 -31.25
CA SER B 587 9.34 14.34 -30.98
C SER B 587 9.11 14.76 -29.51
N LEU B 588 10.06 14.40 -28.65
CA LEU B 588 9.80 14.43 -27.23
C LEU B 588 9.99 15.81 -26.62
N VAL B 589 8.95 16.23 -25.87
CA VAL B 589 8.76 17.52 -25.21
C VAL B 589 8.94 17.42 -23.68
N GLU B 590 8.40 16.35 -23.06
CA GLU B 590 8.26 16.22 -21.61
C GLU B 590 8.57 14.78 -21.18
N LEU B 591 9.57 14.60 -20.32
CA LEU B 591 9.87 13.26 -19.85
C LEU B 591 9.91 13.28 -18.33
N VAL B 592 9.08 12.42 -17.70
CA VAL B 592 9.08 12.20 -16.27
C VAL B 592 9.93 10.96 -16.03
N PHE B 593 10.84 11.03 -15.05
CA PHE B 593 11.80 9.97 -14.81
C PHE B 593 11.99 9.78 -13.29
N SER B 594 10.99 10.23 -12.52
CA SER B 594 10.83 9.94 -11.10
C SER B 594 10.97 8.44 -10.82
N GLY B 595 11.14 8.11 -9.53
CA GLY B 595 11.26 6.76 -9.04
C GLY B 595 12.09 5.85 -9.94
N ASN B 596 13.30 6.28 -10.30
CA ASN B 596 14.21 5.37 -10.97
C ASN B 596 15.51 5.37 -10.20
N ARG B 597 16.63 5.07 -10.85
CA ARG B 597 17.90 4.90 -10.17
C ARG B 597 19.04 5.58 -10.94
N LEU B 598 18.87 6.89 -11.12
CA LEU B 598 19.82 7.71 -11.87
C LEU B 598 21.21 7.64 -11.23
N ASP B 599 21.27 7.68 -9.89
CA ASP B 599 22.51 7.51 -9.16
C ASP B 599 23.33 6.36 -9.77
N ILE B 600 22.76 5.14 -9.74
CA ILE B 600 23.43 3.88 -10.09
C ILE B 600 24.04 3.93 -11.49
N LEU B 601 23.39 4.70 -12.39
CA LEU B 601 23.82 4.88 -13.76
C LEU B 601 25.05 5.78 -13.81
N TRP B 602 25.01 6.84 -12.98
CA TRP B 602 25.98 7.91 -13.04
C TRP B 602 27.22 7.61 -12.20
N ASN B 603 27.21 6.45 -11.51
CA ASN B 603 28.41 5.95 -10.84
C ASN B 603 29.05 4.83 -11.68
N ASP B 604 28.50 4.65 -12.90
CA ASP B 604 28.97 3.67 -13.87
C ASP B 604 30.48 3.84 -14.08
N ASP B 605 31.25 2.83 -13.65
CA ASP B 605 32.70 2.93 -13.46
C ASP B 605 33.43 3.20 -14.78
N ASP B 606 32.83 2.79 -15.90
CA ASP B 606 33.44 2.94 -17.22
C ASP B 606 32.82 4.17 -17.90
N ASN B 607 31.94 4.86 -17.15
CA ASN B 607 31.35 6.15 -17.44
C ASN B 607 30.37 6.14 -18.61
N ARG B 608 29.83 4.96 -18.95
CA ARG B 608 29.01 4.73 -20.12
C ARG B 608 27.79 5.67 -20.17
N TYR B 609 27.39 6.23 -19.02
CA TYR B 609 26.10 6.89 -18.92
C TYR B 609 26.25 8.36 -18.52
N ILE B 610 26.50 9.24 -19.51
CA ILE B 610 26.76 10.65 -19.26
C ILE B 610 25.71 11.50 -19.99
N SER B 611 25.54 11.23 -21.29
CA SER B 611 24.63 11.98 -22.13
C SER B 611 23.29 11.25 -22.28
N ILE B 612 22.89 10.49 -21.24
CA ILE B 612 21.75 9.59 -21.36
C ILE B 612 20.50 10.34 -21.79
N PHE B 613 20.60 11.66 -21.99
CA PHE B 613 19.40 12.44 -22.31
C PHE B 613 19.67 13.45 -23.42
N LYS B 614 20.92 13.50 -23.93
CA LYS B 614 21.34 14.49 -24.92
C LYS B 614 20.43 14.49 -26.15
N GLY B 615 20.17 13.28 -26.68
CA GLY B 615 19.55 13.04 -27.97
C GLY B 615 18.14 13.63 -28.11
N LEU B 616 17.53 13.97 -26.97
CA LEU B 616 16.12 14.31 -26.88
C LEU B 616 15.93 15.81 -27.06
N LYS B 617 16.61 16.36 -28.08
CA LYS B 617 16.93 17.77 -28.28
C LYS B 617 15.75 18.69 -27.93
N ASN B 618 14.51 18.24 -28.19
CA ASN B 618 13.32 19.09 -28.09
C ASN B 618 12.69 19.03 -26.69
N LEU B 619 13.48 18.63 -25.69
CA LEU B 619 12.91 18.50 -24.36
C LEU B 619 12.93 19.84 -23.64
N THR B 620 11.76 20.19 -23.08
CA THR B 620 11.58 21.42 -22.32
C THR B 620 11.39 21.09 -20.84
N ARG B 621 10.60 20.04 -20.52
CA ARG B 621 10.32 19.64 -19.15
C ARG B 621 10.96 18.29 -18.82
N LEU B 622 11.66 18.25 -17.69
CA LEU B 622 12.32 17.02 -17.27
C LEU B 622 12.22 16.93 -15.75
N ASP B 623 12.18 15.67 -15.26
CA ASP B 623 11.83 15.34 -13.88
C ASP B 623 12.74 14.21 -13.41
N LEU B 624 13.57 14.52 -12.40
CA LEU B 624 14.65 13.67 -11.92
C LEU B 624 14.46 13.42 -10.42
N SER B 625 13.28 13.79 -9.90
CA SER B 625 12.96 13.64 -8.48
C SER B 625 12.89 12.16 -8.09
N LEU B 626 13.24 11.85 -6.83
CA LEU B 626 13.16 10.50 -6.28
C LEU B 626 14.00 9.53 -7.11
N ASN B 627 15.28 9.87 -7.34
CA ASN B 627 16.23 9.00 -8.00
C ASN B 627 17.43 8.76 -7.09
N ARG B 628 17.25 9.16 -5.82
CA ARG B 628 18.22 9.02 -4.74
C ARG B 628 19.58 9.59 -5.16
N LEU B 629 19.61 10.88 -5.55
CA LEU B 629 20.80 11.50 -6.11
C LEU B 629 21.59 12.23 -5.03
N LYS B 630 22.92 12.00 -4.99
CA LYS B 630 23.81 12.68 -4.06
C LYS B 630 24.69 13.68 -4.82
N HIS B 631 25.49 13.17 -5.77
CA HIS B 631 26.35 13.98 -6.62
C HIS B 631 26.13 13.66 -8.10
N ILE B 632 25.35 14.51 -8.79
CA ILE B 632 25.24 14.54 -10.25
C ILE B 632 26.61 14.95 -10.82
N PRO B 633 27.42 14.04 -11.42
CA PRO B 633 28.73 14.44 -11.96
C PRO B 633 28.61 15.64 -12.90
N ASN B 634 29.63 16.52 -12.91
CA ASN B 634 29.58 17.82 -13.57
C ASN B 634 29.27 17.68 -15.06
N GLU B 635 29.88 16.67 -15.72
CA GLU B 635 29.84 16.44 -17.16
C GLU B 635 28.49 15.86 -17.58
N ALA B 636 27.84 15.15 -16.66
CA ALA B 636 26.51 14.59 -16.83
C ALA B 636 25.45 15.69 -16.88
N PHE B 637 25.51 16.64 -15.91
CA PHE B 637 24.56 17.74 -15.84
C PHE B 637 24.67 18.64 -17.07
N LEU B 638 25.88 18.75 -17.60
CA LEU B 638 26.13 19.63 -18.74
C LEU B 638 25.63 19.02 -20.05
N ASN B 639 25.22 17.74 -19.99
CA ASN B 639 24.75 16.99 -21.15
C ASN B 639 23.23 16.76 -21.08
N LEU B 640 22.50 17.84 -20.75
CA LEU B 640 21.04 17.88 -20.68
C LEU B 640 20.51 18.75 -21.83
N PRO B 641 19.26 18.52 -22.32
CA PRO B 641 18.72 19.30 -23.43
C PRO B 641 18.79 20.79 -23.11
N ALA B 642 19.63 21.50 -23.88
CA ALA B 642 19.85 22.93 -23.70
C ALA B 642 18.54 23.69 -23.83
N SER B 643 17.46 22.94 -24.16
CA SER B 643 16.14 23.47 -24.49
C SER B 643 15.19 23.53 -23.30
N LEU B 644 15.64 23.06 -22.11
CA LEU B 644 14.81 22.87 -20.92
C LEU B 644 14.19 24.18 -20.42
N THR B 645 12.88 24.12 -20.13
CA THR B 645 12.06 25.18 -19.58
C THR B 645 11.78 24.97 -18.09
N GLU B 646 11.49 23.72 -17.70
CA GLU B 646 11.36 23.38 -16.29
C GLU B 646 12.32 22.22 -15.99
N LEU B 647 12.90 22.24 -14.79
CA LEU B 647 13.71 21.11 -14.38
C LEU B 647 13.53 20.86 -12.88
N HIS B 648 13.04 19.65 -12.54
CA HIS B 648 12.79 19.23 -11.16
C HIS B 648 13.80 18.16 -10.76
N ILE B 649 14.66 18.49 -9.78
CA ILE B 649 15.52 17.49 -9.16
C ILE B 649 15.24 17.43 -7.65
N ASN B 650 13.96 17.52 -7.31
CA ASN B 650 13.59 17.56 -5.91
C ASN B 650 13.56 16.13 -5.34
N ASP B 651 13.05 16.01 -4.11
CA ASP B 651 13.01 14.81 -3.30
C ASP B 651 14.11 13.83 -3.68
N ASN B 652 15.34 14.35 -3.74
CA ASN B 652 16.56 13.57 -3.85
C ASN B 652 17.37 13.76 -2.56
N MET B 653 18.65 13.39 -2.56
CA MET B 653 19.48 13.51 -1.36
C MET B 653 20.62 14.51 -1.56
N LEU B 654 20.39 15.53 -2.41
CA LEU B 654 21.45 16.32 -2.99
C LEU B 654 22.17 17.10 -1.91
N LYS B 655 23.50 17.10 -1.97
CA LYS B 655 24.29 17.84 -1.01
C LYS B 655 24.84 19.12 -1.65
N PHE B 656 25.49 18.97 -2.81
CA PHE B 656 26.28 20.04 -3.39
C PHE B 656 25.85 20.29 -4.82
N PHE B 657 25.36 21.52 -5.05
CA PHE B 657 24.96 21.95 -6.38
C PHE B 657 26.00 22.93 -6.95
N ASN B 658 26.61 22.53 -8.08
CA ASN B 658 27.52 23.36 -8.85
C ASN B 658 26.72 24.34 -9.71
N TRP B 659 26.28 25.45 -9.09
CA TRP B 659 25.39 26.44 -9.68
C TRP B 659 25.95 26.96 -10.99
N THR B 660 27.29 27.00 -11.09
CA THR B 660 28.03 27.65 -12.17
C THR B 660 27.63 27.10 -13.54
N LEU B 661 26.88 25.99 -13.55
CA LEU B 661 26.53 25.23 -14.75
C LEU B 661 25.16 25.62 -15.30
N LEU B 662 24.56 26.69 -14.79
CA LEU B 662 23.22 27.09 -15.21
C LEU B 662 23.26 27.93 -16.48
N GLN B 663 24.47 28.17 -16.99
CA GLN B 663 24.73 29.04 -18.12
C GLN B 663 24.42 28.36 -19.45
N GLN B 664 24.27 27.02 -19.44
CA GLN B 664 23.91 26.31 -20.66
C GLN B 664 22.39 26.27 -20.84
N PHE B 665 21.64 26.76 -19.83
CA PHE B 665 20.20 26.52 -19.78
C PHE B 665 19.45 27.85 -19.81
N PRO B 666 19.43 28.52 -20.97
CA PRO B 666 18.97 29.90 -21.06
C PRO B 666 17.50 30.09 -21.42
N ARG B 667 16.71 29.01 -21.29
CA ARG B 667 15.27 29.10 -21.42
C ARG B 667 14.59 28.71 -20.11
N LEU B 668 15.39 28.10 -19.24
CA LEU B 668 14.99 27.61 -17.93
C LEU B 668 14.21 28.68 -17.17
N GLU B 669 12.93 28.43 -16.89
CA GLU B 669 12.10 29.33 -16.11
C GLU B 669 11.87 28.83 -14.68
N LEU B 670 11.91 27.50 -14.47
CA LEU B 670 11.67 26.94 -13.15
C LEU B 670 12.74 25.92 -12.78
N LEU B 671 13.30 26.05 -11.57
CA LEU B 671 14.19 25.03 -11.02
C LEU B 671 13.75 24.64 -9.60
N ASP B 672 13.35 23.37 -9.46
CA ASP B 672 12.75 22.83 -8.25
C ASP B 672 13.74 21.90 -7.56
N LEU B 673 14.39 22.41 -6.50
CA LEU B 673 15.42 21.69 -5.78
C LEU B 673 14.98 21.34 -4.35
N ARG B 674 13.66 21.40 -4.14
CA ARG B 674 12.99 21.11 -2.88
C ARG B 674 13.39 19.72 -2.35
N GLY B 675 13.25 19.54 -1.03
CA GLY B 675 13.58 18.31 -0.34
C GLY B 675 14.98 17.84 -0.68
N ASN B 676 15.98 18.65 -0.37
CA ASN B 676 17.34 18.22 -0.60
C ASN B 676 18.14 18.53 0.67
N LYS B 677 19.43 18.15 0.66
CA LYS B 677 20.33 18.47 1.76
C LYS B 677 21.34 19.54 1.29
N LEU B 678 20.83 20.67 0.78
CA LEU B 678 21.69 21.74 0.30
C LEU B 678 22.00 22.71 1.44
N LEU B 679 23.25 23.14 1.50
CA LEU B 679 23.77 23.98 2.55
C LEU B 679 23.78 25.44 2.08
N PHE B 680 24.41 25.64 0.91
CA PHE B 680 24.94 26.92 0.42
C PHE B 680 24.20 27.41 -0.83
N LEU B 681 24.21 28.74 -1.05
CA LEU B 681 23.72 29.33 -2.28
C LEU B 681 24.85 30.13 -2.93
N THR B 682 24.94 30.08 -4.28
CA THR B 682 25.91 30.91 -5.02
C THR B 682 25.76 32.38 -4.59
N ASP B 683 26.91 33.00 -4.25
CA ASP B 683 26.96 34.41 -3.88
C ASP B 683 26.73 35.27 -5.12
N SER B 684 27.04 34.70 -6.30
CA SER B 684 26.98 35.40 -7.57
C SER B 684 26.07 34.66 -8.54
N LEU B 685 24.75 34.80 -8.35
CA LEU B 685 23.78 34.20 -9.26
C LEU B 685 23.76 34.96 -10.59
N SER B 686 24.20 36.23 -10.53
CA SER B 686 24.30 37.14 -11.68
C SER B 686 24.92 36.43 -12.87
N ASP B 687 26.15 35.94 -12.67
CA ASP B 687 27.00 35.36 -13.68
C ASP B 687 26.26 34.27 -14.46
N PHE B 688 25.22 33.67 -13.84
CA PHE B 688 24.84 32.29 -14.13
C PHE B 688 23.54 32.14 -14.93
N THR B 689 22.47 32.82 -14.52
CA THR B 689 21.22 32.79 -15.29
C THR B 689 20.53 34.16 -15.30
N SER B 690 19.70 34.37 -16.34
CA SER B 690 18.89 35.57 -16.53
C SER B 690 17.57 35.22 -17.23
N SER B 691 17.14 33.96 -17.08
CA SER B 691 15.94 33.39 -17.70
C SER B 691 14.94 32.90 -16.66
N LEU B 692 15.47 32.53 -15.47
CA LEU B 692 14.77 31.86 -14.38
C LEU B 692 13.72 32.73 -13.72
N ARG B 693 12.54 32.15 -13.52
CA ARG B 693 11.40 32.89 -13.02
C ARG B 693 11.03 32.37 -11.63
N THR B 694 11.12 31.04 -11.44
CA THR B 694 10.71 30.37 -10.20
C THR B 694 11.81 29.44 -9.71
N LEU B 695 12.16 29.59 -8.42
CA LEU B 695 13.26 28.87 -7.77
C LEU B 695 12.85 28.39 -6.38
N LEU B 696 12.28 27.17 -6.35
CA LEU B 696 11.81 26.53 -5.12
C LEU B 696 12.97 25.74 -4.47
N LEU B 697 13.39 26.17 -3.27
CA LEU B 697 14.53 25.59 -2.54
C LEU B 697 14.15 24.97 -1.18
N SER B 698 12.88 25.14 -0.79
CA SER B 698 12.39 24.80 0.53
C SER B 698 12.68 23.34 0.88
N HIS B 699 12.63 23.05 2.20
CA HIS B 699 13.04 21.78 2.76
C HIS B 699 14.47 21.47 2.35
N ASN B 700 15.36 22.39 2.74
CA ASN B 700 16.80 22.22 2.64
C ASN B 700 17.46 22.71 3.93
N ARG B 701 18.79 22.58 4.00
CA ARG B 701 19.56 22.86 5.20
C ARG B 701 20.41 24.13 5.01
N ILE B 702 19.75 25.21 4.56
CA ILE B 702 20.38 26.48 4.24
C ILE B 702 20.34 27.34 5.50
N SER B 703 21.53 27.66 6.01
CA SER B 703 21.67 28.50 7.19
C SER B 703 21.97 29.95 6.79
N HIS B 704 22.80 30.11 5.75
CA HIS B 704 23.30 31.42 5.34
C HIS B 704 22.78 31.75 3.95
N LEU B 705 22.04 32.87 3.88
CA LEU B 705 21.52 33.50 2.66
C LEU B 705 22.55 34.54 2.21
N PRO B 706 23.37 34.30 1.14
CA PRO B 706 24.44 35.21 0.75
C PRO B 706 24.08 36.62 0.28
N SER B 707 25.13 37.46 0.09
CA SER B 707 25.05 38.91 0.00
C SER B 707 24.65 39.41 -1.38
N GLY B 708 25.14 38.74 -2.42
CA GLY B 708 24.77 39.03 -3.80
C GLY B 708 23.56 38.21 -4.30
N PHE B 709 22.46 38.26 -3.54
CA PHE B 709 21.13 38.00 -4.09
C PHE B 709 20.74 39.20 -4.96
N LEU B 710 20.00 38.95 -6.05
CA LEU B 710 19.59 39.97 -7.01
C LEU B 710 20.84 40.69 -7.52
N SER B 711 21.80 39.91 -8.03
CA SER B 711 23.01 40.46 -8.63
C SER B 711 22.90 40.42 -10.15
N GLU B 712 22.13 39.45 -10.68
CA GLU B 712 21.60 39.47 -12.05
C GLU B 712 20.11 39.76 -11.98
N VAL B 713 19.62 40.49 -12.99
CA VAL B 713 18.20 40.58 -13.35
C VAL B 713 17.65 39.15 -13.29
N SER B 714 17.41 38.71 -12.05
CA SER B 714 17.24 37.31 -11.68
C SER B 714 15.92 36.76 -12.22
N SER B 715 15.06 37.66 -12.73
CA SER B 715 13.75 37.38 -13.31
C SER B 715 12.85 36.60 -12.36
N LEU B 716 13.23 36.58 -11.07
CA LEU B 716 12.56 35.80 -10.05
C LEU B 716 11.35 36.56 -9.52
N LYS B 717 10.15 36.08 -9.83
CA LYS B 717 8.94 36.58 -9.21
C LYS B 717 8.65 35.72 -7.99
N HIS B 718 9.26 34.52 -7.96
CA HIS B 718 8.86 33.47 -7.03
C HIS B 718 10.09 32.75 -6.46
N LEU B 719 10.34 33.01 -5.16
CA LEU B 719 11.49 32.50 -4.43
C LEU B 719 11.05 31.81 -3.16
N ASP B 720 11.49 30.56 -2.97
CA ASP B 720 10.96 29.70 -1.92
C ASP B 720 12.08 29.17 -1.03
N LEU B 721 12.09 29.62 0.23
CA LEU B 721 13.17 29.36 1.16
C LEU B 721 12.66 28.80 2.49
N SER B 722 11.32 28.78 2.62
CA SER B 722 10.63 28.24 3.77
C SER B 722 11.14 26.83 4.07
N SER B 723 11.11 26.47 5.36
CA SER B 723 11.58 25.20 5.90
C SER B 723 13.05 24.96 5.54
N ASN B 724 13.88 25.97 5.81
CA ASN B 724 15.33 25.79 5.89
C ASN B 724 15.77 26.18 7.30
N LEU B 725 17.05 26.48 7.45
CA LEU B 725 17.69 26.66 8.75
C LEU B 725 18.17 28.10 8.88
N LEU B 726 17.30 29.09 8.63
CA LEU B 726 17.73 30.49 8.68
C LEU B 726 17.49 31.10 10.06
N LYS B 727 18.58 31.51 10.72
CA LYS B 727 18.51 32.32 11.93
C LYS B 727 18.12 33.76 11.56
N THR B 728 18.76 34.31 10.52
CA THR B 728 18.56 35.70 10.19
C THR B 728 18.76 35.94 8.69
N ILE B 729 18.20 37.06 8.19
CA ILE B 729 18.51 37.58 6.86
C ILE B 729 19.23 38.93 6.99
N ASN B 730 20.47 39.00 6.49
CA ASN B 730 21.35 40.16 6.68
C ASN B 730 20.87 41.33 5.83
N LYS B 731 21.51 42.50 6.00
CA LYS B 731 21.09 43.67 5.25
C LYS B 731 21.53 43.54 3.78
N SER B 732 22.78 43.10 3.58
CA SER B 732 23.40 43.00 2.26
C SER B 732 22.52 42.25 1.25
N ALA B 733 21.86 41.17 1.70
CA ALA B 733 20.86 40.56 0.85
C ALA B 733 19.56 41.39 0.99
N THR B 740 12.53 46.52 -9.33
CA THR B 740 12.11 45.53 -8.30
C THR B 740 11.27 44.43 -8.94
N LYS B 741 11.88 43.24 -9.12
CA LYS B 741 11.21 42.13 -9.79
C LYS B 741 11.19 40.87 -8.93
N LEU B 742 10.10 40.72 -8.16
CA LEU B 742 9.72 39.63 -7.28
C LEU B 742 8.31 39.93 -6.80
N SER B 743 7.44 38.94 -6.78
CA SER B 743 6.16 39.14 -6.12
C SER B 743 5.95 38.06 -5.07
N MET B 744 6.83 37.05 -5.03
CA MET B 744 6.61 36.03 -4.03
C MET B 744 7.90 35.58 -3.35
N LEU B 745 7.77 35.49 -2.02
CA LEU B 745 8.82 35.01 -1.17
C LEU B 745 8.21 34.14 -0.08
N GLU B 746 8.78 32.94 0.08
CA GLU B 746 8.34 31.94 1.05
C GLU B 746 9.45 31.73 2.09
N LEU B 747 9.12 31.98 3.36
CA LEU B 747 10.10 31.92 4.43
C LEU B 747 9.58 31.15 5.65
N HIS B 748 8.25 31.00 5.74
CA HIS B 748 7.54 30.31 6.81
C HIS B 748 8.39 29.17 7.39
N GLY B 749 8.36 29.03 8.71
CA GLY B 749 8.99 27.91 9.40
C GLY B 749 10.51 27.88 9.22
N ASN B 750 11.17 28.99 9.55
CA ASN B 750 12.62 29.04 9.64
C ASN B 750 12.95 29.53 11.04
N PRO B 751 14.02 29.00 11.70
CA PRO B 751 14.35 29.37 13.08
C PRO B 751 14.80 30.83 13.22
N PHE B 752 13.81 31.73 13.28
CA PHE B 752 14.16 33.15 13.27
C PHE B 752 14.63 33.59 14.64
N GLU B 753 15.62 34.50 14.61
CA GLU B 753 16.33 34.98 15.79
C GLU B 753 16.03 36.47 15.90
N CYS B 754 15.05 36.79 16.75
CA CYS B 754 14.43 38.10 16.81
C CYS B 754 15.07 38.91 17.93
N THR B 755 16.08 39.70 17.58
CA THR B 755 17.00 40.24 18.57
C THR B 755 17.23 41.75 18.36
N CYS B 756 16.57 42.30 17.33
CA CYS B 756 16.78 43.64 16.78
C CYS B 756 17.69 43.48 15.56
N ASP B 757 18.58 42.49 15.66
CA ASP B 757 19.45 42.07 14.58
C ASP B 757 18.58 41.69 13.38
N ILE B 758 17.32 41.33 13.66
CA ILE B 758 16.35 40.90 12.66
C ILE B 758 15.72 42.13 12.00
N GLY B 759 15.73 43.26 12.70
CA GLY B 759 14.94 44.44 12.33
C GLY B 759 15.24 45.03 10.95
N ASP B 760 16.41 44.74 10.36
CA ASP B 760 16.78 45.24 9.03
C ASP B 760 15.82 44.67 7.98
N PHE B 761 15.40 43.43 8.24
CA PHE B 761 14.58 42.63 7.34
C PHE B 761 13.17 43.19 7.31
N ARG B 762 12.65 43.54 8.50
CA ARG B 762 11.32 44.12 8.64
C ARG B 762 11.26 45.53 8.06
N ARG B 763 12.41 46.18 7.88
CA ARG B 763 12.37 47.46 7.17
C ARG B 763 12.27 47.21 5.66
N TRP B 764 12.86 46.09 5.22
CA TRP B 764 12.81 45.70 3.81
C TRP B 764 11.42 45.19 3.42
N MET B 765 10.77 44.47 4.36
CA MET B 765 9.42 43.96 4.22
C MET B 765 8.41 45.11 4.15
N ASP B 766 8.91 46.36 4.16
CA ASP B 766 8.07 47.54 4.29
C ASP B 766 8.42 48.55 3.21
N GLU B 767 9.73 48.67 2.87
CA GLU B 767 10.14 49.44 1.71
C GLU B 767 9.54 48.78 0.47
N HIS B 768 9.69 47.44 0.41
CA HIS B 768 9.22 46.57 -0.66
C HIS B 768 7.96 45.84 -0.19
N LEU B 769 6.77 46.39 -0.51
CA LEU B 769 5.51 46.07 0.14
C LEU B 769 4.59 45.30 -0.81
N ASN B 770 5.00 45.18 -2.08
CA ASN B 770 4.20 44.58 -3.13
C ASN B 770 4.46 43.07 -3.23
N VAL B 771 5.62 42.63 -2.73
CA VAL B 771 6.15 41.28 -2.81
C VAL B 771 5.53 40.40 -1.71
N LYS B 772 4.51 39.61 -2.06
CA LYS B 772 3.66 38.91 -1.09
C LYS B 772 4.31 37.66 -0.49
N ILE B 773 4.07 37.48 0.82
CA ILE B 773 4.64 36.40 1.58
C ILE B 773 3.50 35.52 2.09
N PRO B 774 3.41 34.25 1.60
CA PRO B 774 2.30 33.34 1.95
C PRO B 774 2.45 32.73 3.34
N ARG B 775 1.33 32.78 4.11
CA ARG B 775 1.32 32.59 5.55
C ARG B 775 2.49 33.35 6.16
N LEU B 776 2.26 34.66 6.36
CA LEU B 776 3.20 35.52 7.04
C LEU B 776 3.22 35.14 8.52
N VAL B 777 2.01 34.90 9.04
CA VAL B 777 1.72 34.56 10.42
C VAL B 777 2.36 33.23 10.83
N ASP B 778 3.09 32.57 9.91
CA ASP B 778 3.72 31.27 10.19
C ASP B 778 5.24 31.38 10.06
N VAL B 779 5.74 32.59 9.82
CA VAL B 779 7.14 32.91 9.98
C VAL B 779 7.33 33.43 11.42
N ILE B 780 8.12 32.70 12.22
CA ILE B 780 8.04 32.80 13.67
C ILE B 780 9.44 32.98 14.26
N CYS B 781 9.53 33.33 15.56
CA CYS B 781 10.77 33.34 16.31
C CYS B 781 11.02 31.98 16.97
N ALA B 782 12.20 31.42 16.75
CA ALA B 782 12.67 30.28 17.53
C ALA B 782 13.21 30.82 18.84
N SER B 783 13.86 32.00 18.77
CA SER B 783 14.64 32.60 19.84
C SER B 783 14.57 34.13 19.82
N PRO B 784 14.80 34.79 20.98
CA PRO B 784 15.03 34.10 22.26
C PRO B 784 13.76 33.63 22.96
N GLY B 785 13.93 33.12 24.20
CA GLY B 785 12.86 32.63 25.05
C GLY B 785 11.61 33.52 25.05
N ASP B 786 11.82 34.84 25.22
CA ASP B 786 10.78 35.86 25.36
C ASP B 786 9.99 36.00 24.05
N GLN B 787 10.43 35.26 23.02
CA GLN B 787 10.10 35.56 21.64
C GLN B 787 9.51 34.33 20.95
N ARG B 788 10.07 33.16 21.28
CA ARG B 788 9.72 31.84 20.77
C ARG B 788 8.19 31.71 20.65
N GLY B 789 7.65 31.82 19.43
CA GLY B 789 6.23 31.63 19.21
C GLY B 789 5.54 32.79 18.46
N LYS B 790 6.00 34.02 18.73
CA LYS B 790 5.39 35.20 18.14
C LYS B 790 5.86 35.33 16.70
N SER B 791 5.05 35.96 15.86
CA SER B 791 5.39 36.14 14.46
C SER B 791 6.36 37.32 14.31
N ILE B 792 7.25 37.21 13.32
CA ILE B 792 8.25 38.21 12.95
C ILE B 792 7.63 39.59 12.79
N VAL B 793 6.32 39.62 12.48
CA VAL B 793 5.63 40.82 12.03
C VAL B 793 4.92 41.54 13.18
N SER B 794 4.35 40.78 14.13
CA SER B 794 3.66 41.32 15.29
C SER B 794 4.68 41.51 16.42
N LEU B 795 5.92 41.79 16.01
CA LEU B 795 7.07 41.84 16.88
C LEU B 795 7.41 43.30 17.14
N GLU B 796 7.28 43.71 18.41
CA GLU B 796 7.80 44.98 18.88
C GLU B 796 9.33 44.95 18.80
N LEU B 797 9.87 45.73 17.84
CA LEU B 797 11.28 45.73 17.48
C LEU B 797 12.05 46.76 18.32
N THR B 798 13.39 46.72 18.19
CA THR B 798 14.37 47.43 19.02
C THR B 798 13.79 47.89 20.36
N THR B 799 13.75 46.97 21.34
CA THR B 799 13.41 47.29 22.73
C THR B 799 14.32 46.52 23.69
#